data_5XPI
# 
_entry.id   5XPI 
# 
_audit_conform.dict_name       mmcif_pdbx.dic 
_audit_conform.dict_version    5.380 
_audit_conform.dict_location   http://mmcif.pdb.org/dictionaries/ascii/mmcif_pdbx.dic 
# 
loop_
_database_2.database_id 
_database_2.database_code 
_database_2.pdbx_database_accession 
_database_2.pdbx_DOI 
PDB   5XPI         pdb_00005xpi 10.2210/pdb5xpi/pdb 
WWPDB D_1300003884 ?            ?                   
# 
_pdbx_database_status.status_code                     REL 
_pdbx_database_status.status_code_sf                  REL 
_pdbx_database_status.status_code_mr                  ? 
_pdbx_database_status.entry_id                        5XPI 
_pdbx_database_status.recvd_initial_deposition_date   2017-06-02 
_pdbx_database_status.SG_entry                        N 
_pdbx_database_status.deposit_site                    PDBJ 
_pdbx_database_status.process_site                    PDBJ 
_pdbx_database_status.status_code_cs                  ? 
_pdbx_database_status.methods_development_category    ? 
_pdbx_database_status.pdb_format_compatible           Y 
_pdbx_database_status.status_code_nmr_data            ? 
# 
loop_
_audit_author.name 
_audit_author.pdbx_ordinal 
_audit_author.identifier_ORCID 
'Luo, X.'  1 ? 
'Zhao, K.' 2 ? 
# 
_citation.abstract                  ? 
_citation.abstract_id_CAS           ? 
_citation.book_id_ISBN              ? 
_citation.book_publisher            ? 
_citation.book_publisher_city       ? 
_citation.book_title                ? 
_citation.coordinate_linkage        ? 
_citation.country                   US 
_citation.database_id_Medline       ? 
_citation.details                   ? 
_citation.id                        primary 
_citation.journal_abbrev            'SLAS Discov' 
_citation.journal_id_ASTM           ? 
_citation.journal_id_CSD            ? 
_citation.journal_id_ISSN           2472-5560 
_citation.journal_full              ? 
_citation.journal_issue             ? 
_citation.journal_volume            23 
_citation.language                  ? 
_citation.page_first                930 
_citation.page_last                 940 
_citation.title                     'Discovery of Small-Molecule Antagonists of the H3K9me3 Binding to UHRF1 Tandem Tudor Domain' 
_citation.year                      2018 
_citation.database_id_CSD           ? 
_citation.pdbx_database_id_DOI      10.1177/2472555218766278 
_citation.pdbx_database_id_PubMed   29562800 
_citation.unpublished_flag          ? 
# 
loop_
_citation_author.citation_id 
_citation_author.name 
_citation_author.ordinal 
_citation_author.identifier_ORCID 
primary 'Senisterra, G.'     1  ? 
primary 'Zhu, H.Y.'          2  ? 
primary 'Luo, X.'            3  ? 
primary 'Zhang, H.'          4  ? 
primary 'Xun, G.'            5  ? 
primary 'Lu, C.'             6  ? 
primary 'Xiao, W.'           7  ? 
primary 'Hajian, T.'         8  ? 
primary 'Loppnau, P.'        9  ? 
primary 'Chau, I.'           10 ? 
primary 'Li, F.'             11 ? 
primary 'Allali-Hassani, A.' 12 ? 
primary 'Atadja, P.'         13 ? 
primary 'Oyang, C.'          14 ? 
primary 'Li, E.'             15 ? 
primary 'Brown, P.J.'        16 ? 
primary 'Arrowsmith, C.H.'   17 ? 
primary 'Zhao, K.'           18 ? 
primary 'Yu, Z.'             19 ? 
primary 'Vedadi, M.'         20 ? 
# 
_cell.angle_alpha                  90.000 
_cell.angle_alpha_esd              ? 
_cell.angle_beta                   90.000 
_cell.angle_beta_esd               ? 
_cell.angle_gamma                  120.000 
_cell.angle_gamma_esd              ? 
_cell.entry_id                     5XPI 
_cell.details                      ? 
_cell.formula_units_Z              ? 
_cell.length_a                     99.001 
_cell.length_a_esd                 ? 
_cell.length_b                     99.001 
_cell.length_b_esd                 ? 
_cell.length_c                     41.315 
_cell.length_c_esd                 ? 
_cell.volume                       ? 
_cell.volume_esd                   ? 
_cell.Z_PDB                        6 
_cell.reciprocal_angle_alpha       ? 
_cell.reciprocal_angle_beta        ? 
_cell.reciprocal_angle_gamma       ? 
_cell.reciprocal_angle_alpha_esd   ? 
_cell.reciprocal_angle_beta_esd    ? 
_cell.reciprocal_angle_gamma_esd   ? 
_cell.reciprocal_length_a          ? 
_cell.reciprocal_length_b          ? 
_cell.reciprocal_length_c          ? 
_cell.reciprocal_length_a_esd      ? 
_cell.reciprocal_length_b_esd      ? 
_cell.reciprocal_length_c_esd      ? 
_cell.pdbx_unique_axis             ? 
# 
_symmetry.entry_id                         5XPI 
_symmetry.cell_setting                     ? 
_symmetry.Int_Tables_number                171 
_symmetry.space_group_name_Hall            ? 
_symmetry.space_group_name_H-M             'P 62' 
_symmetry.pdbx_full_space_group_name_H-M   ? 
# 
loop_
_entity.id 
_entity.type 
_entity.src_method 
_entity.pdbx_description 
_entity.formula_weight 
_entity.pdbx_number_of_molecules 
_entity.pdbx_ec 
_entity.pdbx_mutation 
_entity.pdbx_fragment 
_entity.details 
1 polymer     man 'E3 ubiquitin-protein ligase UHRF1' 18449.549 1   2.3.2.27 ? 'UNP residues 127-283' ? 
2 non-polymer syn 
;N-[3-(diethylamino)propyl]-2-(12-methyl-9-oxidanylidene-5-thia-1,10,11-triazatricyclo[6.4.0.0^2,6]dodeca-2(6),3,7,11-tetraen-10-yl)ethanamide
;
375.488   1   ?        ? ?                      ? 
3 water       nat water 18.015    116 ?        ? ?                      ? 
# 
_entity_name_com.entity_id   1 
_entity_name_com.name        
;Inverted CCAAT box-binding protein of 90 kDa,Nuclear protein 95,Nuclear zinc finger protein Np95,hNp95,RING finger protein 106,RING-type E3 ubiquitin transferase UHRF1,Transcription factor ICBP90,Ubiquitin-like PHD and RING finger domain-containing protein 1,hUHRF1,Ubiquitin-like-containing PHD and RING finger domains protein 1
;
# 
_entity_poly.entity_id                      1 
_entity_poly.type                           'polypeptide(L)' 
_entity_poly.nstd_linkage                   no 
_entity_poly.nstd_monomer                   no 
_entity_poly.pdbx_seq_one_letter_code       
;WDETELGLYKVNEYVDARDTNMGAWFEAQVVRVTRKAPSRDEPCSSTSRPALEEDVIYHVKYDDYPENGVVQMNSRDVRA
RARTIIKWQDLEVGQVVMLNYNPDNPKERGFWYDAEISRKRETRTARELYANVVLGDDSLNDCRIIFVDEVFKIERP
;
_entity_poly.pdbx_seq_one_letter_code_can   
;WDETELGLYKVNEYVDARDTNMGAWFEAQVVRVTRKAPSRDEPCSSTSRPALEEDVIYHVKYDDYPENGVVQMNSRDVRA
RARTIIKWQDLEVGQVVMLNYNPDNPKERGFWYDAEISRKRETRTARELYANVVLGDDSLNDCRIIFVDEVFKIERP
;
_entity_poly.pdbx_strand_id                 A 
_entity_poly.pdbx_target_identifier         ? 
# 
loop_
_entity_poly_seq.entity_id 
_entity_poly_seq.num 
_entity_poly_seq.mon_id 
_entity_poly_seq.hetero 
1 1   TRP n 
1 2   ASP n 
1 3   GLU n 
1 4   THR n 
1 5   GLU n 
1 6   LEU n 
1 7   GLY n 
1 8   LEU n 
1 9   TYR n 
1 10  LYS n 
1 11  VAL n 
1 12  ASN n 
1 13  GLU n 
1 14  TYR n 
1 15  VAL n 
1 16  ASP n 
1 17  ALA n 
1 18  ARG n 
1 19  ASP n 
1 20  THR n 
1 21  ASN n 
1 22  MET n 
1 23  GLY n 
1 24  ALA n 
1 25  TRP n 
1 26  PHE n 
1 27  GLU n 
1 28  ALA n 
1 29  GLN n 
1 30  VAL n 
1 31  VAL n 
1 32  ARG n 
1 33  VAL n 
1 34  THR n 
1 35  ARG n 
1 36  LYS n 
1 37  ALA n 
1 38  PRO n 
1 39  SER n 
1 40  ARG n 
1 41  ASP n 
1 42  GLU n 
1 43  PRO n 
1 44  CYS n 
1 45  SER n 
1 46  SER n 
1 47  THR n 
1 48  SER n 
1 49  ARG n 
1 50  PRO n 
1 51  ALA n 
1 52  LEU n 
1 53  GLU n 
1 54  GLU n 
1 55  ASP n 
1 56  VAL n 
1 57  ILE n 
1 58  TYR n 
1 59  HIS n 
1 60  VAL n 
1 61  LYS n 
1 62  TYR n 
1 63  ASP n 
1 64  ASP n 
1 65  TYR n 
1 66  PRO n 
1 67  GLU n 
1 68  ASN n 
1 69  GLY n 
1 70  VAL n 
1 71  VAL n 
1 72  GLN n 
1 73  MET n 
1 74  ASN n 
1 75  SER n 
1 76  ARG n 
1 77  ASP n 
1 78  VAL n 
1 79  ARG n 
1 80  ALA n 
1 81  ARG n 
1 82  ALA n 
1 83  ARG n 
1 84  THR n 
1 85  ILE n 
1 86  ILE n 
1 87  LYS n 
1 88  TRP n 
1 89  GLN n 
1 90  ASP n 
1 91  LEU n 
1 92  GLU n 
1 93  VAL n 
1 94  GLY n 
1 95  GLN n 
1 96  VAL n 
1 97  VAL n 
1 98  MET n 
1 99  LEU n 
1 100 ASN n 
1 101 TYR n 
1 102 ASN n 
1 103 PRO n 
1 104 ASP n 
1 105 ASN n 
1 106 PRO n 
1 107 LYS n 
1 108 GLU n 
1 109 ARG n 
1 110 GLY n 
1 111 PHE n 
1 112 TRP n 
1 113 TYR n 
1 114 ASP n 
1 115 ALA n 
1 116 GLU n 
1 117 ILE n 
1 118 SER n 
1 119 ARG n 
1 120 LYS n 
1 121 ARG n 
1 122 GLU n 
1 123 THR n 
1 124 ARG n 
1 125 THR n 
1 126 ALA n 
1 127 ARG n 
1 128 GLU n 
1 129 LEU n 
1 130 TYR n 
1 131 ALA n 
1 132 ASN n 
1 133 VAL n 
1 134 VAL n 
1 135 LEU n 
1 136 GLY n 
1 137 ASP n 
1 138 ASP n 
1 139 SER n 
1 140 LEU n 
1 141 ASN n 
1 142 ASP n 
1 143 CYS n 
1 144 ARG n 
1 145 ILE n 
1 146 ILE n 
1 147 PHE n 
1 148 VAL n 
1 149 ASP n 
1 150 GLU n 
1 151 VAL n 
1 152 PHE n 
1 153 LYS n 
1 154 ILE n 
1 155 GLU n 
1 156 ARG n 
1 157 PRO n 
# 
_entity_src_gen.entity_id                          1 
_entity_src_gen.pdbx_src_id                        1 
_entity_src_gen.pdbx_alt_source_flag               sample 
_entity_src_gen.pdbx_seq_type                      'Biological sequence' 
_entity_src_gen.pdbx_beg_seq_num                   1 
_entity_src_gen.pdbx_end_seq_num                   157 
_entity_src_gen.gene_src_common_name               Human 
_entity_src_gen.gene_src_genus                     ? 
_entity_src_gen.pdbx_gene_src_gene                 'UHRF1, ICBP90, NP95, RNF106' 
_entity_src_gen.gene_src_species                   ? 
_entity_src_gen.gene_src_strain                    ? 
_entity_src_gen.gene_src_tissue                    ? 
_entity_src_gen.gene_src_tissue_fraction           ? 
_entity_src_gen.gene_src_details                   ? 
_entity_src_gen.pdbx_gene_src_fragment             ? 
_entity_src_gen.pdbx_gene_src_scientific_name      'Homo sapiens' 
_entity_src_gen.pdbx_gene_src_ncbi_taxonomy_id     9606 
_entity_src_gen.pdbx_gene_src_variant              ? 
_entity_src_gen.pdbx_gene_src_cell_line            ? 
_entity_src_gen.pdbx_gene_src_atcc                 ? 
_entity_src_gen.pdbx_gene_src_organ                ? 
_entity_src_gen.pdbx_gene_src_organelle            ? 
_entity_src_gen.pdbx_gene_src_cell                 ? 
_entity_src_gen.pdbx_gene_src_cellular_location    ? 
_entity_src_gen.host_org_common_name               ? 
_entity_src_gen.pdbx_host_org_scientific_name      'Escherichia coli' 
_entity_src_gen.pdbx_host_org_ncbi_taxonomy_id     562 
_entity_src_gen.host_org_genus                     ? 
_entity_src_gen.pdbx_host_org_gene                 ? 
_entity_src_gen.pdbx_host_org_organ                ? 
_entity_src_gen.host_org_species                   ? 
_entity_src_gen.pdbx_host_org_tissue               ? 
_entity_src_gen.pdbx_host_org_tissue_fraction      ? 
_entity_src_gen.pdbx_host_org_strain               ? 
_entity_src_gen.pdbx_host_org_variant              ? 
_entity_src_gen.pdbx_host_org_cell_line            ? 
_entity_src_gen.pdbx_host_org_atcc                 ? 
_entity_src_gen.pdbx_host_org_culture_collection   ? 
_entity_src_gen.pdbx_host_org_cell                 ? 
_entity_src_gen.pdbx_host_org_organelle            ? 
_entity_src_gen.pdbx_host_org_cellular_location    ? 
_entity_src_gen.pdbx_host_org_vector_type          ? 
_entity_src_gen.pdbx_host_org_vector               ? 
_entity_src_gen.host_org_details                   ? 
_entity_src_gen.expression_system_id               ? 
_entity_src_gen.plasmid_name                       ? 
_entity_src_gen.plasmid_details                    ? 
_entity_src_gen.pdbx_description                   ? 
# 
_struct_ref.id                         1 
_struct_ref.db_name                    UNP 
_struct_ref.db_code                    UHRF1_HUMAN 
_struct_ref.pdbx_db_accession          Q96T88 
_struct_ref.pdbx_db_isoform            ? 
_struct_ref.entity_id                  1 
_struct_ref.pdbx_seq_one_letter_code   
;WDETELGLYKVNEYVDARDTNMGAWFEAQVVRVTRKAPSRDEPCSSTSRPALEEDVIYHVKYDDYPENGVVQMNSRDVRA
RARTIIKWQDLEVGQVVMLNYNPDNPKERGFWYDAEISRKRETRTARELYANVVLGDDSLNDCRIIFVDEVFKIERP
;
_struct_ref.pdbx_align_begin           127 
# 
_struct_ref_seq.align_id                      1 
_struct_ref_seq.ref_id                        1 
_struct_ref_seq.pdbx_PDB_id_code              5XPI 
_struct_ref_seq.pdbx_strand_id                A 
_struct_ref_seq.seq_align_beg                 1 
_struct_ref_seq.pdbx_seq_align_beg_ins_code   ? 
_struct_ref_seq.seq_align_end                 157 
_struct_ref_seq.pdbx_seq_align_end_ins_code   ? 
_struct_ref_seq.pdbx_db_accession             Q96T88 
_struct_ref_seq.db_align_beg                  127 
_struct_ref_seq.pdbx_db_align_beg_ins_code    ? 
_struct_ref_seq.db_align_end                  283 
_struct_ref_seq.pdbx_db_align_end_ins_code    ? 
_struct_ref_seq.pdbx_auth_seq_align_beg       127 
_struct_ref_seq.pdbx_auth_seq_align_end       283 
# 
loop_
_chem_comp.id 
_chem_comp.type 
_chem_comp.mon_nstd_flag 
_chem_comp.name 
_chem_comp.pdbx_synonyms 
_chem_comp.formula 
_chem_comp.formula_weight 
8C3 non-polymer         . 
;N-[3-(diethylamino)propyl]-2-(12-methyl-9-oxidanylidene-5-thia-1,10,11-triazatricyclo[6.4.0.0^2,6]dodeca-2(6),3,7,11-tetraen-10-yl)ethanamide
;
? 'C18 H25 N5 O2 S' 375.488 
ALA 'L-peptide linking' y ALANINE ? 'C3 H7 N O2'      89.093  
ARG 'L-peptide linking' y ARGININE ? 'C6 H15 N4 O2 1'  175.209 
ASN 'L-peptide linking' y ASPARAGINE ? 'C4 H8 N2 O3'     132.118 
ASP 'L-peptide linking' y 'ASPARTIC ACID' ? 'C4 H7 N O4'      133.103 
CYS 'L-peptide linking' y CYSTEINE ? 'C3 H7 N O2 S'    121.158 
GLN 'L-peptide linking' y GLUTAMINE ? 'C5 H10 N2 O3'    146.144 
GLU 'L-peptide linking' y 'GLUTAMIC ACID' ? 'C5 H9 N O4'      147.129 
GLY 'peptide linking'   y GLYCINE ? 'C2 H5 N O2'      75.067  
HIS 'L-peptide linking' y HISTIDINE ? 'C6 H10 N3 O2 1'  156.162 
HOH non-polymer         . WATER ? 'H2 O'            18.015  
ILE 'L-peptide linking' y ISOLEUCINE ? 'C6 H13 N O2'     131.173 
LEU 'L-peptide linking' y LEUCINE ? 'C6 H13 N O2'     131.173 
LYS 'L-peptide linking' y LYSINE ? 'C6 H15 N2 O2 1'  147.195 
MET 'L-peptide linking' y METHIONINE ? 'C5 H11 N O2 S'   149.211 
PHE 'L-peptide linking' y PHENYLALANINE ? 'C9 H11 N O2'     165.189 
PRO 'L-peptide linking' y PROLINE ? 'C5 H9 N O2'      115.130 
SER 'L-peptide linking' y SERINE ? 'C3 H7 N O3'      105.093 
THR 'L-peptide linking' y THREONINE ? 'C4 H9 N O3'      119.119 
TRP 'L-peptide linking' y TRYPTOPHAN ? 'C11 H12 N2 O2'   204.225 
TYR 'L-peptide linking' y TYROSINE ? 'C9 H11 N O3'     181.189 
VAL 'L-peptide linking' y VALINE ? 'C5 H11 N O2'     117.146 
# 
_exptl.absorpt_coefficient_mu     ? 
_exptl.absorpt_correction_T_max   ? 
_exptl.absorpt_correction_T_min   ? 
_exptl.absorpt_correction_type    ? 
_exptl.absorpt_process_details    ? 
_exptl.entry_id                   5XPI 
_exptl.crystals_number            1 
_exptl.details                    ? 
_exptl.method                     'X-RAY DIFFRACTION' 
_exptl.method_details             ? 
# 
_exptl_crystal.colour                      ? 
_exptl_crystal.density_diffrn              ? 
_exptl_crystal.density_Matthews            3.17 
_exptl_crystal.density_method              ? 
_exptl_crystal.density_percent_sol         64.93 
_exptl_crystal.description                 ? 
_exptl_crystal.F_000                       ? 
_exptl_crystal.id                          1 
_exptl_crystal.preparation                 ? 
_exptl_crystal.size_max                    ? 
_exptl_crystal.size_mid                    ? 
_exptl_crystal.size_min                    ? 
_exptl_crystal.size_rad                    ? 
_exptl_crystal.colour_lustre               ? 
_exptl_crystal.colour_modifier             ? 
_exptl_crystal.colour_primary              ? 
_exptl_crystal.density_meas                ? 
_exptl_crystal.density_meas_esd            ? 
_exptl_crystal.density_meas_gt             ? 
_exptl_crystal.density_meas_lt             ? 
_exptl_crystal.density_meas_temp           ? 
_exptl_crystal.density_meas_temp_esd       ? 
_exptl_crystal.density_meas_temp_gt        ? 
_exptl_crystal.density_meas_temp_lt        ? 
_exptl_crystal.pdbx_crystal_image_url      ? 
_exptl_crystal.pdbx_crystal_image_format   ? 
_exptl_crystal.pdbx_mosaicity              ? 
_exptl_crystal.pdbx_mosaicity_esd          ? 
# 
_exptl_crystal_grow.apparatus       ? 
_exptl_crystal_grow.atmosphere      ? 
_exptl_crystal_grow.crystal_id      1 
_exptl_crystal_grow.details         ? 
_exptl_crystal_grow.method          'VAPOR DIFFUSION, SITTING DROP' 
_exptl_crystal_grow.method_ref      ? 
_exptl_crystal_grow.pH              5.2 
_exptl_crystal_grow.pressure        ? 
_exptl_crystal_grow.pressure_esd    ? 
_exptl_crystal_grow.seeding         ? 
_exptl_crystal_grow.seeding_ref     ? 
_exptl_crystal_grow.temp            293 
_exptl_crystal_grow.temp_details    ? 
_exptl_crystal_grow.temp_esd        ? 
_exptl_crystal_grow.time            ? 
_exptl_crystal_grow.pdbx_details    '2.7 M Na formate and 0.1 M Na acetate pH 5.2' 
_exptl_crystal_grow.pdbx_pH_range   ? 
# 
_diffrn.ambient_environment    ? 
_diffrn.ambient_temp           100 
_diffrn.ambient_temp_details   ? 
_diffrn.ambient_temp_esd       ? 
_diffrn.crystal_id             1 
_diffrn.crystal_support        ? 
_diffrn.crystal_treatment      ? 
_diffrn.details                ? 
_diffrn.id                     1 
_diffrn.ambient_pressure       ? 
_diffrn.ambient_pressure_esd   ? 
_diffrn.ambient_pressure_gt    ? 
_diffrn.ambient_pressure_lt    ? 
_diffrn.ambient_temp_gt        ? 
_diffrn.ambient_temp_lt        ? 
# 
_diffrn_detector.details                      ? 
_diffrn_detector.detector                     CCD 
_diffrn_detector.diffrn_id                    1 
_diffrn_detector.type                         'MARMOSAIC 225 mm CCD' 
_diffrn_detector.area_resol_mean              ? 
_diffrn_detector.dtime                        ? 
_diffrn_detector.pdbx_frames_total            ? 
_diffrn_detector.pdbx_collection_time_total   ? 
_diffrn_detector.pdbx_collection_date         2012-03-08 
# 
_diffrn_radiation.collimation                      ? 
_diffrn_radiation.diffrn_id                        1 
_diffrn_radiation.filter_edge                      ? 
_diffrn_radiation.inhomogeneity                    ? 
_diffrn_radiation.monochromator                    ? 
_diffrn_radiation.polarisn_norm                    ? 
_diffrn_radiation.polarisn_ratio                   ? 
_diffrn_radiation.probe                            ? 
_diffrn_radiation.type                             ? 
_diffrn_radiation.xray_symbol                      ? 
_diffrn_radiation.wavelength_id                    1 
_diffrn_radiation.pdbx_monochromatic_or_laue_m_l   M 
_diffrn_radiation.pdbx_wavelength_list             ? 
_diffrn_radiation.pdbx_wavelength                  ? 
_diffrn_radiation.pdbx_diffrn_protocol             'SINGLE WAVELENGTH' 
_diffrn_radiation.pdbx_analyzer                    ? 
_diffrn_radiation.pdbx_scattering_type             x-ray 
# 
_diffrn_radiation_wavelength.id           1 
_diffrn_radiation_wavelength.wavelength   0.9793 
_diffrn_radiation_wavelength.wt           1.0 
# 
_diffrn_source.current                     ? 
_diffrn_source.details                     ? 
_diffrn_source.diffrn_id                   1 
_diffrn_source.power                       ? 
_diffrn_source.size                        ? 
_diffrn_source.source                      'ROTATING ANODE' 
_diffrn_source.target                      ? 
_diffrn_source.type                        RIGAKU 
_diffrn_source.voltage                     ? 
_diffrn_source.take-off_angle              ? 
_diffrn_source.pdbx_wavelength_list        0.9793 
_diffrn_source.pdbx_wavelength             ? 
_diffrn_source.pdbx_synchrotron_beamline   ? 
_diffrn_source.pdbx_synchrotron_site       ? 
# 
_reflns.B_iso_Wilson_estimate            42.750 
_reflns.entry_id                         5XPI 
_reflns.data_reduction_details           ? 
_reflns.data_reduction_method            ? 
_reflns.d_resolution_high                2.200 
_reflns.d_resolution_low                 50.000 
_reflns.details                          ? 
_reflns.limit_h_max                      ? 
_reflns.limit_h_min                      ? 
_reflns.limit_k_max                      ? 
_reflns.limit_k_min                      ? 
_reflns.limit_l_max                      ? 
_reflns.limit_l_min                      ? 
_reflns.number_all                       ? 
_reflns.number_obs                       11915 
_reflns.observed_criterion               ? 
_reflns.observed_criterion_F_max         ? 
_reflns.observed_criterion_F_min         ? 
_reflns.observed_criterion_I_max         ? 
_reflns.observed_criterion_I_min         ? 
_reflns.observed_criterion_sigma_F       ? 
_reflns.observed_criterion_sigma_I       ? 
_reflns.percent_possible_obs             99.900 
_reflns.R_free_details                   ? 
_reflns.Rmerge_F_all                     ? 
_reflns.Rmerge_F_obs                     ? 
_reflns.Friedel_coverage                 ? 
_reflns.number_gt                        ? 
_reflns.threshold_expression             ? 
_reflns.pdbx_redundancy                  11.100 
_reflns.pdbx_Rmerge_I_obs                0.079 
_reflns.pdbx_Rmerge_I_all                ? 
_reflns.pdbx_Rsym_value                  ? 
_reflns.pdbx_netI_over_av_sigmaI         ? 
_reflns.pdbx_netI_over_sigmaI            16.800 
_reflns.pdbx_res_netI_over_av_sigmaI_2   ? 
_reflns.pdbx_res_netI_over_sigmaI_2      ? 
_reflns.pdbx_chi_squared                 1.335 
_reflns.pdbx_scaling_rejects             ? 
_reflns.pdbx_d_res_high_opt              ? 
_reflns.pdbx_d_res_low_opt               ? 
_reflns.pdbx_d_res_opt_method            ? 
_reflns.phase_calculation_details        ? 
_reflns.pdbx_Rrim_I_all                  ? 
_reflns.pdbx_Rpim_I_all                  ? 
_reflns.pdbx_d_opt                       ? 
_reflns.pdbx_number_measured_all         ? 
_reflns.pdbx_diffrn_id                   1 
_reflns.pdbx_ordinal                     1 
_reflns.pdbx_CC_half                     ? 
_reflns.pdbx_R_split                     ? 
# 
loop_
_reflns_shell.d_res_high 
_reflns_shell.d_res_low 
_reflns_shell.meanI_over_sigI_all 
_reflns_shell.meanI_over_sigI_obs 
_reflns_shell.number_measured_all 
_reflns_shell.number_measured_obs 
_reflns_shell.number_possible 
_reflns_shell.number_unique_all 
_reflns_shell.number_unique_obs 
_reflns_shell.percent_possible_all 
_reflns_shell.percent_possible_obs 
_reflns_shell.Rmerge_F_all 
_reflns_shell.Rmerge_F_obs 
_reflns_shell.Rmerge_I_all 
_reflns_shell.Rmerge_I_obs 
_reflns_shell.meanI_over_sigI_gt 
_reflns_shell.meanI_over_uI_all 
_reflns_shell.meanI_over_uI_gt 
_reflns_shell.number_measured_gt 
_reflns_shell.number_unique_gt 
_reflns_shell.percent_possible_gt 
_reflns_shell.Rmerge_F_gt 
_reflns_shell.Rmerge_I_gt 
_reflns_shell.pdbx_redundancy 
_reflns_shell.pdbx_Rsym_value 
_reflns_shell.pdbx_chi_squared 
_reflns_shell.pdbx_netI_over_sigmaI_all 
_reflns_shell.pdbx_netI_over_sigmaI_obs 
_reflns_shell.pdbx_Rrim_I_all 
_reflns_shell.pdbx_Rpim_I_all 
_reflns_shell.pdbx_rejects 
_reflns_shell.pdbx_ordinal 
_reflns_shell.pdbx_diffrn_id 
_reflns_shell.pdbx_CC_half 
_reflns_shell.pdbx_R_split 
2.200 2.280  ? ? ? ? ? ? ? 100.000 ? ? ? ? 0.214 ? ? ? ? ? ? ? ? 11.300 ? 1.304 ? ? ? ? ? 1  1 ? ? 
2.280 2.370  ? ? ? ? ? ? ? 100.000 ? ? ? ? 0.189 ? ? ? ? ? ? ? ? 11.200 ? 1.243 ? ? ? ? ? 2  1 ? ? 
2.370 2.480  ? ? ? ? ? ? ? 100.000 ? ? ? ? 0.151 ? ? ? ? ? ? ? ? 11.200 ? 1.278 ? ? ? ? ? 3  1 ? ? 
2.480 2.610  ? ? ? ? ? ? ? 100.000 ? ? ? ? 0.132 ? ? ? ? ? ? ? ? 11.200 ? 1.315 ? ? ? ? ? 4  1 ? ? 
2.610 2.770  ? ? ? ? ? ? ? 100.000 ? ? ? ? 0.108 ? ? ? ? ? ? ? ? 11.200 ? 1.311 ? ? ? ? ? 5  1 ? ? 
2.770 2.990  ? ? ? ? ? ? ? 100.000 ? ? ? ? 0.089 ? ? ? ? ? ? ? ? 11.200 ? 1.392 ? ? ? ? ? 6  1 ? ? 
2.990 3.290  ? ? ? ? ? ? ? 100.000 ? ? ? ? 0.074 ? ? ? ? ? ? ? ? 11.200 ? 1.463 ? ? ? ? ? 7  1 ? ? 
3.290 3.760  ? ? ? ? ? ? ? 100.000 ? ? ? ? 0.071 ? ? ? ? ? ? ? ? 11.100 ? 1.110 ? ? ? ? ? 8  1 ? ? 
3.760 4.740  ? ? ? ? ? ? ? 100.000 ? ? ? ? 0.082 ? ? ? ? ? ? ? ? 10.900 ? 1.609 ? ? ? ? ? 9  1 ? ? 
4.740 50.000 ? ? ? ? ? ? ? 98.700  ? ? ? ? 0.056 ? ? ? ? ? ? ? ? 10.300 ? 1.334 ? ? ? ? ? 10 1 ? ? 
# 
_refine.aniso_B[1][1]                            9.2579 
_refine.aniso_B[1][2]                            0.0000 
_refine.aniso_B[1][3]                            0.0000 
_refine.aniso_B[2][2]                            9.2579 
_refine.aniso_B[2][3]                            0.0000 
_refine.aniso_B[3][3]                            -18.5159 
_refine.B_iso_max                                127.850 
_refine.B_iso_mean                               44.8300 
_refine.B_iso_min                                19.370 
_refine.correlation_coeff_Fo_to_Fc               0.9196 
_refine.correlation_coeff_Fo_to_Fc_free          0.9094 
_refine.details                                  ? 
_refine.diff_density_max                         ? 
_refine.diff_density_max_esd                     ? 
_refine.diff_density_min                         ? 
_refine.diff_density_min_esd                     ? 
_refine.diff_density_rms                         ? 
_refine.diff_density_rms_esd                     ? 
_refine.entry_id                                 5XPI 
_refine.pdbx_refine_id                           'X-RAY DIFFRACTION' 
_refine.ls_abs_structure_details                 ? 
_refine.ls_abs_structure_Flack                   ? 
_refine.ls_abs_structure_Flack_esd               ? 
_refine.ls_abs_structure_Rogers                  ? 
_refine.ls_abs_structure_Rogers_esd              ? 
_refine.ls_d_res_high                            2.2000 
_refine.ls_d_res_low                             42.8700 
_refine.ls_extinction_coef                       ? 
_refine.ls_extinction_coef_esd                   ? 
_refine.ls_extinction_expression                 ? 
_refine.ls_extinction_method                     ? 
_refine.ls_goodness_of_fit_all                   ? 
_refine.ls_goodness_of_fit_all_esd               ? 
_refine.ls_goodness_of_fit_obs                   ? 
_refine.ls_goodness_of_fit_obs_esd               ? 
_refine.ls_hydrogen_treatment                    ? 
_refine.ls_matrix_type                           ? 
_refine.ls_number_constraints                    ? 
_refine.ls_number_parameters                     ? 
_refine.ls_number_reflns_all                     ? 
_refine.ls_number_reflns_obs                     11900 
_refine.ls_number_reflns_R_free                  566 
_refine.ls_number_reflns_R_work                  ? 
_refine.ls_number_restraints                     ? 
_refine.ls_percent_reflns_obs                    99.6300 
_refine.ls_percent_reflns_R_free                 4.7600 
_refine.ls_R_factor_all                          ? 
_refine.ls_R_factor_obs                          0.2009 
_refine.ls_R_factor_R_free                       0.2186 
_refine.ls_R_factor_R_free_error                 ? 
_refine.ls_R_factor_R_free_error_details         ? 
_refine.ls_R_factor_R_work                       0.2000 
_refine.ls_R_Fsqd_factor_obs                     ? 
_refine.ls_R_I_factor_obs                        ? 
_refine.ls_redundancy_reflns_all                 ? 
_refine.ls_redundancy_reflns_obs                 ? 
_refine.ls_restrained_S_all                      ? 
_refine.ls_restrained_S_obs                      ? 
_refine.ls_shift_over_esd_max                    ? 
_refine.ls_shift_over_esd_mean                   ? 
_refine.ls_structure_factor_coef                 ? 
_refine.ls_weighting_details                     ? 
_refine.ls_weighting_scheme                      ? 
_refine.ls_wR_factor_all                         ? 
_refine.ls_wR_factor_obs                         ? 
_refine.ls_wR_factor_R_free                      ? 
_refine.ls_wR_factor_R_work                      ? 
_refine.occupancy_max                            ? 
_refine.occupancy_min                            ? 
_refine.solvent_model_details                    ? 
_refine.solvent_model_param_bsol                 ? 
_refine.solvent_model_param_ksol                 ? 
_refine.ls_R_factor_gt                           ? 
_refine.ls_goodness_of_fit_gt                    ? 
_refine.ls_goodness_of_fit_ref                   ? 
_refine.ls_shift_over_su_max                     ? 
_refine.ls_shift_over_su_max_lt                  ? 
_refine.ls_shift_over_su_mean                    ? 
_refine.ls_shift_over_su_mean_lt                 ? 
_refine.pdbx_ls_sigma_I                          ? 
_refine.pdbx_ls_sigma_F                          0.000 
_refine.pdbx_ls_sigma_Fsqd                       ? 
_refine.pdbx_data_cutoff_high_absF               ? 
_refine.pdbx_data_cutoff_high_rms_absF           ? 
_refine.pdbx_data_cutoff_low_absF                ? 
_refine.pdbx_isotropic_thermal_model             ? 
_refine.pdbx_ls_cross_valid_method               THROUGHOUT 
_refine.pdbx_method_to_determine_struct          'MOLECULAR REPLACEMENT' 
_refine.pdbx_starting_model                      3DB3 
_refine.pdbx_stereochemistry_target_values       ? 
_refine.pdbx_R_Free_selection_details            RANDOM 
_refine.pdbx_stereochem_target_val_spec_case     ? 
_refine.pdbx_overall_ESU_R                       ? 
_refine.pdbx_overall_ESU_R_Free                  ? 
_refine.pdbx_solvent_vdw_probe_radii             ? 
_refine.pdbx_solvent_ion_probe_radii             ? 
_refine.pdbx_solvent_shrinkage_radii             ? 
_refine.pdbx_real_space_R                        ? 
_refine.pdbx_density_correlation                 ? 
_refine.pdbx_pd_number_of_powder_patterns        ? 
_refine.pdbx_pd_number_of_points                 ? 
_refine.pdbx_pd_meas_number_of_points            ? 
_refine.pdbx_pd_proc_ls_prof_R_factor            ? 
_refine.pdbx_pd_proc_ls_prof_wR_factor           ? 
_refine.pdbx_pd_Marquardt_correlation_coeff      ? 
_refine.pdbx_pd_Fsqrd_R_factor                   ? 
_refine.pdbx_pd_ls_matrix_band_width             ? 
_refine.pdbx_overall_phase_error                 ? 
_refine.pdbx_overall_SU_R_free_Cruickshank_DPI   0.1600 
_refine.pdbx_overall_SU_R_free_Blow_DPI          0.1630 
_refine.pdbx_overall_SU_R_Blow_DPI               0.2050 
_refine.pdbx_TLS_residual_ADP_flag               ? 
_refine.pdbx_diffrn_id                           1 
_refine.overall_SU_B                             ? 
_refine.overall_SU_ML                            ? 
_refine.overall_SU_R_Cruickshank_DPI             0.1960 
_refine.overall_SU_R_free                        ? 
_refine.overall_FOM_free_R_set                   ? 
_refine.overall_FOM_work_R_set                   ? 
_refine.pdbx_average_fsc_overall                 ? 
_refine.pdbx_average_fsc_work                    ? 
_refine.pdbx_average_fsc_free                    ? 
# 
_refine_analyze.entry_id                        5XPI 
_refine_analyze.pdbx_refine_id                  'X-RAY DIFFRACTION' 
_refine_analyze.Luzzati_coordinate_error_free   ? 
_refine_analyze.Luzzati_coordinate_error_obs    0.276 
_refine_analyze.Luzzati_d_res_low_free          ? 
_refine_analyze.Luzzati_d_res_low_obs           ? 
_refine_analyze.Luzzati_sigma_a_free            ? 
_refine_analyze.Luzzati_sigma_a_free_details    ? 
_refine_analyze.Luzzati_sigma_a_obs             ? 
_refine_analyze.Luzzati_sigma_a_obs_details     ? 
_refine_analyze.number_disordered_residues      ? 
_refine_analyze.occupancy_sum_hydrogen          ? 
_refine_analyze.occupancy_sum_non_hydrogen      ? 
_refine_analyze.RG_d_res_high                   ? 
_refine_analyze.RG_d_res_low                    ? 
_refine_analyze.RG_free                         ? 
_refine_analyze.RG_work                         ? 
_refine_analyze.RG_free_work_ratio              ? 
_refine_analyze.pdbx_Luzzati_d_res_high_obs     ? 
# 
_refine_hist.cycle_id                         final 
_refine_hist.pdbx_refine_id                   'X-RAY DIFFRACTION' 
_refine_hist.d_res_high                       2.2000 
_refine_hist.d_res_low                        42.8700 
_refine_hist.pdbx_number_atoms_ligand         26 
_refine_hist.number_atoms_solvent             116 
_refine_hist.number_atoms_total               1315 
_refine_hist.pdbx_number_residues_total       140 
_refine_hist.pdbx_B_iso_mean_ligand           89.17 
_refine_hist.pdbx_B_iso_mean_solvent          47.73 
_refine_hist.pdbx_number_atoms_protein        1173 
_refine_hist.pdbx_number_atoms_nucleic_acid   0 
# 
loop_
_refine_ls_restr.pdbx_refine_id 
_refine_ls_restr.criterion 
_refine_ls_restr.dev_ideal 
_refine_ls_restr.dev_ideal_target 
_refine_ls_restr.number 
_refine_ls_restr.rejects 
_refine_ls_restr.type 
_refine_ls_restr.weight 
_refine_ls_restr.pdbx_restraint_function 
'X-RAY DIFFRACTION' ? ?      ? 431  ? t_dihedral_angle_d        2.000  SINUSOIDAL   
'X-RAY DIFFRACTION' ? ?      ? 48   ? t_trig_c_planes           2.000  HARMONIC     
'X-RAY DIFFRACTION' ? ?      ? 174  ? t_gen_planes              5.000  HARMONIC     
'X-RAY DIFFRACTION' ? ?      ? 1224 ? t_it                      20.000 HARMONIC     
'X-RAY DIFFRACTION' ? ?      ? ?    ? t_nbd                     ?      ?            
'X-RAY DIFFRACTION' ? ?      ? ?    ? t_improper_torsion        ?      ?            
'X-RAY DIFFRACTION' ? ?      ? ?    ? t_pseud_angle             ?      ?            
'X-RAY DIFFRACTION' ? ?      ? 147  ? t_chiral_improper_torsion 5.000  SEMIHARMONIC 
'X-RAY DIFFRACTION' ? ?      ? ?    ? t_sum_occupancies         ?      ?            
'X-RAY DIFFRACTION' ? ?      ? ?    ? t_utility_distance        ?      ?            
'X-RAY DIFFRACTION' ? ?      ? ?    ? t_utility_angle           ?      ?            
'X-RAY DIFFRACTION' ? ?      ? ?    ? t_utility_torsion         ?      ?            
'X-RAY DIFFRACTION' ? ?      ? 1322 ? t_ideal_dist_contact      4.000  SEMIHARMONIC 
'X-RAY DIFFRACTION' ? 0.010  ? 1224 ? t_bond_d                  2.000  HARMONIC     
'X-RAY DIFFRACTION' ? 1.060  ? 1658 ? t_angle_deg               2.000  HARMONIC     
'X-RAY DIFFRACTION' ? 3.630  ? ?    ? t_omega_torsion           ?      ?            
'X-RAY DIFFRACTION' ? 19.050 ? ?    ? t_other_torsion           ?      ?            
# 
_refine_ls_shell.pdbx_refine_id                   'X-RAY DIFFRACTION' 
_refine_ls_shell.d_res_high                       2.2000 
_refine_ls_shell.d_res_low                        2.4100 
_refine_ls_shell.number_reflns_all                2793 
_refine_ls_shell.number_reflns_obs                ? 
_refine_ls_shell.number_reflns_R_free             129 
_refine_ls_shell.number_reflns_R_work             2664 
_refine_ls_shell.percent_reflns_obs               99.6300 
_refine_ls_shell.percent_reflns_R_free            4.6200 
_refine_ls_shell.R_factor_all                     0.2324 
_refine_ls_shell.R_factor_obs                     ? 
_refine_ls_shell.R_factor_R_free                  0.2654 
_refine_ls_shell.R_factor_R_free_error            0.0000 
_refine_ls_shell.R_factor_R_work                  0.2307 
_refine_ls_shell.redundancy_reflns_all            ? 
_refine_ls_shell.redundancy_reflns_obs            ? 
_refine_ls_shell.wR_factor_all                    ? 
_refine_ls_shell.wR_factor_obs                    ? 
_refine_ls_shell.wR_factor_R_free                 ? 
_refine_ls_shell.wR_factor_R_work                 ? 
_refine_ls_shell.pdbx_total_number_of_bins_used   6 
_refine_ls_shell.pdbx_phase_error                 ? 
_refine_ls_shell.pdbx_fsc_work                    ? 
_refine_ls_shell.pdbx_fsc_free                    ? 
# 
_struct.entry_id                     5XPI 
_struct.title                        'Structure of UHRF1 TTD in complex with NV01' 
_struct.pdbx_model_details           ? 
_struct.pdbx_formula_weight          ? 
_struct.pdbx_formula_weight_method   ? 
_struct.pdbx_model_type_details      ? 
_struct.pdbx_CASP_flag               N 
# 
_struct_keywords.entry_id        5XPI 
_struct_keywords.text            'TTD domain, small molecule, LIGASE' 
_struct_keywords.pdbx_keywords   LIGASE 
# 
loop_
_struct_asym.id 
_struct_asym.pdbx_blank_PDB_chainid_flag 
_struct_asym.pdbx_modified 
_struct_asym.entity_id 
_struct_asym.details 
A N N 1 ? 
B N N 2 ? 
C N N 3 ? 
# 
loop_
_struct_conf.conf_type_id 
_struct_conf.id 
_struct_conf.pdbx_PDB_helix_id 
_struct_conf.beg_label_comp_id 
_struct_conf.beg_label_asym_id 
_struct_conf.beg_label_seq_id 
_struct_conf.pdbx_beg_PDB_ins_code 
_struct_conf.end_label_comp_id 
_struct_conf.end_label_asym_id 
_struct_conf.end_label_seq_id 
_struct_conf.pdbx_end_PDB_ins_code 
_struct_conf.beg_auth_comp_id 
_struct_conf.beg_auth_asym_id 
_struct_conf.beg_auth_seq_id 
_struct_conf.end_auth_comp_id 
_struct_conf.end_auth_asym_id 
_struct_conf.end_auth_seq_id 
_struct_conf.pdbx_PDB_helix_class 
_struct_conf.details 
_struct_conf.pdbx_PDB_helix_length 
HELX_P HELX_P1 AA1 TYR A 65 ? GLY A 69 ? TYR A 191 GLY A 195 5 ? 5 
HELX_P HELX_P2 AA2 LYS A 87 ? LEU A 91 ? LYS A 213 LEU A 217 5 ? 5 
# 
_struct_conf_type.id          HELX_P 
_struct_conf_type.criteria    ? 
_struct_conf_type.reference   ? 
# 
loop_
_struct_sheet.id 
_struct_sheet.type 
_struct_sheet.number_strands 
_struct_sheet.details 
AA1 ? 4 ? 
AA2 ? 4 ? 
AA3 ? 4 ? 
# 
loop_
_struct_sheet_order.sheet_id 
_struct_sheet_order.range_id_1 
_struct_sheet_order.range_id_2 
_struct_sheet_order.offset 
_struct_sheet_order.sense 
AA1 1 2 ? anti-parallel 
AA1 2 3 ? anti-parallel 
AA1 3 4 ? anti-parallel 
AA2 1 2 ? anti-parallel 
AA2 2 3 ? anti-parallel 
AA2 3 4 ? anti-parallel 
AA3 1 2 ? anti-parallel 
AA3 2 3 ? anti-parallel 
AA3 3 4 ? anti-parallel 
# 
loop_
_struct_sheet_range.sheet_id 
_struct_sheet_range.id 
_struct_sheet_range.beg_label_comp_id 
_struct_sheet_range.beg_label_asym_id 
_struct_sheet_range.beg_label_seq_id 
_struct_sheet_range.pdbx_beg_PDB_ins_code 
_struct_sheet_range.end_label_comp_id 
_struct_sheet_range.end_label_asym_id 
_struct_sheet_range.end_label_seq_id 
_struct_sheet_range.pdbx_end_PDB_ins_code 
_struct_sheet_range.beg_auth_comp_id 
_struct_sheet_range.beg_auth_asym_id 
_struct_sheet_range.beg_auth_seq_id 
_struct_sheet_range.end_auth_comp_id 
_struct_sheet_range.end_auth_asym_id 
_struct_sheet_range.end_auth_seq_id 
AA1 1 ASP A 2   ? GLU A 3   ? ASP A 128 GLU A 129 
AA1 2 TRP A 25  ? ARG A 35  ? TRP A 151 ARG A 161 
AA1 3 VAL A 56  ? TYR A 62  ? VAL A 182 TYR A 188 
AA1 4 VAL A 71  ? ASN A 74  ? VAL A 197 ASN A 200 
AA2 1 ASP A 2   ? GLU A 3   ? ASP A 128 GLU A 129 
AA2 2 TRP A 25  ? ARG A 35  ? TRP A 151 ARG A 161 
AA2 3 TYR A 14  ? ARG A 18  ? TYR A 140 ARG A 144 
AA2 4 VAL A 78  ? ALA A 80  ? VAL A 204 ALA A 206 
AA3 1 VAL A 96  ? TYR A 101 ? VAL A 222 TYR A 227 
AA3 2 PHE A 111 ? GLU A 122 ? PHE A 237 GLU A 248 
AA3 3 ARG A 127 ? VAL A 134 ? ARG A 253 VAL A 260 
AA3 4 SER A 139 ? ARG A 144 ? SER A 265 ARG A 270 
# 
loop_
_pdbx_struct_sheet_hbond.sheet_id 
_pdbx_struct_sheet_hbond.range_id_1 
_pdbx_struct_sheet_hbond.range_id_2 
_pdbx_struct_sheet_hbond.range_1_label_atom_id 
_pdbx_struct_sheet_hbond.range_1_label_comp_id 
_pdbx_struct_sheet_hbond.range_1_label_asym_id 
_pdbx_struct_sheet_hbond.range_1_label_seq_id 
_pdbx_struct_sheet_hbond.range_1_PDB_ins_code 
_pdbx_struct_sheet_hbond.range_1_auth_atom_id 
_pdbx_struct_sheet_hbond.range_1_auth_comp_id 
_pdbx_struct_sheet_hbond.range_1_auth_asym_id 
_pdbx_struct_sheet_hbond.range_1_auth_seq_id 
_pdbx_struct_sheet_hbond.range_2_label_atom_id 
_pdbx_struct_sheet_hbond.range_2_label_comp_id 
_pdbx_struct_sheet_hbond.range_2_label_asym_id 
_pdbx_struct_sheet_hbond.range_2_label_seq_id 
_pdbx_struct_sheet_hbond.range_2_PDB_ins_code 
_pdbx_struct_sheet_hbond.range_2_auth_atom_id 
_pdbx_struct_sheet_hbond.range_2_auth_comp_id 
_pdbx_struct_sheet_hbond.range_2_auth_asym_id 
_pdbx_struct_sheet_hbond.range_2_auth_seq_id 
AA1 1 2 N ASP A 2   ? N ASP A 128 O ARG A 35  ? O ARG A 161 
AA1 2 3 N ARG A 32  ? N ARG A 158 O HIS A 59  ? O HIS A 185 
AA1 3 4 N TYR A 58  ? N TYR A 184 O MET A 73  ? O MET A 199 
AA2 1 2 N ASP A 2   ? N ASP A 128 O ARG A 35  ? O ARG A 161 
AA2 2 3 O ALA A 28  ? O ALA A 154 N VAL A 15  ? N VAL A 141 
AA2 3 4 N ASP A 16  ? N ASP A 142 O ARG A 79  ? O ARG A 205 
AA3 1 2 N VAL A 97  ? N VAL A 223 O ALA A 115 ? O ALA A 241 
AA3 2 3 N GLU A 116 ? N GLU A 242 O ASN A 132 ? O ASN A 258 
AA3 3 4 N ALA A 131 ? N ALA A 257 O CYS A 143 ? O CYS A 269 
# 
_struct_site.id                   AC1 
_struct_site.pdbx_evidence_code   Software 
_struct_site.pdbx_auth_asym_id    A 
_struct_site.pdbx_auth_comp_id    8C3 
_struct_site.pdbx_auth_seq_id     301 
_struct_site.pdbx_auth_ins_code   ? 
_struct_site.pdbx_num_residues    9 
_struct_site.details              'binding site for residue 8C3 A 301' 
# 
loop_
_struct_site_gen.id 
_struct_site_gen.site_id 
_struct_site_gen.pdbx_num_res 
_struct_site_gen.label_comp_id 
_struct_site_gen.label_asym_id 
_struct_site_gen.label_seq_id 
_struct_site_gen.pdbx_auth_ins_code 
_struct_site_gen.auth_comp_id 
_struct_site_gen.auth_asym_id 
_struct_site_gen.auth_seq_id 
_struct_site_gen.label_atom_id 
_struct_site_gen.label_alt_id 
_struct_site_gen.symmetry 
_struct_site_gen.details 
1 AC1 9 GLU A 5   ? GLU A 131 . ? 1_556 ? 
2 AC1 9 ASP A 19  ? ASP A 145 . ? 1_555 ? 
3 AC1 9 MET A 22  ? MET A 148 . ? 1_555 ? 
4 AC1 9 PHE A 26  ? PHE A 152 . ? 1_555 ? 
5 AC1 9 TYR A 62  ? TYR A 188 . ? 1_555 ? 
6 AC1 9 TYR A 65  ? TYR A 191 . ? 1_555 ? 
7 AC1 9 ASN A 68  ? ASN A 194 . ? 1_555 ? 
8 AC1 9 PHE A 111 ? PHE A 237 . ? 1_555 ? 
9 AC1 9 HOH C .   ? HOH A 420 . ? 1_555 ? 
# 
_atom_sites.entry_id                    5XPI 
_atom_sites.fract_transf_matrix[1][1]   0.00763325 
_atom_sites.fract_transf_matrix[1][2]   0.00052706 
_atom_sites.fract_transf_matrix[1][3]   0.00880330 
_atom_sites.fract_transf_matrix[2][1]   0.00206915 
_atom_sites.fract_transf_matrix[2][2]   0.01016961 
_atom_sites.fract_transf_matrix[2][3]   0.00532416 
_atom_sites.fract_transf_matrix[3][1]   -0.01781534 
_atom_sites.fract_transf_matrix[3][2]   -0.00460695 
_atom_sites.fract_transf_matrix[3][3]   0.01572333 
_atom_sites.fract_transf_vector[1]      -0.403044 
_atom_sites.fract_transf_vector[2]      -0.160164 
_atom_sites.fract_transf_vector[3]      -0.024243 
# 
loop_
_atom_type.symbol 
C 
N 
O 
S 
# 
loop_
_atom_site.group_PDB 
_atom_site.id 
_atom_site.type_symbol 
_atom_site.label_atom_id 
_atom_site.label_alt_id 
_atom_site.label_comp_id 
_atom_site.label_asym_id 
_atom_site.label_entity_id 
_atom_site.label_seq_id 
_atom_site.pdbx_PDB_ins_code 
_atom_site.Cartn_x 
_atom_site.Cartn_y 
_atom_site.Cartn_z 
_atom_site.occupancy 
_atom_site.B_iso_or_equiv 
_atom_site.pdbx_formal_charge 
_atom_site.auth_seq_id 
_atom_site.auth_comp_id 
_atom_site.auth_asym_id 
_atom_site.auth_atom_id 
_atom_site.pdbx_PDB_model_num 
ATOM   1    N N   . TRP A 1 1   ? 18.720  16.637  7.585   1.00 83.85  ? 127 TRP A N   1 
ATOM   2    C CA  . TRP A 1 1   ? 18.540  17.518  6.431   1.00 83.65  ? 127 TRP A CA  1 
ATOM   3    C C   . TRP A 1 1   ? 19.773  17.655  5.527   1.00 85.16  ? 127 TRP A C   1 
ATOM   4    O O   . TRP A 1 1   ? 20.245  18.764  5.227   1.00 84.64  ? 127 TRP A O   1 
ATOM   5    C CB  . TRP A 1 1   ? 17.976  18.875  6.840   1.00 82.81  ? 127 TRP A CB  1 
ATOM   6    C CG  . TRP A 1 1   ? 16.521  19.030  6.534   1.00 84.19  ? 127 TRP A CG  1 
ATOM   7    C CD1 . TRP A 1 1   ? 15.973  19.633  5.441   1.00 87.18  ? 127 TRP A CD1 1 
ATOM   8    C CD2 . TRP A 1 1   ? 15.423  18.632  7.367   1.00 84.15  ? 127 TRP A CD2 1 
ATOM   9    N NE1 . TRP A 1 1   ? 14.600  19.625  5.532   1.00 86.65  ? 127 TRP A NE1 1 
ATOM   10   C CE2 . TRP A 1 1   ? 14.235  19.029  6.713   1.00 88.06  ? 127 TRP A CE2 1 
ATOM   11   C CE3 . TRP A 1 1   ? 15.325  17.985  8.611   1.00 85.41  ? 127 TRP A CE3 1 
ATOM   12   C CZ2 . TRP A 1 1   ? 12.965  18.795  7.258   1.00 87.20  ? 127 TRP A CZ2 1 
ATOM   13   C CZ3 . TRP A 1 1   ? 14.064  17.750  9.144   1.00 86.69  ? 127 TRP A CZ3 1 
ATOM   14   C CH2 . TRP A 1 1   ? 12.904  18.150  8.469   1.00 87.19  ? 127 TRP A CH2 1 
ATOM   15   N N   . ASP A 1 2   ? 20.270  16.505  5.072   1.00 79.16  ? 128 ASP A N   1 
ATOM   16   C CA  . ASP A 1 2   ? 21.389  16.431  4.155   1.00 77.51  ? 128 ASP A CA  1 
ATOM   17   C C   . ASP A 1 2   ? 20.831  15.931  2.831   1.00 77.49  ? 128 ASP A C   1 
ATOM   18   O O   . ASP A 1 2   ? 20.669  14.724  2.652   1.00 75.82  ? 128 ASP A O   1 
ATOM   19   C CB  . ASP A 1 2   ? 22.495  15.515  4.710   1.00 79.56  ? 128 ASP A CB  1 
ATOM   20   C CG  . ASP A 1 2   ? 23.129  16.056  5.974   1.00 90.11  ? 128 ASP A CG  1 
ATOM   21   O OD1 . ASP A 1 2   ? 24.140  16.789  5.863   1.00 90.42  ? 128 ASP A OD1 1 
ATOM   22   O OD2 . ASP A 1 2   ? 22.603  15.766  7.074   1.00 94.10  ? 128 ASP A OD2 1 
ATOM   23   N N   . GLU A 1 3   ? 20.473  16.883  1.932   1.00 72.84  ? 129 GLU A N   1 
ATOM   24   C CA  . GLU A 1 3   ? 19.927  16.630  0.597   1.00 72.06  ? 129 GLU A CA  1 
ATOM   25   C C   . GLU A 1 3   ? 20.791  15.615  -0.154  1.00 75.63  ? 129 GLU A C   1 
ATOM   26   O O   . GLU A 1 3   ? 22.017  15.758  -0.179  1.00 76.37  ? 129 GLU A O   1 
ATOM   27   C CB  . GLU A 1 3   ? 19.791  17.929  -0.203  1.00 73.36  ? 129 GLU A CB  1 
ATOM   28   C CG  . GLU A 1 3   ? 18.353  18.266  -0.560  1.00 84.76  ? 129 GLU A CG  1 
ATOM   29   C CD  . GLU A 1 3   ? 18.108  19.291  -1.656  1.00 107.78 ? 129 GLU A CD  1 
ATOM   30   O OE1 . GLU A 1 3   ? 16.988  19.296  -2.219  1.00 95.84  ? 129 GLU A OE1 1 
ATOM   31   O OE2 . GLU A 1 3   ? 19.024  20.095  -1.951  1.00 107.61 ? 129 GLU A OE2 1 
ATOM   32   N N   . THR A 1 4   ? 20.155  14.555  -0.690  1.00 70.17  ? 130 THR A N   1 
ATOM   33   C CA  . THR A 1 4   ? 20.816  13.465  -1.399  1.00 69.37  ? 130 THR A CA  1 
ATOM   34   C C   . THR A 1 4   ? 20.177  13.241  -2.763  1.00 72.89  ? 130 THR A C   1 
ATOM   35   O O   . THR A 1 4   ? 18.949  13.230  -2.875  1.00 73.36  ? 130 THR A O   1 
ATOM   36   C CB  . THR A 1 4   ? 20.791  12.175  -0.553  1.00 76.68  ? 130 THR A CB  1 
ATOM   37   O OG1 . THR A 1 4   ? 20.990  12.485  0.825   1.00 78.31  ? 130 THR A OG1 1 
ATOM   38   C CG2 . THR A 1 4   ? 21.840  11.184  -0.978  1.00 74.32  ? 130 THR A CG2 1 
ATOM   39   N N   . GLU A 1 5   ? 21.013  13.045  -3.794  1.00 68.19  ? 131 GLU A N   1 
ATOM   40   C CA  . GLU A 1 5   ? 20.567  12.754  -5.156  1.00 67.19  ? 131 GLU A CA  1 
ATOM   41   C C   . GLU A 1 5   ? 20.604  11.241  -5.366  1.00 68.37  ? 131 GLU A C   1 
ATOM   42   O O   . GLU A 1 5   ? 20.242  10.746  -6.436  1.00 68.39  ? 131 GLU A O   1 
ATOM   43   C CB  . GLU A 1 5   ? 21.430  13.493  -6.186  1.00 68.92  ? 131 GLU A CB  1 
ATOM   44   C CG  . GLU A 1 5   ? 20.609  14.171  -7.268  1.00 83.18  ? 131 GLU A CG  1 
ATOM   45   C CD  . GLU A 1 5   ? 21.199  15.480  -7.759  1.00 108.92 ? 131 GLU A CD  1 
ATOM   46   O OE1 . GLU A 1 5   ? 22.099  15.438  -8.629  1.00 99.30  ? 131 GLU A OE1 1 
ATOM   47   O OE2 . GLU A 1 5   ? 20.757  16.548  -7.277  1.00 104.53 ? 131 GLU A OE2 1 
ATOM   48   N N   . LEU A 1 6   ? 21.037  10.507  -4.327  1.00 63.64  ? 132 LEU A N   1 
ATOM   49   C CA  . LEU A 1 6   ? 21.057  9.048   -4.317  1.00 63.80  ? 132 LEU A CA  1 
ATOM   50   C C   . LEU A 1 6   ? 19.659  8.604   -3.819  1.00 67.28  ? 132 LEU A C   1 
ATOM   51   O O   . LEU A 1 6   ? 18.791  9.442   -3.546  1.00 67.83  ? 132 LEU A O   1 
ATOM   52   C CB  . LEU A 1 6   ? 22.180  8.497   -3.400  1.00 64.12  ? 132 LEU A CB  1 
ATOM   53   C CG  . LEU A 1 6   ? 23.606  9.081   -3.571  1.00 69.35  ? 132 LEU A CG  1 
ATOM   54   C CD1 . LEU A 1 6   ? 24.465  8.796   -2.351  1.00 69.40  ? 132 LEU A CD1 1 
ATOM   55   C CD2 . LEU A 1 6   ? 24.284  8.596   -4.854  1.00 71.11  ? 132 LEU A CD2 1 
ATOM   56   N N   . GLY A 1 7   ? 19.434  7.310   -3.717  1.00 61.50  ? 133 GLY A N   1 
ATOM   57   C CA  . GLY A 1 7   ? 18.128  6.842   -3.280  1.00 59.75  ? 133 GLY A CA  1 
ATOM   58   C C   . GLY A 1 7   ? 17.250  6.511   -4.455  1.00 58.31  ? 133 GLY A C   1 
ATOM   59   O O   . GLY A 1 7   ? 17.222  7.246   -5.443  1.00 57.90  ? 133 GLY A O   1 
ATOM   60   N N   . LEU A 1 8   ? 16.549  5.386   -4.349  1.00 52.69  ? 134 LEU A N   1 
ATOM   61   C CA  . LEU A 1 8   ? 15.655  4.803   -5.353  1.00 51.32  ? 134 LEU A CA  1 
ATOM   62   C C   . LEU A 1 8   ? 14.712  5.803   -6.002  1.00 51.80  ? 134 LEU A C   1 
ATOM   63   O O   . LEU A 1 8   ? 14.522  5.780   -7.227  1.00 52.54  ? 134 LEU A O   1 
ATOM   64   C CB  . LEU A 1 8   ? 14.855  3.688   -4.674  1.00 51.60  ? 134 LEU A CB  1 
ATOM   65   C CG  . LEU A 1 8   ? 14.536  2.430   -5.470  1.00 56.69  ? 134 LEU A CG  1 
ATOM   66   C CD1 . LEU A 1 8   ? 15.795  1.836   -6.149  1.00 56.62  ? 134 LEU A CD1 1 
ATOM   67   C CD2 . LEU A 1 8   ? 13.925  1.414   -4.556  1.00 57.88  ? 134 LEU A CD2 1 
ATOM   68   N N   . TYR A 1 9   ? 14.128  6.689   -5.183  1.00 44.43  ? 135 TYR A N   1 
ATOM   69   C CA  . TYR A 1 9   ? 13.190  7.686   -5.678  1.00 42.17  ? 135 TYR A CA  1 
ATOM   70   C C   . TYR A 1 9   ? 13.803  9.066   -5.709  1.00 44.89  ? 135 TYR A C   1 
ATOM   71   O O   . TYR A 1 9   ? 14.698  9.379   -4.921  1.00 43.89  ? 135 TYR A O   1 
ATOM   72   C CB  . TYR A 1 9   ? 11.819  7.585   -4.956  1.00 42.12  ? 135 TYR A CB  1 
ATOM   73   C CG  . TYR A 1 9   ? 11.359  6.139   -4.880  1.00 41.65  ? 135 TYR A CG  1 
ATOM   74   C CD1 . TYR A 1 9   ? 10.848  5.491   -6.001  1.00 43.37  ? 135 TYR A CD1 1 
ATOM   75   C CD2 . TYR A 1 9   ? 11.575  5.380   -3.734  1.00 41.86  ? 135 TYR A CD2 1 
ATOM   76   C CE1 . TYR A 1 9   ? 10.516  4.139   -5.969  1.00 43.67  ? 135 TYR A CE1 1 
ATOM   77   C CE2 . TYR A 1 9   ? 11.254  4.026   -3.692  1.00 43.00  ? 135 TYR A CE2 1 
ATOM   78   C CZ  . TYR A 1 9   ? 10.713  3.412   -4.810  1.00 48.87  ? 135 TYR A CZ  1 
ATOM   79   O OH  . TYR A 1 9   ? 10.381  2.079   -4.778  1.00 48.66  ? 135 TYR A OH  1 
ATOM   80   N N   . LYS A 1 10  ? 13.367  9.863   -6.674  1.00 42.70  ? 136 LYS A N   1 
ATOM   81   C CA  . LYS A 1 10  ? 13.900  11.192  -6.921  1.00 42.91  ? 136 LYS A CA  1 
ATOM   82   C C   . LYS A 1 10  ? 12.908  12.294  -6.581  1.00 47.39  ? 136 LYS A C   1 
ATOM   83   O O   . LYS A 1 10  ? 11.702  12.030  -6.453  1.00 45.90  ? 136 LYS A O   1 
ATOM   84   C CB  . LYS A 1 10  ? 14.360  11.306  -8.402  1.00 45.20  ? 136 LYS A CB  1 
ATOM   85   C CG  . LYS A 1 10  ? 15.285  10.183  -8.912  1.00 50.94  ? 136 LYS A CG  1 
ATOM   86   C CD  . LYS A 1 10  ? 16.573  10.028  -8.092  1.00 64.33  ? 136 LYS A CD  1 
ATOM   87   C CE  . LYS A 1 10  ? 17.408  8.828   -8.478  1.00 72.02  ? 136 LYS A CE  1 
ATOM   88   N NZ  . LYS A 1 10  ? 18.487  8.569   -7.481  1.00 73.54  ? 136 LYS A NZ  1 
ATOM   89   N N   . VAL A 1 11  ? 13.422  13.538  -6.425  1.00 43.35  ? 137 VAL A N   1 
ATOM   90   C CA  . VAL A 1 11  ? 12.606  14.723  -6.177  1.00 42.73  ? 137 VAL A CA  1 
ATOM   91   C C   . VAL A 1 11  ? 11.645  14.867  -7.377  1.00 43.86  ? 137 VAL A C   1 
ATOM   92   O O   . VAL A 1 11  ? 12.049  14.636  -8.525  1.00 44.29  ? 137 VAL A O   1 
ATOM   93   C CB  . VAL A 1 11  ? 13.463  15.998  -5.865  1.00 47.58  ? 137 VAL A CB  1 
ATOM   94   C CG1 . VAL A 1 11  ? 14.504  16.270  -6.950  1.00 47.67  ? 137 VAL A CG1 1 
ATOM   95   C CG2 . VAL A 1 11  ? 12.587  17.228  -5.638  1.00 47.82  ? 137 VAL A CG2 1 
ATOM   96   N N   . ASN A 1 12  ? 10.360  15.115  -7.090  1.00 38.36  ? 138 ASN A N   1 
ATOM   97   C CA  . ASN A 1 12  ? 9.258   15.245  -8.064  1.00 37.68  ? 138 ASN A CA  1 
ATOM   98   C C   . ASN A 1 12  ? 8.624   13.941  -8.568  1.00 39.70  ? 138 ASN A C   1 
ATOM   99   O O   . ASN A 1 12  ? 7.600   13.976  -9.252  1.00 38.37  ? 138 ASN A O   1 
ATOM   100  C CB  . ASN A 1 12  ? 9.565   16.233  -9.189  1.00 39.11  ? 138 ASN A CB  1 
ATOM   101  C CG  . ASN A 1 12  ? 9.711   17.634  -8.684  1.00 62.53  ? 138 ASN A CG  1 
ATOM   102  O OD1 . ASN A 1 12  ? 10.812  18.088  -8.400  1.00 58.95  ? 138 ASN A OD1 1 
ATOM   103  N ND2 . ASN A 1 12  ? 8.595   18.334  -8.520  1.00 61.85  ? 138 ASN A ND2 1 
ATOM   104  N N   . GLU A 1 13  ? 9.213   12.805  -8.212  1.00 37.13  ? 139 GLU A N   1 
ATOM   105  C CA  . GLU A 1 13  ? 8.700   11.486  -8.567  1.00 37.31  ? 139 GLU A CA  1 
ATOM   106  C C   . GLU A 1 13  ? 7.370   11.210  -7.858  1.00 41.31  ? 139 GLU A C   1 
ATOM   107  O O   . GLU A 1 13  ? 7.256   11.405  -6.651  1.00 41.16  ? 139 GLU A O   1 
ATOM   108  C CB  . GLU A 1 13  ? 9.706   10.406  -8.166  1.00 38.12  ? 139 GLU A CB  1 
ATOM   109  C CG  . GLU A 1 13  ? 9.413   9.045   -8.768  1.00 46.56  ? 139 GLU A CG  1 
ATOM   110  C CD  . GLU A 1 13  ? 10.580  8.082   -8.820  1.00 61.14  ? 139 GLU A CD  1 
ATOM   111  O OE1 . GLU A 1 13  ? 11.727  8.493   -8.522  1.00 51.07  ? 139 GLU A OE1 1 
ATOM   112  O OE2 . GLU A 1 13  ? 10.344  6.912   -9.193  1.00 57.99  ? 139 GLU A OE2 1 
ATOM   113  N N   . TYR A 1 14  ? 6.391   10.744  -8.616  1.00 38.75  ? 140 TYR A N   1 
ATOM   114  C CA  . TYR A 1 14  ? 5.082   10.350  -8.110  1.00 38.89  ? 140 TYR A CA  1 
ATOM   115  C C   . TYR A 1 14  ? 5.195   8.967   -7.541  1.00 39.97  ? 140 TYR A C   1 
ATOM   116  O O   . TYR A 1 14  ? 5.587   8.045   -8.263  1.00 40.42  ? 140 TYR A O   1 
ATOM   117  C CB  . TYR A 1 14  ? 4.053   10.399  -9.226  1.00 40.86  ? 140 TYR A CB  1 
ATOM   118  C CG  . TYR A 1 14  ? 3.677   11.824  -9.536  1.00 43.95  ? 140 TYR A CG  1 
ATOM   119  C CD1 . TYR A 1 14  ? 2.950   12.586  -8.625  1.00 45.48  ? 140 TYR A CD1 1 
ATOM   120  C CD2 . TYR A 1 14  ? 4.066   12.424  -10.731 1.00 44.89  ? 140 TYR A CD2 1 
ATOM   121  C CE1 . TYR A 1 14  ? 2.596   13.902  -8.908  1.00 47.01  ? 140 TYR A CE1 1 
ATOM   122  C CE2 . TYR A 1 14  ? 3.723   13.743  -11.020 1.00 45.79  ? 140 TYR A CE2 1 
ATOM   123  C CZ  . TYR A 1 14  ? 2.978   14.473  -10.110 1.00 53.89  ? 140 TYR A CZ  1 
ATOM   124  O OH  . TYR A 1 14  ? 2.631   15.772  -10.386 1.00 60.15  ? 140 TYR A OH  1 
ATOM   125  N N   . VAL A 1 15  ? 4.944   8.834   -6.220  1.00 32.71  ? 141 VAL A N   1 
ATOM   126  C CA  . VAL A 1 15  ? 5.094   7.562   -5.495  1.00 30.12  ? 141 VAL A CA  1 
ATOM   127  C C   . VAL A 1 15  ? 3.844   7.147   -4.713  1.00 31.38  ? 141 VAL A C   1 
ATOM   128  O O   . VAL A 1 15  ? 2.843   7.862   -4.669  1.00 29.61  ? 141 VAL A O   1 
ATOM   129  C CB  . VAL A 1 15  ? 6.305   7.641   -4.511  1.00 32.77  ? 141 VAL A CB  1 
ATOM   130  C CG1 . VAL A 1 15  ? 7.639   7.757   -5.244  1.00 32.11  ? 141 VAL A CG1 1 
ATOM   131  C CG2 . VAL A 1 15  ? 6.121   8.761   -3.473  1.00 31.80  ? 141 VAL A CG2 1 
ATOM   132  N N   . ASP A 1 16  ? 3.964   6.020   -3.998  1.00 28.49  ? 142 ASP A N   1 
ATOM   133  C CA  . ASP A 1 16  ? 2.971   5.579   -3.037  1.00 28.54  ? 142 ASP A CA  1 
ATOM   134  C C   . ASP A 1 16  ? 3.650   5.765   -1.668  1.00 28.56  ? 142 ASP A C   1 
ATOM   135  O O   . ASP A 1 16  ? 4.816   5.447   -1.530  1.00 27.21  ? 142 ASP A O   1 
ATOM   136  C CB  . ASP A 1 16  ? 2.502   4.122   -3.316  1.00 30.22  ? 142 ASP A CB  1 
ATOM   137  C CG  . ASP A 1 16  ? 1.246   4.058   -4.181  1.00 33.99  ? 142 ASP A CG  1 
ATOM   138  O OD1 . ASP A 1 16  ? 0.464   5.025   -4.166  1.00 35.74  ? 142 ASP A OD1 1 
ATOM   139  O OD2 . ASP A 1 16  ? 1.053   3.046   -4.873  1.00 36.41  ? 142 ASP A OD2 1 
ATOM   140  N N   . ALA A 1 17  ? 2.971   6.366   -0.706  1.00 26.85  ? 143 ALA A N   1 
ATOM   141  C CA  . ALA A 1 17  ? 3.590   6.573   0.607   1.00 26.71  ? 143 ALA A CA  1 
ATOM   142  C C   . ALA A 1 17  ? 2.695   5.986   1.671   1.00 28.96  ? 143 ALA A C   1 
ATOM   143  O O   . ALA A 1 17  ? 1.487   6.126   1.581   1.00 27.01  ? 143 ALA A O   1 
ATOM   144  C CB  . ALA A 1 17  ? 3.838   8.055   0.860   1.00 26.90  ? 143 ALA A CB  1 
ATOM   145  N N   . ARG A 1 18  ? 3.281   5.342   2.683   1.00 27.51  ? 144 ARG A N   1 
ATOM   146  C CA  . ARG A 1 18  ? 2.488   4.714   3.735   1.00 28.06  ? 144 ARG A CA  1 
ATOM   147  C C   . ARG A 1 18  ? 2.319   5.573   4.946   1.00 34.94  ? 144 ARG A C   1 
ATOM   148  O O   . ARG A 1 18  ? 3.304   5.970   5.554   1.00 34.17  ? 144 ARG A O   1 
ATOM   149  C CB  . ARG A 1 18  ? 3.078   3.350   4.137   1.00 26.79  ? 144 ARG A CB  1 
ATOM   150  C CG  . ARG A 1 18  ? 2.207   2.546   5.099   1.00 37.18  ? 144 ARG A CG  1 
ATOM   151  C CD  . ARG A 1 18  ? 2.832   1.206   5.479   1.00 42.98  ? 144 ARG A CD  1 
ATOM   152  N NE  . ARG A 1 18  ? 3.941   1.370   6.423   1.00 61.14  ? 144 ARG A NE  1 
ATOM   153  C CZ  . ARG A 1 18  ? 3.825   1.399   7.754   1.00 72.61  ? 144 ARG A CZ  1 
ATOM   154  N NH1 . ARG A 1 18  ? 2.637   1.271   8.329   1.00 51.31  ? 144 ARG A NH1 1 
ATOM   155  N NH2 . ARG A 1 18  ? 4.900   1.549   8.517   1.00 65.92  ? 144 ARG A NH2 1 
ATOM   156  N N   . ASP A 1 19  ? 1.064   5.792   5.356   1.00 34.37  ? 145 ASP A N   1 
ATOM   157  C CA  . ASP A 1 19  ? 0.773   6.505   6.582   1.00 35.93  ? 145 ASP A CA  1 
ATOM   158  C C   . ASP A 1 19  ? 1.145   5.551   7.744   1.00 44.21  ? 145 ASP A C   1 
ATOM   159  O O   . ASP A 1 19  ? 0.645   4.431   7.803   1.00 43.17  ? 145 ASP A O   1 
ATOM   160  C CB  . ASP A 1 19  ? -0.717  6.890   6.649   1.00 38.31  ? 145 ASP A CB  1 
ATOM   161  C CG  . ASP A 1 19  ? -1.052  7.678   7.898   1.00 47.89  ? 145 ASP A CG  1 
ATOM   162  O OD1 . ASP A 1 19  ? -1.717  7.111   8.796   1.00 47.09  ? 145 ASP A OD1 1 
ATOM   163  O OD2 . ASP A 1 19  ? -0.550  8.814   8.033   1.00 52.64  ? 145 ASP A OD2 1 
ATOM   164  N N   . THR A 1 20  ? 2.060   5.988   8.619   1.00 44.13  ? 146 THR A N   1 
ATOM   165  C CA  . THR A 1 20  ? 2.566   5.251   9.782   1.00 45.38  ? 146 THR A CA  1 
ATOM   166  C C   . THR A 1 20  ? 1.454   4.839   10.773  1.00 50.10  ? 146 THR A C   1 
ATOM   167  O O   . THR A 1 20  ? 1.417   3.684   11.206  1.00 51.15  ? 146 THR A O   1 
ATOM   168  C CB  . THR A 1 20  ? 3.771   6.029   10.375  1.00 58.89  ? 146 THR A CB  1 
ATOM   169  O OG1 . THR A 1 20  ? 4.923   5.698   9.607   1.00 61.06  ? 146 THR A OG1 1 
ATOM   170  C CG2 . THR A 1 20  ? 4.045   5.716   11.835  1.00 62.92  ? 146 THR A CG2 1 
ATOM   171  N N   . ASN A 1 21  ? 0.554   5.751   11.052  1.00 46.17  ? 147 ASN A N   1 
ATOM   172  C CA  . ASN A 1 21  ? -0.521  5.506   11.966  1.00 45.92  ? 147 ASN A CA  1 
ATOM   173  C C   . ASN A 1 21  ? -1.538  4.485   11.489  1.00 49.06  ? 147 ASN A C   1 
ATOM   174  O O   . ASN A 1 21  ? -1.846  3.561   12.201  1.00 47.45  ? 147 ASN A O   1 
ATOM   175  C CB  . ASN A 1 21  ? -1.193  6.815   12.311  1.00 48.29  ? 147 ASN A CB  1 
ATOM   176  C CG  . ASN A 1 21  ? -2.321  6.639   13.274  1.00 80.78  ? 147 ASN A CG  1 
ATOM   177  O OD1 . ASN A 1 21  ? -2.161  6.041   14.325  1.00 83.35  ? 147 ASN A OD1 1 
ATOM   178  N ND2 . ASN A 1 21  ? -3.479  7.153   12.916  1.00 68.63  ? 147 ASN A ND2 1 
ATOM   179  N N   . MET A 1 22  ? -2.037  4.642   10.278  1.00 45.82  ? 148 MET A N   1 
ATOM   180  C CA  . MET A 1 22  ? -3.004  3.712   9.750   1.00 45.20  ? 148 MET A CA  1 
ATOM   181  C C   . MET A 1 22  ? -2.471  2.514   8.971   1.00 43.26  ? 148 MET A C   1 
ATOM   182  O O   . MET A 1 22  ? -3.110  1.515   8.925   1.00 43.29  ? 148 MET A O   1 
ATOM   183  C CB  . MET A 1 22  ? -4.181  4.431   9.100   1.00 48.23  ? 148 MET A CB  1 
ATOM   184  C CG  . MET A 1 22  ? -3.973  5.015   7.746   1.00 52.77  ? 148 MET A CG  1 
ATOM   185  S SD  . MET A 1 22  ? -5.285  6.181   7.447   1.00 58.44  ? 148 MET A SD  1 
ATOM   186  C CE  . MET A 1 22  ? -6.679  5.129   7.173   1.00 55.76  ? 148 MET A CE  1 
ATOM   187  N N   . GLY A 1 23  ? -1.302  2.622   8.382   1.00 35.20  ? 149 GLY A N   1 
ATOM   188  C CA  . GLY A 1 23  ? -0.695  1.518   7.658   1.00 33.15  ? 149 GLY A CA  1 
ATOM   189  C C   . GLY A 1 23  ? -1.147  1.486   6.206   1.00 33.76  ? 149 GLY A C   1 
ATOM   190  O O   . GLY A 1 23  ? -0.732  0.609   5.463   1.00 33.71  ? 149 GLY A O   1 
ATOM   191  N N   . ALA A 1 24  ? -2.010  2.427   5.791   1.00 29.81  ? 150 ALA A N   1 
ATOM   192  C CA  . ALA A 1 24  ? -2.543  2.523   4.423   1.00 29.74  ? 150 ALA A CA  1 
ATOM   193  C C   . ALA A 1 24  ? -1.660  3.341   3.469   1.00 31.12  ? 150 ALA A C   1 
ATOM   194  O O   . ALA A 1 24  ? -0.963  4.252   3.904   1.00 30.83  ? 150 ALA A O   1 
ATOM   195  C CB  . ALA A 1 24  ? -3.955  3.084   4.440   1.00 30.40  ? 150 ALA A CB  1 
ATOM   196  N N   . TRP A 1 25  ? -1.699  2.989   2.175   1.00 26.94  ? 151 TRP A N   1 
ATOM   197  C CA  . TRP A 1 25  ? -0.916  3.565   1.084   1.00 26.83  ? 151 TRP A CA  1 
ATOM   198  C C   . TRP A 1 25  ? -1.686  4.624   0.317   1.00 29.84  ? 151 TRP A C   1 
ATOM   199  O O   . TRP A 1 25  ? -2.830  4.412   -0.097  1.00 28.57  ? 151 TRP A O   1 
ATOM   200  C CB  . TRP A 1 25  ? -0.384  2.466   0.139   1.00 25.26  ? 151 TRP A CB  1 
ATOM   201  C CG  . TRP A 1 25  ? 0.652   1.577   0.788   1.00 26.10  ? 151 TRP A CG  1 
ATOM   202  C CD1 . TRP A 1 25  ? 0.416   0.442   1.510   1.00 28.72  ? 151 TRP A CD1 1 
ATOM   203  C CD2 . TRP A 1 25  ? 2.076   1.785   0.821   1.00 25.92  ? 151 TRP A CD2 1 
ATOM   204  N NE1 . TRP A 1 25  ? 1.596   -0.081  1.974   1.00 28.16  ? 151 TRP A NE1 1 
ATOM   205  C CE2 . TRP A 1 25  ? 2.633   0.731   1.584   1.00 30.05  ? 151 TRP A CE2 1 
ATOM   206  C CE3 . TRP A 1 25  ? 2.936   2.760   0.275   1.00 26.86  ? 151 TRP A CE3 1 
ATOM   207  C CZ2 . TRP A 1 25  ? 4.016   0.613   1.805   1.00 29.36  ? 151 TRP A CZ2 1 
ATOM   208  C CZ3 . TRP A 1 25  ? 4.306   2.632   0.466   1.00 28.34  ? 151 TRP A CZ3 1 
ATOM   209  C CH2 . TRP A 1 25  ? 4.835   1.587   1.245   1.00 29.52  ? 151 TRP A CH2 1 
ATOM   210  N N   . PHE A 1 26  ? -1.055  5.777   0.142   1.00 25.69  ? 152 PHE A N   1 
ATOM   211  C CA  . PHE A 1 26  ? -1.675  6.911   -0.558  1.00 25.12  ? 152 PHE A CA  1 
ATOM   212  C C   . PHE A 1 26  ? -0.745  7.433   -1.621  1.00 26.23  ? 152 PHE A C   1 
ATOM   213  O O   . PHE A 1 26  ? 0.460   7.451   -1.416  1.00 26.65  ? 152 PHE A O   1 
ATOM   214  C CB  . PHE A 1 26  ? -2.019  8.047   0.433   1.00 26.57  ? 152 PHE A CB  1 
ATOM   215  C CG  . PHE A 1 26  ? -3.014  7.677   1.503   1.00 27.63  ? 152 PHE A CG  1 
ATOM   216  C CD1 . PHE A 1 26  ? -4.382  7.807   1.278   1.00 30.59  ? 152 PHE A CD1 1 
ATOM   217  C CD2 . PHE A 1 26  ? -2.588  7.192   2.736   1.00 29.61  ? 152 PHE A CD2 1 
ATOM   218  C CE1 . PHE A 1 26  ? -5.302  7.487   2.282   1.00 31.45  ? 152 PHE A CE1 1 
ATOM   219  C CE2 . PHE A 1 26  ? -3.507  6.874   3.736   1.00 32.28  ? 152 PHE A CE2 1 
ATOM   220  C CZ  . PHE A 1 26  ? -4.859  7.014   3.497   1.00 30.76  ? 152 PHE A CZ  1 
ATOM   221  N N   . GLU A 1 27  ? -1.309  7.867   -2.747  1.00 24.81  ? 153 GLU A N   1 
ATOM   222  C CA  . GLU A 1 27  ? -0.586  8.506   -3.865  1.00 25.88  ? 153 GLU A CA  1 
ATOM   223  C C   . GLU A 1 27  ? 0.053   9.813   -3.338  1.00 28.62  ? 153 GLU A C   1 
ATOM   224  O O   . GLU A 1 27  ? -0.610  10.669  -2.732  1.00 26.00  ? 153 GLU A O   1 
ATOM   225  C CB  . GLU A 1 27  ? -1.538  8.830   -5.028  1.00 27.19  ? 153 GLU A CB  1 
ATOM   226  C CG  . GLU A 1 27  ? -2.322  7.625   -5.537  1.00 39.68  ? 153 GLU A CG  1 
ATOM   227  C CD  . GLU A 1 27  ? -3.751  7.564   -5.034  1.00 54.88  ? 153 GLU A CD  1 
ATOM   228  O OE1 . GLU A 1 27  ? -3.975  7.560   -3.796  1.00 33.61  ? 153 GLU A OE1 1 
ATOM   229  O OE2 . GLU A 1 27  ? -4.657  7.551   -5.894  1.00 52.92  ? 153 GLU A OE2 1 
ATOM   230  N N   . ALA A 1 28  ? 1.350   9.895   -3.484  1.00 26.99  ? 154 ALA A N   1 
ATOM   231  C CA  . ALA A 1 28  ? 2.115   11.031  -2.991  1.00 27.09  ? 154 ALA A CA  1 
ATOM   232  C C   . ALA A 1 28  ? 3.191   11.441  -4.010  1.00 33.78  ? 154 ALA A C   1 
ATOM   233  O O   . ALA A 1 28  ? 3.306   10.824  -5.086  1.00 30.88  ? 154 ALA A O   1 
ATOM   234  C CB  . ALA A 1 28  ? 2.761   10.659  -1.655  1.00 27.00  ? 154 ALA A CB  1 
ATOM   235  N N   . GLN A 1 29  ? 3.975   12.494  -3.674  1.00 31.44  ? 155 GLN A N   1 
ATOM   236  C CA  . GLN A 1 29  ? 5.051   12.939  -4.572  1.00 30.25  ? 155 GLN A CA  1 
ATOM   237  C C   . GLN A 1 29  ? 6.250   13.364  -3.756  1.00 30.26  ? 155 GLN A C   1 
ATOM   238  O O   . GLN A 1 29  ? 6.105   14.063  -2.760  1.00 28.04  ? 155 GLN A O   1 
ATOM   239  C CB  . GLN A 1 29  ? 4.578   14.073  -5.511  1.00 31.23  ? 155 GLN A CB  1 
ATOM   240  C CG  . GLN A 1 29  ? 5.621   14.440  -6.582  1.00 35.11  ? 155 GLN A CG  1 
ATOM   241  C CD  . GLN A 1 29  ? 5.274   15.679  -7.366  1.00 47.80  ? 155 GLN A CD  1 
ATOM   242  O OE1 . GLN A 1 29  ? 4.398   16.449  -6.998  1.00 40.67  ? 155 GLN A OE1 1 
ATOM   243  N NE2 . GLN A 1 29  ? 5.943   15.889  -8.485  1.00 44.30  ? 155 GLN A NE2 1 
ATOM   244  N N   . VAL A 1 30  ? 7.433   12.903  -4.167  1.00 27.97  ? 156 VAL A N   1 
ATOM   245  C CA  . VAL A 1 30  ? 8.665   13.231  -3.482  1.00 28.35  ? 156 VAL A CA  1 
ATOM   246  C C   . VAL A 1 30  ? 8.979   14.715  -3.676  1.00 35.48  ? 156 VAL A C   1 
ATOM   247  O O   . VAL A 1 30  ? 9.028   15.219  -4.802  1.00 33.46  ? 156 VAL A O   1 
ATOM   248  C CB  . VAL A 1 30  ? 9.820   12.274  -3.845  1.00 31.91  ? 156 VAL A CB  1 
ATOM   249  C CG1 . VAL A 1 30  ? 11.100  12.639  -3.076  1.00 30.81  ? 156 VAL A CG1 1 
ATOM   250  C CG2 . VAL A 1 30  ? 9.411   10.819  -3.553  1.00 31.31  ? 156 VAL A CG2 1 
ATOM   251  N N   . VAL A 1 31  ? 9.034   15.426  -2.552  1.00 34.98  ? 157 VAL A N   1 
ATOM   252  C CA  . VAL A 1 31  ? 9.300   16.847  -2.551  1.00 37.35  ? 157 VAL A CA  1 
ATOM   253  C C   . VAL A 1 31  ? 10.782  17.129  -2.141  1.00 44.49  ? 157 VAL A C   1 
ATOM   254  O O   . VAL A 1 31  ? 11.378  18.103  -2.597  1.00 45.72  ? 157 VAL A O   1 
ATOM   255  C CB  . VAL A 1 31  ? 8.189   17.593  -1.761  1.00 42.34  ? 157 VAL A CB  1 
ATOM   256  C CG1 . VAL A 1 31  ? 8.683   18.193  -0.458  1.00 41.87  ? 157 VAL A CG1 1 
ATOM   257  C CG2 . VAL A 1 31  ? 7.511   18.628  -2.636  1.00 42.88  ? 157 VAL A CG2 1 
ATOM   258  N N   . ARG A 1 32  ? 11.384  16.225  -1.361  1.00 40.44  ? 158 ARG A N   1 
ATOM   259  C CA  . ARG A 1 32  ? 12.763  16.364  -0.922  1.00 40.95  ? 158 ARG A CA  1 
ATOM   260  C C   . ARG A 1 32  ? 13.256  15.023  -0.452  1.00 45.35  ? 158 ARG A C   1 
ATOM   261  O O   . ARG A 1 32  ? 12.484  14.221  0.090   1.00 43.50  ? 158 ARG A O   1 
ATOM   262  C CB  . ARG A 1 32  ? 12.869  17.422  0.211   1.00 41.88  ? 158 ARG A CB  1 
ATOM   263  C CG  . ARG A 1 32  ? 14.280  17.839  0.603   1.00 50.71  ? 158 ARG A CG  1 
ATOM   264  C CD  . ARG A 1 32  ? 14.267  19.003  1.581   1.00 60.32  ? 158 ARG A CD  1 
ATOM   265  N NE  . ARG A 1 32  ? 15.142  20.078  1.111   1.00 80.43  ? 158 ARG A NE  1 
ATOM   266  C CZ  . ARG A 1 32  ? 16.405  20.256  1.496   1.00 98.86  ? 158 ARG A CZ  1 
ATOM   267  N NH1 . ARG A 1 32  ? 16.963  19.430  2.374   1.00 92.22  ? 158 ARG A NH1 1 
ATOM   268  N NH2 . ARG A 1 32  ? 17.117  21.259  1.005   1.00 82.52  ? 158 ARG A NH2 1 
ATOM   269  N N   . VAL A 1 33  ? 14.559  14.774  -0.673  1.00 43.25  ? 159 VAL A N   1 
ATOM   270  C CA  . VAL A 1 33  ? 15.229  13.557  -0.240  1.00 42.91  ? 159 VAL A CA  1 
ATOM   271  C C   . VAL A 1 33  ? 16.502  13.872  0.544   1.00 47.90  ? 159 VAL A C   1 
ATOM   272  O O   . VAL A 1 33  ? 17.386  14.558  0.043   1.00 46.27  ? 159 VAL A O   1 
ATOM   273  C CB  . VAL A 1 33  ? 15.288  12.390  -1.282  1.00 45.58  ? 159 VAL A CB  1 
ATOM   274  C CG1 . VAL A 1 33  ? 15.249  12.877  -2.713  1.00 45.43  ? 159 VAL A CG1 1 
ATOM   275  C CG2 . VAL A 1 33  ? 16.439  11.425  -1.038  1.00 44.99  ? 159 VAL A CG2 1 
ATOM   276  N N   . THR A 1 34  ? 16.517  13.476  1.812   1.00 46.51  ? 160 THR A N   1 
ATOM   277  C CA  . THR A 1 34  ? 17.622  13.743  2.723   1.00 48.16  ? 160 THR A CA  1 
ATOM   278  C C   . THR A 1 34  ? 18.235  12.438  3.228   1.00 57.36  ? 160 THR A C   1 
ATOM   279  O O   . THR A 1 34  ? 17.784  11.353  2.853   1.00 56.92  ? 160 THR A O   1 
ATOM   280  C CB  . THR A 1 34  ? 17.183  14.700  3.861   1.00 52.84  ? 160 THR A CB  1 
ATOM   281  O OG1 . THR A 1 34  ? 16.170  14.081  4.658   1.00 50.38  ? 160 THR A OG1 1 
ATOM   282  C CG2 . THR A 1 34  ? 16.710  16.068  3.354   1.00 48.90  ? 160 THR A CG2 1 
ATOM   283  N N   . ARG A 1 35  ? 19.264  12.542  4.069   1.00 58.19  ? 161 ARG A N   1 
ATOM   284  C CA  . ARG A 1 35  ? 19.930  11.372  4.622   1.00 59.91  ? 161 ARG A CA  1 
ATOM   285  C C   . ARG A 1 35  ? 19.999  11.413  6.149   1.00 66.60  ? 161 ARG A C   1 
ATOM   286  O O   . ARG A 1 35  ? 19.903  12.496  6.736   1.00 67.49  ? 161 ARG A O   1 
ATOM   287  C CB  . ARG A 1 35  ? 21.311  11.194  3.984   1.00 62.40  ? 161 ARG A CB  1 
ATOM   288  C CG  . ARG A 1 35  ? 21.609  9.746   3.675   1.00 75.62  ? 161 ARG A CG  1 
ATOM   289  C CD  . ARG A 1 35  ? 22.800  9.577   2.760   1.00 91.29  ? 161 ARG A CD  1 
ATOM   290  N NE  . ARG A 1 35  ? 23.072  8.155   2.545   1.00 107.72 ? 161 ARG A NE  1 
ATOM   291  C CZ  . ARG A 1 35  ? 22.738  7.477   1.449   1.00 124.79 ? 161 ARG A CZ  1 
ATOM   292  N NH1 . ARG A 1 35  ? 23.016  6.183   1.353   1.00 114.83 ? 161 ARG A NH1 1 
ATOM   293  N NH2 . ARG A 1 35  ? 22.141  8.092   0.435   1.00 109.01 ? 161 ARG A NH2 1 
ATOM   294  N N   . LYS A 1 36  ? 20.151  10.218  6.784   1.00 63.85  ? 162 LYS A N   1 
ATOM   295  C CA  . LYS A 1 36  ? 20.256  9.952   8.238   1.00 92.30  ? 162 LYS A CA  1 
ATOM   296  C C   . LYS A 1 36  ? 18.942  10.223  8.965   1.00 117.19 ? 162 LYS A C   1 
ATOM   297  O O   . LYS A 1 36  ? 18.182  9.292   9.227   1.00 78.97  ? 162 LYS A O   1 
ATOM   298  C CB  . LYS A 1 36  ? 21.434  10.692  8.927   1.00 94.68  ? 162 LYS A CB  1 
ATOM   299  C CG  . LYS A 1 36  ? 22.771  10.669  8.180   1.00 103.28 ? 162 LYS A CG  1 
ATOM   300  C CD  . LYS A 1 36  ? 23.184  12.083  7.767   1.00 109.63 ? 162 LYS A CD  1 
ATOM   301  C CE  . LYS A 1 36  ? 24.018  12.120  6.510   1.00 119.25 ? 162 LYS A CE  1 
ATOM   302  N NZ  . LYS A 1 36  ? 25.443  11.791  6.771   1.00 127.85 ? 162 LYS A NZ  1 
ATOM   303  N N   . GLU A 1 54  ? 18.153  2.651   0.578   1.00 72.21  ? 180 GLU A N   1 
ATOM   304  C CA  . GLU A 1 54  ? 19.065  2.575   1.694   1.00 70.74  ? 180 GLU A CA  1 
ATOM   305  C C   . GLU A 1 54  ? 18.342  3.095   2.902   1.00 73.05  ? 180 GLU A C   1 
ATOM   306  O O   . GLU A 1 54  ? 17.249  2.705   3.190   1.00 72.43  ? 180 GLU A O   1 
ATOM   307  C CB  . GLU A 1 54  ? 20.234  3.494   1.416   1.00 30.00  ? 180 GLU A CB  1 
ATOM   308  C CG  . GLU A 1 54  ? 21.431  2.829   0.797   1.00 30.00  ? 180 GLU A CG  1 
ATOM   309  C CD  . GLU A 1 54  ? 22.537  2.681   1.797   1.00 30.00  ? 180 GLU A CD  1 
ATOM   310  O OE1 . GLU A 1 54  ? 23.644  3.176   1.526   1.00 30.00  ? 180 GLU A OE1 1 
ATOM   311  O OE2 . GLU A 1 54  ? 22.276  2.090   2.854   1.00 30.00  ? 180 GLU A OE2 1 
ATOM   312  N N   . ASP A 1 55  ? 19.004  3.957   3.654   1.00 68.15  ? 181 ASP A N   1 
ATOM   313  C CA  . ASP A 1 55  ? 18.325  4.633   4.754   1.00 66.46  ? 181 ASP A CA  1 
ATOM   314  C C   . ASP A 1 55  ? 18.260  6.173   4.607   1.00 65.30  ? 181 ASP A C   1 
ATOM   315  O O   . ASP A 1 55  ? 18.655  6.962   5.479   1.00 64.47  ? 181 ASP A O   1 
ATOM   316  C CB  . ASP A 1 55  ? 18.628  4.083   6.149   1.00 68.73  ? 181 ASP A CB  1 
ATOM   317  C CG  . ASP A 1 55  ? 17.393  3.488   6.812   1.00 83.99  ? 181 ASP A CG  1 
ATOM   318  O OD1 . ASP A 1 55  ? 17.277  3.593   8.049   1.00 86.31  ? 181 ASP A OD1 1 
ATOM   319  O OD2 . ASP A 1 55  ? 16.533  2.933   6.085   1.00 90.56  ? 181 ASP A OD2 1 
ATOM   320  N N   . VAL A 1 56  ? 17.736  6.565   3.442   1.00 57.59  ? 182 VAL A N   1 
ATOM   321  C CA  . VAL A 1 56  ? 17.469  7.939   3.067   1.00 55.78  ? 182 VAL A CA  1 
ATOM   322  C C   . VAL A 1 56  ? 16.067  8.288   3.612   1.00 55.30  ? 182 VAL A C   1 
ATOM   323  O O   . VAL A 1 56  ? 15.256  7.386   3.881   1.00 53.51  ? 182 VAL A O   1 
ATOM   324  C CB  . VAL A 1 56  ? 17.610  8.158   1.537   1.00 59.61  ? 182 VAL A CB  1 
ATOM   325  C CG1 . VAL A 1 56  ? 18.813  7.401   0.982   1.00 59.65  ? 182 VAL A CG1 1 
ATOM   326  C CG2 . VAL A 1 56  ? 16.356  7.757   0.785   1.00 59.33  ? 182 VAL A CG2 1 
ATOM   327  N N   . ILE A 1 57  ? 15.819  9.581   3.840   1.00 48.73  ? 183 ILE A N   1 
ATOM   328  C CA  . ILE A 1 57  ? 14.527  10.058  4.312   1.00 46.30  ? 183 ILE A CA  1 
ATOM   329  C C   . ILE A 1 57  ? 13.832  10.752  3.139   1.00 45.52  ? 183 ILE A C   1 
ATOM   330  O O   . ILE A 1 57  ? 14.420  11.635  2.503   1.00 44.46  ? 183 ILE A O   1 
ATOM   331  C CB  . ILE A 1 57  ? 14.652  10.971  5.573   1.00 49.49  ? 183 ILE A CB  1 
ATOM   332  C CG1 . ILE A 1 57  ? 15.187  10.213  6.825   1.00 49.79  ? 183 ILE A CG1 1 
ATOM   333  C CG2 . ILE A 1 57  ? 13.359  11.766  5.869   1.00 49.87  ? 183 ILE A CG2 1 
ATOM   334  C CD1 . ILE A 1 57  ? 14.254  9.099   7.485   1.00 59.79  ? 183 ILE A CD1 1 
ATOM   335  N N   . TYR A 1 58  ? 12.588  10.324  2.839   1.00 37.05  ? 184 TYR A N   1 
ATOM   336  C CA  . TYR A 1 58  ? 11.767  10.942  1.807   1.00 34.44  ? 184 TYR A CA  1 
ATOM   337  C C   . TYR A 1 58  ? 10.814  11.948  2.462   1.00 39.36  ? 184 TYR A C   1 
ATOM   338  O O   . TYR A 1 58  ? 10.196  11.636  3.483   1.00 39.56  ? 184 TYR A O   1 
ATOM   339  C CB  . TYR A 1 58  ? 10.983  9.892   1.008   1.00 34.27  ? 184 TYR A CB  1 
ATOM   340  C CG  . TYR A 1 58  ? 11.893  9.051   0.150   1.00 35.83  ? 184 TYR A CG  1 
ATOM   341  C CD1 . TYR A 1 58  ? 12.506  9.585   -0.982  1.00 38.09  ? 184 TYR A CD1 1 
ATOM   342  C CD2 . TYR A 1 58  ? 12.195  7.735   0.499   1.00 35.39  ? 184 TYR A CD2 1 
ATOM   343  C CE1 . TYR A 1 58  ? 13.376  8.826   -1.759  1.00 41.31  ? 184 TYR A CE1 1 
ATOM   344  C CE2 . TYR A 1 58  ? 13.061  6.963   -0.275  1.00 35.66  ? 184 TYR A CE2 1 
ATOM   345  C CZ  . TYR A 1 58  ? 13.644  7.508   -1.411  1.00 46.14  ? 184 TYR A CZ  1 
ATOM   346  O OH  . TYR A 1 58  ? 14.493  6.757   -2.200  1.00 42.26  ? 184 TYR A OH  1 
ATOM   347  N N   . HIS A 1 59  ? 10.720  13.156  1.881   1.00 34.21  ? 185 HIS A N   1 
ATOM   348  C CA  . HIS A 1 59  ? 9.838   14.232  2.330   1.00 33.40  ? 185 HIS A CA  1 
ATOM   349  C C   . HIS A 1 59  ? 8.774   14.245  1.270   1.00 33.52  ? 185 HIS A C   1 
ATOM   350  O O   . HIS A 1 59  ? 9.092   14.408  0.091   1.00 32.48  ? 185 HIS A O   1 
ATOM   351  C CB  . HIS A 1 59  ? 10.595  15.582  2.441   1.00 35.41  ? 185 HIS A CB  1 
ATOM   352  C CG  . HIS A 1 59  ? 11.719  15.526  3.438   1.00 40.15  ? 185 HIS A CG  1 
ATOM   353  N ND1 . HIS A 1 59  ? 11.606  16.106  4.689   1.00 43.15  ? 185 HIS A ND1 1 
ATOM   354  C CD2 . HIS A 1 59  ? 12.911  14.886  3.365   1.00 41.61  ? 185 HIS A CD2 1 
ATOM   355  C CE1 . HIS A 1 59  ? 12.745  15.838  5.314   1.00 42.04  ? 185 HIS A CE1 1 
ATOM   356  N NE2 . HIS A 1 59  ? 13.552  15.096  4.562   1.00 41.56  ? 185 HIS A NE2 1 
ATOM   357  N N   . VAL A 1 60  ? 7.536   13.872  1.649   1.00 27.95  ? 186 VAL A N   1 
ATOM   358  C CA  . VAL A 1 60  ? 6.479   13.742  0.661   1.00 26.02  ? 186 VAL A CA  1 
ATOM   359  C C   . VAL A 1 60  ? 5.299   14.621  0.952   1.00 27.09  ? 186 VAL A C   1 
ATOM   360  O O   . VAL A 1 60  ? 5.009   14.957  2.103   1.00 26.80  ? 186 VAL A O   1 
ATOM   361  C CB  . VAL A 1 60  ? 6.036   12.249  0.420   1.00 28.08  ? 186 VAL A CB  1 
ATOM   362  C CG1 . VAL A 1 60  ? 7.235   11.334  0.194   1.00 26.63  ? 186 VAL A CG1 1 
ATOM   363  C CG2 . VAL A 1 60  ? 5.138   11.727  1.554   1.00 26.85  ? 186 VAL A CG2 1 
ATOM   364  N N   . LYS A 1 61  ? 4.561   14.889  -0.092  1.00 24.76  ? 187 LYS A N   1 
ATOM   365  C CA  . LYS A 1 61  ? 3.278   15.578  -0.031  1.00 24.84  ? 187 LYS A CA  1 
ATOM   366  C C   . LYS A 1 61  ? 2.231   14.612  -0.642  1.00 27.83  ? 187 LYS A C   1 
ATOM   367  O O   . LYS A 1 61  ? 2.539   13.912  -1.610  1.00 27.74  ? 187 LYS A O   1 
ATOM   368  C CB  . LYS A 1 61  ? 3.326   16.927  -0.776  1.00 25.18  ? 187 LYS A CB  1 
ATOM   369  C CG  . LYS A 1 61  ? 3.590   16.832  -2.271  1.00 25.59  ? 187 LYS A CG  1 
ATOM   370  C CD  . LYS A 1 61  ? 3.779   18.246  -2.846  1.00 36.26  ? 187 LYS A CD  1 
ATOM   371  C CE  . LYS A 1 61  ? 3.725   18.278  -4.347  1.00 40.81  ? 187 LYS A CE  1 
ATOM   372  N NZ  . LYS A 1 61  ? 3.981   19.656  -4.861  1.00 58.05  ? 187 LYS A NZ  1 
ATOM   373  N N   . TYR A 1 62  ? 1.044   14.535  -0.061  1.00 26.44  ? 188 TYR A N   1 
ATOM   374  C CA  . TYR A 1 62  ? 0.004   13.628  -0.598  1.00 27.38  ? 188 TYR A CA  1 
ATOM   375  C C   . TYR A 1 62  ? -0.835  14.343  -1.658  1.00 31.85  ? 188 TYR A C   1 
ATOM   376  O O   . TYR A 1 62  ? -1.267  15.474  -1.429  1.00 31.32  ? 188 TYR A O   1 
ATOM   377  C CB  . TYR A 1 62  ? -0.895  13.104  0.516   1.00 28.38  ? 188 TYR A CB  1 
ATOM   378  C CG  . TYR A 1 62  ? -0.190  12.233  1.533   1.00 29.98  ? 188 TYR A CG  1 
ATOM   379  C CD1 . TYR A 1 62  ? 0.140   12.726  2.796   1.00 33.30  ? 188 TYR A CD1 1 
ATOM   380  C CD2 . TYR A 1 62  ? 0.114   10.902  1.254   1.00 29.58  ? 188 TYR A CD2 1 
ATOM   381  C CE1 . TYR A 1 62  ? 0.759   11.914  3.753   1.00 33.39  ? 188 TYR A CE1 1 
ATOM   382  C CE2 . TYR A 1 62  ? 0.715   10.079  2.205   1.00 29.87  ? 188 TYR A CE2 1 
ATOM   383  C CZ  . TYR A 1 62  ? 1.021   10.585  3.459   1.00 37.92  ? 188 TYR A CZ  1 
ATOM   384  O OH  . TYR A 1 62  ? 1.590   9.762   4.402   1.00 42.38  ? 188 TYR A OH  1 
ATOM   385  N N   . ASP A 1 63  ? -1.047  13.682  -2.818  1.00 29.78  ? 189 ASP A N   1 
ATOM   386  C CA  . ASP A 1 63  ? -1.804  14.202  -3.958  1.00 30.91  ? 189 ASP A CA  1 
ATOM   387  C C   . ASP A 1 63  ? -3.160  14.742  -3.600  1.00 35.33  ? 189 ASP A C   1 
ATOM   388  O O   . ASP A 1 63  ? -3.486  15.838  -4.038  1.00 35.87  ? 189 ASP A O   1 
ATOM   389  C CB  . ASP A 1 63  ? -1.955  13.127  -5.055  1.00 32.63  ? 189 ASP A CB  1 
ATOM   390  C CG  . ASP A 1 63  ? -0.682  12.783  -5.777  1.00 40.52  ? 189 ASP A CG  1 
ATOM   391  O OD1 . ASP A 1 63  ? 0.393   13.250  -5.342  1.00 40.40  ? 189 ASP A OD1 1 
ATOM   392  O OD2 . ASP A 1 63  ? -0.749  12.016  -6.759  1.00 49.92  ? 189 ASP A OD2 1 
ATOM   393  N N   . ASP A 1 64  ? -3.933  14.005  -2.784  1.00 31.69  ? 190 ASP A N   1 
ATOM   394  C CA  . ASP A 1 64  ? -5.302  14.394  -2.397  1.00 31.90  ? 190 ASP A CA  1 
ATOM   395  C C   . ASP A 1 64  ? -5.430  14.962  -0.995  1.00 34.39  ? 190 ASP A C   1 
ATOM   396  O O   . ASP A 1 64  ? -6.542  15.317  -0.584  1.00 34.19  ? 190 ASP A O   1 
ATOM   397  C CB  . ASP A 1 64  ? -6.286  13.206  -2.609  1.00 33.57  ? 190 ASP A CB  1 
ATOM   398  C CG  . ASP A 1 64  ? -6.212  12.638  -4.025  1.00 40.70  ? 190 ASP A CG  1 
ATOM   399  O OD1 . ASP A 1 64  ? -6.089  13.441  -4.983  1.00 40.42  ? 190 ASP A OD1 1 
ATOM   400  O OD2 . ASP A 1 64  ? -6.188  11.391  -4.167  1.00 47.92  ? 190 ASP A OD2 1 
ATOM   401  N N   . TYR A 1 65  ? -4.304  15.033  -0.253  1.00 28.27  ? 191 TYR A N   1 
ATOM   402  C CA  . TYR A 1 65  ? -4.294  15.563  1.107   1.00 28.96  ? 191 TYR A CA  1 
ATOM   403  C C   . TYR A 1 65  ? -3.263  16.724  1.304   1.00 32.97  ? 191 TYR A C   1 
ATOM   404  O O   . TYR A 1 65  ? -2.371  16.584  2.148   1.00 32.88  ? 191 TYR A O   1 
ATOM   405  C CB  . TYR A 1 65  ? -4.131  14.417  2.157   1.00 31.10  ? 191 TYR A CB  1 
ATOM   406  C CG  . TYR A 1 65  ? -5.125  13.280  1.971   1.00 35.20  ? 191 TYR A CG  1 
ATOM   407  C CD1 . TYR A 1 65  ? -6.344  13.268  2.653   1.00 38.49  ? 191 TYR A CD1 1 
ATOM   408  C CD2 . TYR A 1 65  ? -4.877  12.251  1.058   1.00 34.98  ? 191 TYR A CD2 1 
ATOM   409  C CE1 . TYR A 1 65  ? -7.288  12.260  2.433   1.00 39.42  ? 191 TYR A CE1 1 
ATOM   410  C CE2 . TYR A 1 65  ? -5.797  11.225  0.852   1.00 35.22  ? 191 TYR A CE2 1 
ATOM   411  C CZ  . TYR A 1 65  ? -7.004  11.239  1.529   1.00 41.51  ? 191 TYR A CZ  1 
ATOM   412  O OH  . TYR A 1 65  ? -7.883  10.211  1.311   1.00 43.47  ? 191 TYR A OH  1 
ATOM   413  N N   . PRO A 1 66  ? -3.370  17.883  0.593   1.00 28.37  ? 192 PRO A N   1 
ATOM   414  C CA  . PRO A 1 66  ? -2.390  18.983  0.836   1.00 28.45  ? 192 PRO A CA  1 
ATOM   415  C C   . PRO A 1 66  ? -2.364  19.526  2.263   1.00 32.55  ? 192 PRO A C   1 
ATOM   416  O O   . PRO A 1 66  ? -1.327  20.018  2.710   1.00 32.94  ? 192 PRO A O   1 
ATOM   417  C CB  . PRO A 1 66  ? -2.807  20.084  -0.156  1.00 30.02  ? 192 PRO A CB  1 
ATOM   418  C CG  . PRO A 1 66  ? -4.276  19.770  -0.520  1.00 33.06  ? 192 PRO A CG  1 
ATOM   419  C CD  . PRO A 1 66  ? -4.342  18.248  -0.466  1.00 28.68  ? 192 PRO A CD  1 
ATOM   420  N N   . GLU A 1 67  ? -3.493  19.402  2.988   1.00 29.87  ? 193 GLU A N   1 
ATOM   421  C CA  . GLU A 1 67  ? -3.675  19.826  4.378   1.00 30.15  ? 193 GLU A CA  1 
ATOM   422  C C   . GLU A 1 67  ? -2.810  19.037  5.368   1.00 33.95  ? 193 GLU A C   1 
ATOM   423  O O   . GLU A 1 67  ? -2.649  19.457  6.521   1.00 32.43  ? 193 GLU A O   1 
ATOM   424  C CB  . GLU A 1 67  ? -5.174  19.767  4.775   1.00 32.30  ? 193 GLU A CB  1 
ATOM   425  C CG  . GLU A 1 67  ? -5.762  18.360  4.908   1.00 40.22  ? 193 GLU A CG  1 
ATOM   426  C CD  . GLU A 1 67  ? -6.314  17.707  3.648   1.00 47.81  ? 193 GLU A CD  1 
ATOM   427  O OE1 . GLU A 1 67  ? -7.002  16.671  3.785   1.00 49.00  ? 193 GLU A OE1 1 
ATOM   428  O OE2 . GLU A 1 67  ? -6.072  18.224  2.531   1.00 37.66  ? 193 GLU A OE2 1 
ATOM   429  N N   . ASN A 1 68  ? -2.233  17.909  4.917   1.00 30.99  ? 194 ASN A N   1 
ATOM   430  C CA  . ASN A 1 68  ? -1.362  17.078  5.757   1.00 30.57  ? 194 ASN A CA  1 
ATOM   431  C C   . ASN A 1 68  ? 0.089   17.553  5.685   1.00 32.19  ? 194 ASN A C   1 
ATOM   432  O O   . ASN A 1 68  ? 0.944   16.964  6.335   1.00 32.24  ? 194 ASN A O   1 
ATOM   433  C CB  . ASN A 1 68  ? -1.479  15.589  5.351   1.00 33.79  ? 194 ASN A CB  1 
ATOM   434  C CG  . ASN A 1 68  ? -2.765  14.900  5.751   1.00 50.46  ? 194 ASN A CG  1 
ATOM   435  O OD1 . ASN A 1 68  ? -3.676  15.475  6.353   1.00 43.04  ? 194 ASN A OD1 1 
ATOM   436  N ND2 . ASN A 1 68  ? -2.874  13.635  5.401   1.00 49.14  ? 194 ASN A ND2 1 
ATOM   437  N N   . GLY A 1 69  ? 0.348   18.590  4.882   1.00 28.40  ? 195 GLY A N   1 
ATOM   438  C CA  . GLY A 1 69  ? 1.664   19.195  4.711   1.00 27.50  ? 195 GLY A CA  1 
ATOM   439  C C   . GLY A 1 69  ? 2.710   18.335  4.018   1.00 31.21  ? 195 GLY A C   1 
ATOM   440  O O   . GLY A 1 69  ? 2.438   17.655  3.015   1.00 30.41  ? 195 GLY A O   1 
ATOM   441  N N   . VAL A 1 70  ? 3.939   18.416  4.517   1.00 28.61  ? 196 VAL A N   1 
ATOM   442  C CA  . VAL A 1 70  ? 5.067   17.629  3.993   1.00 28.46  ? 196 VAL A CA  1 
ATOM   443  C C   . VAL A 1 70  ? 5.486   16.676  5.115   1.00 32.98  ? 196 VAL A C   1 
ATOM   444  O O   . VAL A 1 70  ? 5.723   17.098  6.235   1.00 33.01  ? 196 VAL A O   1 
ATOM   445  C CB  . VAL A 1 70  ? 6.223   18.512  3.462   1.00 31.31  ? 196 VAL A CB  1 
ATOM   446  C CG1 . VAL A 1 70  ? 7.455   17.674  3.083   1.00 30.42  ? 196 VAL A CG1 1 
ATOM   447  C CG2 . VAL A 1 70  ? 5.751   19.331  2.269   1.00 30.54  ? 196 VAL A CG2 1 
ATOM   448  N N   . VAL A 1 71  ? 5.525   15.395  4.822   1.00 30.68  ? 197 VAL A N   1 
ATOM   449  C CA  . VAL A 1 71  ? 5.810   14.383  5.837   1.00 30.48  ? 197 VAL A CA  1 
ATOM   450  C C   . VAL A 1 71  ? 7.113   13.686  5.541   1.00 33.83  ? 197 VAL A C   1 
ATOM   451  O O   . VAL A 1 71  ? 7.370   13.308  4.397   1.00 33.49  ? 197 VAL A O   1 
ATOM   452  C CB  . VAL A 1 71  ? 4.596   13.391  5.939   1.00 34.72  ? 197 VAL A CB  1 
ATOM   453  C CG1 . VAL A 1 71  ? 4.815   12.325  7.022   1.00 34.73  ? 197 VAL A CG1 1 
ATOM   454  C CG2 . VAL A 1 71  ? 3.297   14.156  6.212   1.00 34.24  ? 197 VAL A CG2 1 
ATOM   455  N N   . GLN A 1 72  ? 7.933   13.502  6.578   1.00 31.80  ? 198 GLN A N   1 
ATOM   456  C CA  . GLN A 1 72  ? 9.198   12.768  6.450   1.00 33.20  ? 198 GLN A CA  1 
ATOM   457  C C   . GLN A 1 72  ? 8.835   11.290  6.531   1.00 37.17  ? 198 GLN A C   1 
ATOM   458  O O   . GLN A 1 72  ? 8.093   10.864  7.429   1.00 34.89  ? 198 GLN A O   1 
ATOM   459  C CB  . GLN A 1 72  ? 10.179  13.099  7.596   1.00 34.38  ? 198 GLN A CB  1 
ATOM   460  C CG  . GLN A 1 72  ? 10.627  14.537  7.629   1.00 59.15  ? 198 GLN A CG  1 
ATOM   461  C CD  . GLN A 1 72  ? 11.775  14.746  8.574   1.00 77.97  ? 198 GLN A CD  1 
ATOM   462  O OE1 . GLN A 1 72  ? 12.923  14.405  8.281   1.00 76.78  ? 198 GLN A OE1 1 
ATOM   463  N NE2 . GLN A 1 72  ? 11.489  15.341  9.718   1.00 69.20  ? 198 GLN A NE2 1 
ATOM   464  N N   . MET A 1 73  ? 9.361   10.526  5.593   1.00 36.21  ? 199 MET A N   1 
ATOM   465  C CA  . MET A 1 73  ? 9.097   9.096   5.472   1.00 36.83  ? 199 MET A CA  1 
ATOM   466  C C   . MET A 1 73  ? 10.367  8.298   5.490   1.00 39.11  ? 199 MET A C   1 
ATOM   467  O O   . MET A 1 73  ? 11.304  8.594   4.739   1.00 37.72  ? 199 MET A O   1 
ATOM   468  C CB  . MET A 1 73  ? 8.408   8.772   4.131   1.00 39.03  ? 199 MET A CB  1 
ATOM   469  C CG  . MET A 1 73  ? 7.234   9.669   3.783   1.00 43.62  ? 199 MET A CG  1 
ATOM   470  S SD  . MET A 1 73  ? 5.758   9.401   4.775   1.00 48.66  ? 199 MET A SD  1 
ATOM   471  C CE  . MET A 1 73  ? 5.478   7.756   4.435   1.00 43.57  ? 199 MET A CE  1 
ATOM   472  N N   . ASN A 1 74  ? 10.330  7.194   6.230   1.00 35.41  ? 200 ASN A N   1 
ATOM   473  C CA  . ASN A 1 74  ? 11.395  6.203   6.194   1.00 35.69  ? 200 ASN A CA  1 
ATOM   474  C C   . ASN A 1 74  ? 11.305  5.583   4.786   1.00 36.78  ? 200 ASN A C   1 
ATOM   475  O O   . ASN A 1 74  ? 10.198  5.470   4.235   1.00 35.02  ? 200 ASN A O   1 
ATOM   476  C CB  . ASN A 1 74  ? 11.146  5.123   7.255   1.00 41.35  ? 200 ASN A CB  1 
ATOM   477  C CG  . ASN A 1 74  ? 12.364  4.267   7.474   1.00 77.49  ? 200 ASN A CG  1 
ATOM   478  O OD1 . ASN A 1 74  ? 13.201  4.573   8.327   1.00 81.97  ? 200 ASN A OD1 1 
ATOM   479  N ND2 . ASN A 1 74  ? 12.538  3.227   6.655   1.00 64.86  ? 200 ASN A ND2 1 
ATOM   480  N N   . SER A 1 75  ? 12.451  5.224   4.195   1.00 33.58  ? 201 SER A N   1 
ATOM   481  C CA  . SER A 1 75  ? 12.534  4.622   2.855   1.00 34.85  ? 201 SER A CA  1 
ATOM   482  C C   . SER A 1 75  ? 11.647  3.347   2.653   1.00 39.32  ? 201 SER A C   1 
ATOM   483  O O   . SER A 1 75  ? 11.305  3.029   1.509   1.00 40.47  ? 201 SER A O   1 
ATOM   484  C CB  . SER A 1 75  ? 13.983  4.302   2.508   1.00 39.54  ? 201 SER A CB  1 
ATOM   485  O OG  . SER A 1 75  ? 14.525  3.340   3.397   1.00 51.14  ? 201 SER A OG  1 
ATOM   486  N N   . ARG A 1 76  ? 11.289  2.637   3.748   1.00 34.59  ? 202 ARG A N   1 
ATOM   487  C CA  . ARG A 1 76  ? 10.426  1.452   3.655   1.00 35.91  ? 202 ARG A CA  1 
ATOM   488  C C   . ARG A 1 76  ? 8.937   1.851   3.466   1.00 38.95  ? 202 ARG A C   1 
ATOM   489  O O   . ARG A 1 76  ? 8.124   1.012   3.085   1.00 35.80  ? 202 ARG A O   1 
ATOM   490  C CB  . ARG A 1 76  ? 10.609  0.505   4.866   1.00 37.18  ? 202 ARG A CB  1 
ATOM   491  C CG  . ARG A 1 76  ? 9.983   1.000   6.171   1.00 51.06  ? 202 ARG A CG  1 
ATOM   492  C CD  . ARG A 1 76  ? 10.154  -0.033  7.274   1.00 66.06  ? 202 ARG A CD  1 
ATOM   493  N NE  . ARG A 1 76  ? 9.789   0.492   8.591   1.00 80.99  ? 202 ARG A NE  1 
ATOM   494  C CZ  . ARG A 1 76  ? 10.638  1.084   9.428   1.00 97.63  ? 202 ARG A CZ  1 
ATOM   495  N NH1 . ARG A 1 76  ? 11.912  1.242   9.093   1.00 79.80  ? 202 ARG A NH1 1 
ATOM   496  N NH2 . ARG A 1 76  ? 10.217  1.530   10.604  1.00 89.13  ? 202 ARG A NH2 1 
ATOM   497  N N   . ASP A 1 77  ? 8.601   3.136   3.743   1.00 34.57  ? 203 ASP A N   1 
ATOM   498  C CA  . ASP A 1 77  ? 7.238   3.657   3.635   1.00 32.57  ? 203 ASP A CA  1 
ATOM   499  C C   . ASP A 1 77  ? 7.005   4.397   2.328   1.00 32.06  ? 203 ASP A C   1 
ATOM   500  O O   . ASP A 1 77  ? 6.013   5.119   2.191   1.00 29.76  ? 203 ASP A O   1 
ATOM   501  C CB  . ASP A 1 77  ? 6.903   4.514   4.864   1.00 34.09  ? 203 ASP A CB  1 
ATOM   502  C CG  . ASP A 1 77  ? 6.881   3.702   6.148   1.00 45.59  ? 203 ASP A CG  1 
ATOM   503  O OD1 . ASP A 1 77  ? 6.409   2.548   6.113   1.00 45.52  ? 203 ASP A OD1 1 
ATOM   504  O OD2 . ASP A 1 77  ? 7.292   4.234   7.189   1.00 50.25  ? 203 ASP A OD2 1 
ATOM   505  N N   . VAL A 1 78  ? 7.895   4.184   1.352   1.00 27.97  ? 204 VAL A N   1 
ATOM   506  C CA  . VAL A 1 78  ? 7.798   4.819   0.041   1.00 28.67  ? 204 VAL A CA  1 
ATOM   507  C C   . VAL A 1 78  ? 8.134   3.792   -1.011  1.00 34.23  ? 204 VAL A C   1 
ATOM   508  O O   . VAL A 1 78  ? 9.166   3.132   -0.900  1.00 35.32  ? 204 VAL A O   1 
ATOM   509  C CB  . VAL A 1 78  ? 8.717   6.094   -0.079  1.00 33.05  ? 204 VAL A CB  1 
ATOM   510  C CG1 . VAL A 1 78  ? 8.724   6.662   -1.503  1.00 32.12  ? 204 VAL A CG1 1 
ATOM   511  C CG2 . VAL A 1 78  ? 8.291   7.177   0.901   1.00 32.89  ? 204 VAL A CG2 1 
ATOM   512  N N   . ARG A 1 79  ? 7.310   3.709   -2.080  1.00 31.08  ? 205 ARG A N   1 
ATOM   513  C CA  . ARG A 1 79  ? 7.574   2.803   -3.194  1.00 30.49  ? 205 ARG A CA  1 
ATOM   514  C C   . ARG A 1 79  ? 6.985   3.320   -4.475  1.00 34.15  ? 205 ARG A C   1 
ATOM   515  O O   . ARG A 1 79  ? 6.211   4.270   -4.435  1.00 32.60  ? 205 ARG A O   1 
ATOM   516  C CB  . ARG A 1 79  ? 7.092   1.367   -2.872  1.00 30.53  ? 205 ARG A CB  1 
ATOM   517  C CG  . ARG A 1 79  ? 5.584   1.221   -2.646  1.00 30.18  ? 205 ARG A CG  1 
ATOM   518  C CD  . ARG A 1 79  ? 5.275   -0.143  -2.041  1.00 27.95  ? 205 ARG A CD  1 
ATOM   519  N NE  . ARG A 1 79  ? 3.833   -0.387  -2.030  1.00 32.81  ? 205 ARG A NE  1 
ATOM   520  C CZ  . ARG A 1 79  ? 3.212   -1.215  -1.199  1.00 39.38  ? 205 ARG A CZ  1 
ATOM   521  N NH1 . ARG A 1 79  ? 3.900   -1.910  -0.304  1.00 22.72  ? 205 ARG A NH1 1 
ATOM   522  N NH2 . ARG A 1 79  ? 1.896   -1.341  -1.244  1.00 34.26  ? 205 ARG A NH2 1 
ATOM   523  N N   . ALA A 1 80  ? 7.306   2.673   -5.628  1.00 33.34  ? 206 ALA A N   1 
ATOM   524  C CA  . ALA A 1 80  ? 6.723   3.049   -6.922  1.00 33.31  ? 206 ALA A CA  1 
ATOM   525  C C   . ALA A 1 80  ? 5.192   2.848   -6.851  1.00 38.57  ? 206 ALA A C   1 
ATOM   526  O O   . ALA A 1 80  ? 4.738   1.927   -6.161  1.00 38.47  ? 206 ALA A O   1 
ATOM   527  C CB  . ALA A 1 80  ? 7.312   2.176   -8.027  1.00 33.92  ? 206 ALA A CB  1 
ATOM   528  N N   . ARG A 1 81  ? 4.408   3.718   -7.515  1.00 34.24  ? 207 ARG A N   1 
ATOM   529  C CA  . ARG A 1 81  ? 2.941   3.635   -7.498  1.00 33.86  ? 207 ARG A CA  1 
ATOM   530  C C   . ARG A 1 81  ? 2.449   2.295   -8.007  1.00 35.67  ? 207 ARG A C   1 
ATOM   531  O O   . ARG A 1 81  ? 2.936   1.832   -9.027  1.00 34.26  ? 207 ARG A O   1 
ATOM   532  C CB  . ARG A 1 81  ? 2.317   4.707   -8.401  1.00 34.97  ? 207 ARG A CB  1 
ATOM   533  C CG  . ARG A 1 81  ? 2.492   6.092   -7.875  1.00 45.42  ? 207 ARG A CG  1 
ATOM   534  C CD  . ARG A 1 81  ? 1.173   6.669   -7.503  1.00 47.47  ? 207 ARG A CD  1 
ATOM   535  N NE  . ARG A 1 81  ? 1.371   8.019   -7.007  1.00 45.43  ? 207 ARG A NE  1 
ATOM   536  C CZ  . ARG A 1 81  ? 0.896   9.110   -7.582  1.00 47.97  ? 207 ARG A CZ  1 
ATOM   537  N NH1 . ARG A 1 81  ? 1.120   10.295  -7.045  1.00 33.33  ? 207 ARG A NH1 1 
ATOM   538  N NH2 . ARG A 1 81  ? 0.160   9.022   -8.682  1.00 39.65  ? 207 ARG A NH2 1 
ATOM   539  N N   . ALA A 1 82  ? 1.449   1.707   -7.341  1.00 32.70  ? 208 ALA A N   1 
ATOM   540  C CA  . ALA A 1 82  ? 0.833   0.443   -7.783  1.00 32.19  ? 208 ALA A CA  1 
ATOM   541  C C   . ALA A 1 82  ? 0.233   0.677   -9.184  1.00 37.31  ? 208 ALA A C   1 
ATOM   542  O O   . ALA A 1 82  ? -0.369  1.729   -9.414  1.00 37.00  ? 208 ALA A O   1 
ATOM   543  C CB  . ALA A 1 82  ? -0.265  0.036   -6.807  1.00 31.97  ? 208 ALA A CB  1 
ATOM   544  N N   . ARG A 1 83  ? 0.451   -0.245  -10.125 1.00 34.89  ? 209 ARG A N   1 
ATOM   545  C CA  . ARG A 1 83  ? -0.083  -0.081  -11.496 1.00 35.17  ? 209 ARG A CA  1 
ATOM   546  C C   . ARG A 1 83  ? -0.713  -1.365  -12.090 1.00 38.90  ? 209 ARG A C   1 
ATOM   547  O O   . ARG A 1 83  ? -1.573  -1.268  -12.962 1.00 36.84  ? 209 ARG A O   1 
ATOM   548  C CB  . ARG A 1 83  ? 0.998   0.459   -12.463 1.00 35.50  ? 209 ARG A CB  1 
ATOM   549  C CG  . ARG A 1 83  ? 2.255   -0.412  -12.539 1.00 46.64  ? 209 ARG A CG  1 
ATOM   550  C CD  . ARG A 1 83  ? 3.285   0.183   -13.484 1.00 57.70  ? 209 ARG A CD  1 
ATOM   551  N NE  . ARG A 1 83  ? 4.645   0.080   -12.950 1.00 74.99  ? 209 ARG A NE  1 
ATOM   552  C CZ  . ARG A 1 83  ? 5.209   0.969   -12.131 1.00 94.80  ? 209 ARG A CZ  1 
ATOM   553  N NH1 . ARG A 1 83  ? 6.453   0.790   -11.703 1.00 88.14  ? 209 ARG A NH1 1 
ATOM   554  N NH2 . ARG A 1 83  ? 4.531   2.040   -11.726 1.00 73.42  ? 209 ARG A NH2 1 
ATOM   555  N N   . THR A 1 84  ? -0.266  -2.553  -11.630 1.00 36.70  ? 210 THR A N   1 
ATOM   556  C CA  . THR A 1 84  ? -0.747  -3.834  -12.168 1.00 36.27  ? 210 THR A CA  1 
ATOM   557  C C   . THR A 1 84  ? -1.790  -4.508  -11.253 1.00 37.19  ? 210 THR A C   1 
ATOM   558  O O   . THR A 1 84  ? -1.523  -4.748  -10.071 1.00 35.56  ? 210 THR A O   1 
ATOM   559  C CB  . THR A 1 84  ? 0.452   -4.753  -12.446 1.00 43.55  ? 210 THR A CB  1 
ATOM   560  O OG1 . THR A 1 84  ? 1.498   -3.997  -13.069 1.00 45.09  ? 210 THR A OG1 1 
ATOM   561  C CG2 . THR A 1 84  ? 0.077   -5.978  -13.293 1.00 39.95  ? 210 THR A CG2 1 
ATOM   562  N N   . ILE A 1 85  ? -2.959  -4.821  -11.811 1.00 34.44  ? 211 ILE A N   1 
ATOM   563  C CA  . ILE A 1 85  ? -3.996  -5.548  -11.084 1.00 35.05  ? 211 ILE A CA  1 
ATOM   564  C C   . ILE A 1 85  ? -3.719  -7.049  -11.243 1.00 39.54  ? 211 ILE A C   1 
ATOM   565  O O   . ILE A 1 85  ? -3.582  -7.525  -12.366 1.00 39.88  ? 211 ILE A O   1 
ATOM   566  C CB  . ILE A 1 85  ? -5.432  -5.198  -11.578 1.00 38.15  ? 211 ILE A CB  1 
ATOM   567  C CG1 . ILE A 1 85  ? -5.854  -3.756  -11.202 1.00 38.85  ? 211 ILE A CG1 1 
ATOM   568  C CG2 . ILE A 1 85  ? -6.489  -6.247  -11.111 1.00 38.54  ? 211 ILE A CG2 1 
ATOM   569  C CD1 . ILE A 1 85  ? -6.416  -3.534  -9.803  1.00 42.08  ? 211 ILE A CD1 1 
ATOM   570  N N   . ILE A 1 86  ? -3.673  -7.800  -10.137 1.00 35.02  ? 212 ILE A N   1 
ATOM   571  C CA  . ILE A 1 86  ? -3.565  -9.267  -10.245 1.00 33.53  ? 212 ILE A CA  1 
ATOM   572  C C   . ILE A 1 86  ? -5.009  -9.752  -10.428 1.00 35.14  ? 212 ILE A C   1 
ATOM   573  O O   . ILE A 1 86  ? -5.850  -9.542  -9.542  1.00 33.78  ? 212 ILE A O   1 
ATOM   574  C CB  . ILE A 1 86  ? -2.886  -9.931  -9.023  1.00 35.62  ? 212 ILE A CB  1 
ATOM   575  C CG1 . ILE A 1 86  ? -1.485  -9.347  -8.810  1.00 34.83  ? 212 ILE A CG1 1 
ATOM   576  C CG2 . ILE A 1 86  ? -2.836  -11.475 -9.191  1.00 34.87  ? 212 ILE A CG2 1 
ATOM   577  C CD1 . ILE A 1 86  ? -1.000  -9.499  -7.476  1.00 36.92  ? 212 ILE A CD1 1 
ATOM   578  N N   . LYS A 1 87  ? -5.311  -10.315 -11.604 1.00 31.83  ? 213 LYS A N   1 
ATOM   579  C CA  . LYS A 1 87  ? -6.639  -10.858 -11.897 1.00 32.59  ? 213 LYS A CA  1 
ATOM   580  C C   . LYS A 1 87  ? -6.968  -11.999 -10.928 1.00 34.25  ? 213 LYS A C   1 
ATOM   581  O O   . LYS A 1 87  ? -6.060  -12.677 -10.449 1.00 32.24  ? 213 LYS A O   1 
ATOM   582  C CB  . LYS A 1 87  ? -6.713  -11.374 -13.344 1.00 35.69  ? 213 LYS A CB  1 
ATOM   583  C CG  . LYS A 1 87  ? -6.984  -10.244 -14.352 1.00 60.85  ? 213 LYS A CG  1 
ATOM   584  C CD  . LYS A 1 87  ? -6.684  -10.650 -15.803 1.00 72.72  ? 213 LYS A CD  1 
ATOM   585  C CE  . LYS A 1 87  ? -7.537  -9.893  -16.802 1.00 85.77  ? 213 LYS A CE  1 
ATOM   586  N NZ  . LYS A 1 87  ? -7.062  -8.500  -17.028 1.00 95.90  ? 213 LYS A NZ  1 
ATOM   587  N N   . TRP A 1 88  ? -8.263  -12.194 -10.665 1.00 32.48  ? 214 TRP A N   1 
ATOM   588  C CA  . TRP A 1 88  ? -8.787  -13.227 -9.786  1.00 33.15  ? 214 TRP A CA  1 
ATOM   589  C C   . TRP A 1 88  ? -8.129  -14.594 -10.013 1.00 37.70  ? 214 TRP A C   1 
ATOM   590  O O   . TRP A 1 88  ? -7.681  -15.211 -9.055  1.00 35.65  ? 214 TRP A O   1 
ATOM   591  C CB  . TRP A 1 88  ? -10.320 -13.313 -9.895  1.00 31.96  ? 214 TRP A CB  1 
ATOM   592  C CG  . TRP A 1 88  ? -10.874 -14.537 -9.213  1.00 32.49  ? 214 TRP A CG  1 
ATOM   593  C CD1 . TRP A 1 88  ? -11.172 -15.739 -9.797  1.00 35.07  ? 214 TRP A CD1 1 
ATOM   594  C CD2 . TRP A 1 88  ? -11.041 -14.723 -7.800  1.00 31.57  ? 214 TRP A CD2 1 
ATOM   595  N NE1 . TRP A 1 88  ? -11.542 -16.654 -8.831  1.00 34.20  ? 214 TRP A NE1 1 
ATOM   596  C CE2 . TRP A 1 88  ? -11.484 -16.054 -7.600  1.00 34.05  ? 214 TRP A CE2 1 
ATOM   597  C CE3 . TRP A 1 88  ? -10.910 -13.876 -6.681  1.00 32.45  ? 214 TRP A CE3 1 
ATOM   598  C CZ2 . TRP A 1 88  ? -11.785 -16.560 -6.334  1.00 32.05  ? 214 TRP A CZ2 1 
ATOM   599  C CZ3 . TRP A 1 88  ? -11.218 -14.380 -5.428  1.00 33.46  ? 214 TRP A CZ3 1 
ATOM   600  C CH2 . TRP A 1 88  ? -11.690 -15.699 -5.269  1.00 33.66  ? 214 TRP A CH2 1 
ATOM   601  N N   . GLN A 1 89  ? -8.026  -15.031 -11.283 1.00 36.88  ? 215 GLN A N   1 
ATOM   602  C CA  . GLN A 1 89  ? -7.450  -16.321 -11.690 1.00 36.71  ? 215 GLN A CA  1 
ATOM   603  C C   . GLN A 1 89  ? -5.983  -16.451 -11.264 1.00 39.09  ? 215 GLN A C   1 
ATOM   604  O O   . GLN A 1 89  ? -5.504  -17.566 -11.042 1.00 38.08  ? 215 GLN A O   1 
ATOM   605  C CB  . GLN A 1 89  ? -7.547  -16.520 -13.219 1.00 38.56  ? 215 GLN A CB  1 
ATOM   606  C CG  . GLN A 1 89  ? -8.877  -16.111 -13.860 1.00 60.17  ? 215 GLN A CG  1 
ATOM   607  C CD  . GLN A 1 89  ? -8.865  -14.673 -14.344 1.00 75.88  ? 215 GLN A CD  1 
ATOM   608  O OE1 . GLN A 1 89  ? -8.298  -14.344 -15.405 1.00 71.20  ? 215 GLN A OE1 1 
ATOM   609  N NE2 . GLN A 1 89  ? -9.521  -13.793 -13.592 1.00 55.62  ? 215 GLN A NE2 1 
ATOM   610  N N   . ASP A 1 90  ? -5.260  -15.318 -11.180 1.00 33.73  ? 216 ASP A N   1 
ATOM   611  C CA  . ASP A 1 90  ? -3.835  -15.322 -10.845 1.00 32.52  ? 216 ASP A CA  1 
ATOM   612  C C   . ASP A 1 90  ? -3.563  -15.128 -9.339  1.00 34.00  ? 216 ASP A C   1 
ATOM   613  O O   . ASP A 1 90  ? -2.417  -15.224 -8.923  1.00 35.73  ? 216 ASP A O   1 
ATOM   614  C CB  . ASP A 1 90  ? -3.096  -14.294 -11.724 1.00 34.81  ? 216 ASP A CB  1 
ATOM   615  C CG  . ASP A 1 90  ? -3.224  -14.553 -13.226 1.00 45.78  ? 216 ASP A CG  1 
ATOM   616  O OD1 . ASP A 1 90  ? -3.037  -15.715 -13.651 1.00 48.19  ? 216 ASP A OD1 1 
ATOM   617  O OD2 . ASP A 1 90  ? -3.494  -13.591 -13.974 1.00 48.36  ? 216 ASP A OD2 1 
ATOM   618  N N   . LEU A 1 91  ? -4.599  -14.848 -8.531  1.00 28.58  ? 217 LEU A N   1 
ATOM   619  C CA  . LEU A 1 91  ? -4.443  -14.699 -7.080  1.00 28.64  ? 217 LEU A CA  1 
ATOM   620  C C   . LEU A 1 91  ? -4.121  -16.042 -6.459  1.00 34.20  ? 217 LEU A C   1 
ATOM   621  O O   . LEU A 1 91  ? -4.705  -17.061 -6.838  1.00 33.59  ? 217 LEU A O   1 
ATOM   622  C CB  . LEU A 1 91  ? -5.696  -14.096 -6.422  1.00 28.19  ? 217 LEU A CB  1 
ATOM   623  C CG  . LEU A 1 91  ? -6.058  -12.628 -6.779  1.00 30.96  ? 217 LEU A CG  1 
ATOM   624  C CD1 . LEU A 1 91  ? -7.456  -12.284 -6.295  1.00 30.02  ? 217 LEU A CD1 1 
ATOM   625  C CD2 . LEU A 1 91  ? -5.082  -11.670 -6.153  1.00 31.49  ? 217 LEU A CD2 1 
ATOM   626  N N   . GLU A 1 92  ? -3.148  -16.060 -5.550  1.00 32.34  ? 218 GLU A N   1 
ATOM   627  C CA  . GLU A 1 92  ? -2.723  -17.285 -4.882  1.00 32.41  ? 218 GLU A CA  1 
ATOM   628  C C   . GLU A 1 92  ? -2.561  -17.047 -3.404  1.00 35.33  ? 218 GLU A C   1 
ATOM   629  O O   . GLU A 1 92  ? -2.095  -15.987 -2.998  1.00 36.67  ? 218 GLU A O   1 
ATOM   630  C CB  . GLU A 1 92  ? -1.392  -17.819 -5.454  1.00 33.76  ? 218 GLU A CB  1 
ATOM   631  C CG  . GLU A 1 92  ? -1.504  -18.383 -6.859  1.00 53.68  ? 218 GLU A CG  1 
ATOM   632  C CD  . GLU A 1 92  ? -0.250  -19.013 -7.438  1.00 87.95  ? 218 GLU A CD  1 
ATOM   633  O OE1 . GLU A 1 92  ? 0.866   -18.513 -7.159  1.00 86.05  ? 218 GLU A OE1 1 
ATOM   634  O OE2 . GLU A 1 92  ? -0.392  -19.983 -8.218  1.00 89.22  ? 218 GLU A OE2 1 
ATOM   635  N N   . VAL A 1 93  ? -2.879  -18.062 -2.607  1.00 29.50  ? 219 VAL A N   1 
ATOM   636  C CA  . VAL A 1 93  ? -2.680  -18.074 -1.163  1.00 29.17  ? 219 VAL A CA  1 
ATOM   637  C C   . VAL A 1 93  ? -1.156  -17.829 -0.937  1.00 33.73  ? 219 VAL A C   1 
ATOM   638  O O   . VAL A 1 93  ? -0.332  -18.373 -1.663  1.00 32.73  ? 219 VAL A O   1 
ATOM   639  C CB  . VAL A 1 93  ? -3.185  -19.421 -0.550  1.00 31.72  ? 219 VAL A CB  1 
ATOM   640  C CG1 . VAL A 1 93  ? -2.719  -19.579 0.890   1.00 31.08  ? 219 VAL A CG1 1 
ATOM   641  C CG2 . VAL A 1 93  ? -4.712  -19.517 -0.621  1.00 30.62  ? 219 VAL A CG2 1 
ATOM   642  N N   . GLY A 1 94  ? -0.822  -16.924 -0.032  1.00 32.16  ? 220 GLY A N   1 
ATOM   643  C CA  . GLY A 1 94  ? 0.571   -16.602 0.248   1.00 32.17  ? 220 GLY A CA  1 
ATOM   644  C C   . GLY A 1 94  ? 1.131   -15.392 -0.464  1.00 34.73  ? 220 GLY A C   1 
ATOM   645  O O   . GLY A 1 94  ? 2.183   -14.891 -0.060  1.00 32.90  ? 220 GLY A O   1 
ATOM   646  N N   . GLN A 1 95  ? 0.434   -14.890 -1.506  1.00 31.92  ? 221 GLN A N   1 
ATOM   647  C CA  . GLN A 1 95  ? 0.880   -13.680 -2.193  1.00 31.98  ? 221 GLN A CA  1 
ATOM   648  C C   . GLN A 1 95  ? 0.677   -12.480 -1.273  1.00 32.08  ? 221 GLN A C   1 
ATOM   649  O O   . GLN A 1 95  ? -0.345  -12.405 -0.601  1.00 29.79  ? 221 GLN A O   1 
ATOM   650  C CB  . GLN A 1 95  ? 0.055   -13.433 -3.461  1.00 33.36  ? 221 GLN A CB  1 
ATOM   651  C CG  . GLN A 1 95  ? 0.489   -14.209 -4.695  1.00 32.15  ? 221 GLN A CG  1 
ATOM   652  C CD  . GLN A 1 95  ? -0.537  -14.027 -5.780  1.00 43.58  ? 221 GLN A CD  1 
ATOM   653  O OE1 . GLN A 1 95  ? -1.642  -13.510 -5.548  1.00 31.09  ? 221 GLN A OE1 1 
ATOM   654  N NE2 . GLN A 1 95  ? -0.202  -14.433 -6.994  1.00 42.17  ? 221 GLN A NE2 1 
ATOM   655  N N   . VAL A 1 96  ? 1.648   -11.552 -1.255  1.00 29.31  ? 222 VAL A N   1 
ATOM   656  C CA  . VAL A 1 96  ? 1.576   -10.286 -0.516  1.00 28.76  ? 222 VAL A CA  1 
ATOM   657  C C   . VAL A 1 96  ? 1.250   -9.219  -1.552  1.00 30.65  ? 222 VAL A C   1 
ATOM   658  O O   . VAL A 1 96  ? 1.990   -8.995  -2.508  1.00 28.83  ? 222 VAL A O   1 
ATOM   659  C CB  . VAL A 1 96  ? 2.794   -9.946  0.380   1.00 32.66  ? 222 VAL A CB  1 
ATOM   660  C CG1 . VAL A 1 96  ? 2.671   -8.518  0.970   1.00 31.86  ? 222 VAL A CG1 1 
ATOM   661  C CG2 . VAL A 1 96  ? 2.929   -10.981 1.511   1.00 31.42  ? 222 VAL A CG2 1 
ATOM   662  N N   . VAL A 1 97  ? 0.088   -8.619  -1.378  1.00 27.19  ? 223 VAL A N   1 
ATOM   663  C CA  . VAL A 1 97  ? -0.501  -7.689  -2.327  1.00 25.88  ? 223 VAL A CA  1 
ATOM   664  C C   . VAL A 1 97  ? -0.992  -6.447  -1.600  1.00 27.17  ? 223 VAL A C   1 
ATOM   665  O O   . VAL A 1 97  ? -1.024  -6.419  -0.364  1.00 24.76  ? 223 VAL A O   1 
ATOM   666  C CB  . VAL A 1 97  ? -1.698  -8.398  -3.039  1.00 29.13  ? 223 VAL A CB  1 
ATOM   667  C CG1 . VAL A 1 97  ? -1.232  -9.604  -3.851  1.00 29.08  ? 223 VAL A CG1 1 
ATOM   668  C CG2 . VAL A 1 97  ? -2.784  -8.804  -2.035  1.00 28.84  ? 223 VAL A CG2 1 
ATOM   669  N N   . MET A 1 98  ? -1.445  -5.457  -2.381  1.00 23.30  ? 224 MET A N   1 
ATOM   670  C CA  . MET A 1 98  ? -2.066  -4.252  -1.860  1.00 23.50  ? 224 MET A CA  1 
ATOM   671  C C   . MET A 1 98  ? -3.518  -4.307  -2.314  1.00 26.86  ? 224 MET A C   1 
ATOM   672  O O   . MET A 1 98  ? -3.782  -4.409  -3.510  1.00 25.70  ? 224 MET A O   1 
ATOM   673  C CB  . MET A 1 98  ? -1.361  -2.966  -2.350  1.00 25.63  ? 224 MET A CB  1 
ATOM   674  C CG  . MET A 1 98  ? -1.977  -1.724  -1.710  1.00 27.86  ? 224 MET A CG  1 
ATOM   675  S SD  . MET A 1 98  ? -1.349  -0.133  -2.315  1.00 29.44  ? 224 MET A SD  1 
ATOM   676  C CE  . MET A 1 98  ? -2.236  0.029   -3.839  1.00 24.58  ? 224 MET A CE  1 
ATOM   677  N N   . LEU A 1 99  ? -4.456  -4.243  -1.364  1.00 23.55  ? 225 LEU A N   1 
ATOM   678  C CA  . LEU A 1 99  ? -5.880  -4.392  -1.680  1.00 22.74  ? 225 LEU A CA  1 
ATOM   679  C C   . LEU A 1 99  ? -6.728  -3.411  -0.881  1.00 26.64  ? 225 LEU A C   1 
ATOM   680  O O   . LEU A 1 99  ? -6.231  -2.747  0.030   1.00 25.13  ? 225 LEU A O   1 
ATOM   681  C CB  . LEU A 1 99  ? -6.324  -5.888  -1.470  1.00 21.62  ? 225 LEU A CB  1 
ATOM   682  C CG  . LEU A 1 99  ? -5.876  -6.582  -0.153  1.00 24.18  ? 225 LEU A CG  1 
ATOM   683  C CD1 . LEU A 1 99  ? -6.571  -5.992  1.039   1.00 22.57  ? 225 LEU A CD1 1 
ATOM   684  C CD2 . LEU A 1 99  ? -6.110  -8.105  -0.203  1.00 24.82  ? 225 LEU A CD2 1 
ATOM   685  N N   . ASN A 1 100 ? -7.997  -3.302  -1.231  1.00 24.77  ? 226 ASN A N   1 
ATOM   686  C CA  . ASN A 1 100 ? -8.868  -2.376  -0.545  1.00 24.66  ? 226 ASN A CA  1 
ATOM   687  C C   . ASN A 1 100 ? -9.647  -3.055  0.560   1.00 30.73  ? 226 ASN A C   1 
ATOM   688  O O   . ASN A 1 100 ? -10.345 -4.065  0.328   1.00 27.69  ? 226 ASN A O   1 
ATOM   689  C CB  . ASN A 1 100 ? -9.807  -1.673  -1.530  1.00 24.80  ? 226 ASN A CB  1 
ATOM   690  C CG  . ASN A 1 100 ? -10.477 -0.464  -0.929  1.00 37.67  ? 226 ASN A CG  1 
ATOM   691  O OD1 . ASN A 1 100 ? -11.426 -0.564  -0.134  1.00 30.57  ? 226 ASN A OD1 1 
ATOM   692  N ND2 . ASN A 1 100 ? -10.005 0.700   -1.314  1.00 31.92  ? 226 ASN A ND2 1 
ATOM   693  N N   . TYR A 1 101 ? -9.540  -2.473  1.769   1.00 29.28  ? 227 TYR A N   1 
ATOM   694  C CA  . TYR A 1 101 ? -10.212 -2.985  2.951   1.00 29.79  ? 227 TYR A CA  1 
ATOM   695  C C   . TYR A 1 101 ? -10.641 -1.850  3.878   1.00 36.51  ? 227 TYR A C   1 
ATOM   696  O O   . TYR A 1 101 ? -9.990  -0.802  3.931   1.00 36.26  ? 227 TYR A O   1 
ATOM   697  C CB  . TYR A 1 101 ? -9.320  -4.024  3.680   1.00 29.71  ? 227 TYR A CB  1 
ATOM   698  C CG  . TYR A 1 101 ? -10.028 -4.755  4.804   1.00 31.71  ? 227 TYR A CG  1 
ATOM   699  C CD1 . TYR A 1 101 ? -11.108 -5.605  4.544   1.00 34.03  ? 227 TYR A CD1 1 
ATOM   700  C CD2 . TYR A 1 101 ? -9.652  -4.565  6.132   1.00 31.87  ? 227 TYR A CD2 1 
ATOM   701  C CE1 . TYR A 1 101 ? -11.785 -6.251  5.576   1.00 32.18  ? 227 TYR A CE1 1 
ATOM   702  C CE2 . TYR A 1 101 ? -10.309 -5.223  7.171   1.00 32.51  ? 227 TYR A CE2 1 
ATOM   703  C CZ  . TYR A 1 101 ? -11.385 -6.055  6.888   1.00 38.32  ? 227 TYR A CZ  1 
ATOM   704  O OH  . TYR A 1 101 ? -12.015 -6.732  7.896   1.00 38.36  ? 227 TYR A OH  1 
ATOM   705  N N   . ASN A 1 102 ? -11.767 -2.045  4.573   1.00 33.08  ? 228 ASN A N   1 
ATOM   706  C CA  . ASN A 1 102 ? -12.274 -1.088  5.545   1.00 32.48  ? 228 ASN A CA  1 
ATOM   707  C C   . ASN A 1 102 ? -12.367 -1.797  6.919   1.00 37.66  ? 228 ASN A C   1 
ATOM   708  O O   . ASN A 1 102 ? -13.284 -2.572  7.161   1.00 35.20  ? 228 ASN A O   1 
ATOM   709  C CB  . ASN A 1 102 ? -13.595 -0.485  5.081   1.00 29.90  ? 228 ASN A CB  1 
ATOM   710  C CG  . ASN A 1 102 ? -14.081 0.692   5.892   1.00 40.67  ? 228 ASN A CG  1 
ATOM   711  O OD1 . ASN A 1 102 ? -14.001 0.735   7.117   1.00 42.77  ? 228 ASN A OD1 1 
ATOM   712  N ND2 . ASN A 1 102 ? -14.689 1.632   5.221   1.00 33.34  ? 228 ASN A ND2 1 
ATOM   713  N N   . PRO A 1 103 ? -11.371 -1.621  7.798   1.00 38.05  ? 229 PRO A N   1 
ATOM   714  C CA  . PRO A 1 103 ? -11.396 -2.350  9.078   1.00 39.50  ? 229 PRO A CA  1 
ATOM   715  C C   . PRO A 1 103 ? -12.595 -2.060  9.985   1.00 47.87  ? 229 PRO A C   1 
ATOM   716  O O   . PRO A 1 103 ? -13.084 -2.983  10.622  1.00 48.26  ? 229 PRO A O   1 
ATOM   717  C CB  . PRO A 1 103 ? -10.060 -1.988  9.726   1.00 41.28  ? 229 PRO A CB  1 
ATOM   718  C CG  . PRO A 1 103 ? -9.197  -1.483  8.574   1.00 45.47  ? 229 PRO A CG  1 
ATOM   719  C CD  . PRO A 1 103 ? -10.165 -0.779  7.682   1.00 39.76  ? 229 PRO A CD  1 
ATOM   720  N N   . ASP A 1 104 ? -13.098 -0.819  9.999   1.00 46.70  ? 230 ASP A N   1 
ATOM   721  C CA  . ASP A 1 104 ? -14.238 -0.442  10.836  1.00 47.54  ? 230 ASP A CA  1 
ATOM   722  C C   . ASP A 1 104 ? -15.559 -0.928  10.245  1.00 53.86  ? 230 ASP A C   1 
ATOM   723  O O   . ASP A 1 104 ? -16.421 -1.397  10.991  1.00 55.86  ? 230 ASP A O   1 
ATOM   724  C CB  . ASP A 1 104 ? -14.257 1.076   11.092  1.00 49.21  ? 230 ASP A CB  1 
ATOM   725  C CG  . ASP A 1 104 ? -13.044 1.609   11.845  1.00 64.78  ? 230 ASP A CG  1 
ATOM   726  O OD1 . ASP A 1 104 ? -12.654 0.991   12.867  1.00 66.02  ? 230 ASP A OD1 1 
ATOM   727  O OD2 . ASP A 1 104 ? -12.497 2.651   11.427  1.00 74.01  ? 230 ASP A OD2 1 
ATOM   728  N N   . ASN A 1 105 ? -15.717 -0.816  8.912   1.00 48.46  ? 231 ASN A N   1 
ATOM   729  C CA  . ASN A 1 105 ? -16.906 -1.256  8.182   1.00 46.82  ? 231 ASN A CA  1 
ATOM   730  C C   . ASN A 1 105 ? -16.468 -2.236  7.072   1.00 46.24  ? 231 ASN A C   1 
ATOM   731  O O   . ASN A 1 105 ? -16.377 -1.839  5.911   1.00 44.64  ? 231 ASN A O   1 
ATOM   732  C CB  . ASN A 1 105 ? -17.683 -0.051  7.650   1.00 46.70  ? 231 ASN A CB  1 
ATOM   733  C CG  . ASN A 1 105 ? -18.039 0.942   8.743   1.00 73.09  ? 231 ASN A CG  1 
ATOM   734  O OD1 . ASN A 1 105 ? -18.943 0.717   9.558   1.00 72.16  ? 231 ASN A OD1 1 
ATOM   735  N ND2 . ASN A 1 105 ? -17.289 2.034   8.825   1.00 60.34  ? 231 ASN A ND2 1 
ATOM   736  N N   . PRO A 1 106 ? -16.196 -3.521  7.430   1.00 41.35  ? 232 PRO A N   1 
ATOM   737  C CA  . PRO A 1 106 ? -15.670 -4.489  6.441   1.00 40.86  ? 232 PRO A CA  1 
ATOM   738  C C   . PRO A 1 106 ? -16.417 -4.753  5.149   1.00 44.27  ? 232 PRO A C   1 
ATOM   739  O O   . PRO A 1 106 ? -15.814 -5.299  4.220   1.00 43.88  ? 232 PRO A O   1 
ATOM   740  C CB  . PRO A 1 106 ? -15.453 -5.766  7.261   1.00 42.60  ? 232 PRO A CB  1 
ATOM   741  C CG  . PRO A 1 106 ? -15.265 -5.280  8.663   1.00 47.11  ? 232 PRO A CG  1 
ATOM   742  C CD  . PRO A 1 106 ? -16.231 -4.125  8.779   1.00 42.30  ? 232 PRO A CD  1 
ATOM   743  N N   . LYS A 1 107 ? -17.685 -4.359  5.061   1.00 40.95  ? 233 LYS A N   1 
ATOM   744  C CA  . LYS A 1 107 ? -18.459 -4.567  3.840   1.00 41.83  ? 233 LYS A CA  1 
ATOM   745  C C   . LYS A 1 107 ? -18.321 -3.386  2.897   1.00 45.95  ? 233 LYS A C   1 
ATOM   746  O O   . LYS A 1 107 ? -18.650 -3.486  1.709   1.00 45.87  ? 233 LYS A O   1 
ATOM   747  C CB  . LYS A 1 107 ? -19.942 -4.860  4.158   1.00 45.67  ? 233 LYS A CB  1 
ATOM   748  C CG  . LYS A 1 107 ? -20.193 -6.296  4.597   1.00 62.08  ? 233 LYS A CG  1 
ATOM   749  C CD  . LYS A 1 107 ? -21.643 -6.511  5.018   1.00 76.29  ? 233 LYS A CD  1 
ATOM   750  C CE  . LYS A 1 107 ? -22.004 -7.974  5.132   1.00 91.74  ? 233 LYS A CE  1 
ATOM   751  N NZ  . LYS A 1 107 ? -22.133 -8.623  3.797   1.00 100.66 ? 233 LYS A NZ  1 
ATOM   752  N N   . GLU A 1 108 ? -17.814 -2.269  3.423   1.00 43.66  ? 234 GLU A N   1 
ATOM   753  C CA  . GLU A 1 108 ? -17.656 -1.042  2.650   1.00 43.42  ? 234 GLU A CA  1 
ATOM   754  C C   . GLU A 1 108 ? -16.265 -0.867  2.061   1.00 44.87  ? 234 GLU A C   1 
ATOM   755  O O   . GLU A 1 108 ? -15.307 -1.528  2.468   1.00 43.32  ? 234 GLU A O   1 
ATOM   756  C CB  . GLU A 1 108 ? -17.993 0.169   3.539   1.00 44.92  ? 234 GLU A CB  1 
ATOM   757  C CG  . GLU A 1 108 ? -19.481 0.397   3.736   1.00 61.42  ? 234 GLU A CG  1 
ATOM   758  C CD  . GLU A 1 108 ? -19.807 1.384   4.843   1.00 101.50 ? 234 GLU A CD  1 
ATOM   759  O OE1 . GLU A 1 108 ? -20.406 0.959   5.858   1.00 108.53 ? 234 GLU A OE1 1 
ATOM   760  O OE2 . GLU A 1 108 ? -19.453 2.579   4.704   1.00 103.24 ? 234 GLU A OE2 1 
ATOM   761  N N   . ARG A 1 109 ? -16.174 0.078   1.124   1.00 40.62  ? 235 ARG A N   1 
ATOM   762  C CA  . ARG A 1 109 ? -14.971 0.590   0.501   1.00 39.30  ? 235 ARG A CA  1 
ATOM   763  C C   . ARG A 1 109 ? -14.118 1.222   1.605   1.00 38.88  ? 235 ARG A C   1 
ATOM   764  O O   . ARG A 1 109 ? -14.656 1.864   2.518   1.00 38.68  ? 235 ARG A O   1 
ATOM   765  C CB  . ARG A 1 109 ? -15.371 1.684   -0.497  1.00 40.02  ? 235 ARG A CB  1 
ATOM   766  C CG  . ARG A 1 109 ? -14.296 2.039   -1.496  1.00 53.88  ? 235 ARG A CG  1 
ATOM   767  C CD  . ARG A 1 109 ? -14.321 1.077   -2.653  1.00 59.61  ? 235 ARG A CD  1 
ATOM   768  N NE  . ARG A 1 109 ? -13.100 1.192   -3.432  1.00 57.14  ? 235 ARG A NE  1 
ATOM   769  C CZ  . ARG A 1 109 ? -12.821 0.449   -4.493  1.00 59.98  ? 235 ARG A CZ  1 
ATOM   770  N NH1 . ARG A 1 109 ? -13.679 -0.473  -4.911  1.00 47.44  ? 235 ARG A NH1 1 
ATOM   771  N NH2 . ARG A 1 109 ? -11.683 0.623   -5.148  1.00 38.16  ? 235 ARG A NH2 1 
ATOM   772  N N   . GLY A 1 110 ? -12.810 1.004   1.541   1.00 32.96  ? 236 GLY A N   1 
ATOM   773  C CA  . GLY A 1 110 ? -11.895 1.570   2.523   1.00 33.15  ? 236 GLY A CA  1 
ATOM   774  C C   . GLY A 1 110 ? -10.631 2.103   1.892   1.00 38.28  ? 236 GLY A C   1 
ATOM   775  O O   . GLY A 1 110 ? -10.677 2.678   0.808   1.00 39.74  ? 236 GLY A O   1 
ATOM   776  N N   . PHE A 1 111 ? -9.486  1.833   2.536   1.00 33.91  ? 237 PHE A N   1 
ATOM   777  C CA  . PHE A 1 111 ? -8.158  2.259   2.097   1.00 33.65  ? 237 PHE A CA  1 
ATOM   778  C C   . PHE A 1 111 ? -7.326  1.093   1.527   1.00 34.89  ? 237 PHE A C   1 
ATOM   779  O O   . PHE A 1 111 ? -7.768  -0.059  1.576   1.00 33.48  ? 237 PHE A O   1 
ATOM   780  C CB  . PHE A 1 111 ? -7.446  3.000   3.245   1.00 35.91  ? 237 PHE A CB  1 
ATOM   781  C CG  . PHE A 1 111 ? -8.156  4.295   3.591   1.00 39.46  ? 237 PHE A CG  1 
ATOM   782  C CD1 . PHE A 1 111 ? -8.013  5.423   2.791   1.00 43.12  ? 237 PHE A CD1 1 
ATOM   783  C CD2 . PHE A 1 111 ? -9.029  4.363   4.670   1.00 45.02  ? 237 PHE A CD2 1 
ATOM   784  C CE1 . PHE A 1 111 ? -8.697  6.610   3.086   1.00 45.08  ? 237 PHE A CE1 1 
ATOM   785  C CE2 . PHE A 1 111 ? -9.703  5.557   4.973   1.00 48.85  ? 237 PHE A CE2 1 
ATOM   786  C CZ  . PHE A 1 111 ? -9.522  6.675   4.182   1.00 46.15  ? 237 PHE A CZ  1 
ATOM   787  N N   . TRP A 1 112 ? -6.132  1.399   1.005   1.00 28.38  ? 238 TRP A N   1 
ATOM   788  C CA  . TRP A 1 112 ? -5.226  0.438   0.376   1.00 26.83  ? 238 TRP A CA  1 
ATOM   789  C C   . TRP A 1 112 ? -4.176  -0.001  1.356   1.00 29.70  ? 238 TRP A C   1 
ATOM   790  O O   . TRP A 1 112 ? -3.359  0.806   1.820   1.00 26.94  ? 238 TRP A O   1 
ATOM   791  C CB  . TRP A 1 112 ? -4.647  1.001   -0.928  1.00 25.73  ? 238 TRP A CB  1 
ATOM   792  C CG  . TRP A 1 112 ? -5.729  1.277   -1.938  1.00 27.00  ? 238 TRP A CG  1 
ATOM   793  C CD1 . TRP A 1 112 ? -6.506  2.399   -2.015  1.00 30.22  ? 238 TRP A CD1 1 
ATOM   794  C CD2 . TRP A 1 112 ? -6.316  0.321   -2.841  1.00 26.75  ? 238 TRP A CD2 1 
ATOM   795  N NE1 . TRP A 1 112 ? -7.473  2.240   -2.990  1.00 29.70  ? 238 TRP A NE1 1 
ATOM   796  C CE2 . TRP A 1 112 ? -7.356  0.985   -3.538  1.00 30.76  ? 238 TRP A CE2 1 
ATOM   797  C CE3 . TRP A 1 112 ? -6.040  -1.028  -3.155  1.00 27.32  ? 238 TRP A CE3 1 
ATOM   798  C CZ2 . TRP A 1 112 ? -8.114  0.352   -4.540  1.00 29.41  ? 238 TRP A CZ2 1 
ATOM   799  C CZ3 . TRP A 1 112 ? -6.775  -1.648  -4.153  1.00 28.33  ? 238 TRP A CZ3 1 
ATOM   800  C CH2 . TRP A 1 112 ? -7.812  -0.968  -4.826  1.00 29.01  ? 238 TRP A CH2 1 
ATOM   801  N N   . TYR A 1 113 ? -4.230  -1.296  1.722   1.00 25.10  ? 239 TYR A N   1 
ATOM   802  C CA  . TYR A 1 113 ? -3.331  -1.892  2.713   1.00 23.51  ? 239 TYR A CA  1 
ATOM   803  C C   . TYR A 1 113 ? -2.618  -3.042  2.102   1.00 27.74  ? 239 TYR A C   1 
ATOM   804  O O   . TYR A 1 113 ? -3.163  -3.700  1.208   1.00 27.92  ? 239 TYR A O   1 
ATOM   805  C CB  . TYR A 1 113 ? -4.140  -2.449  3.906   1.00 23.55  ? 239 TYR A CB  1 
ATOM   806  C CG  . TYR A 1 113 ? -4.908  -1.416  4.697   1.00 24.93  ? 239 TYR A CG  1 
ATOM   807  C CD1 . TYR A 1 113 ? -4.311  -0.734  5.752   1.00 26.27  ? 239 TYR A CD1 1 
ATOM   808  C CD2 . TYR A 1 113 ? -6.244  -1.164  4.430   1.00 26.05  ? 239 TYR A CD2 1 
ATOM   809  C CE1 . TYR A 1 113 ? -5.006  0.228   6.476   1.00 26.75  ? 239 TYR A CE1 1 
ATOM   810  C CE2 . TYR A 1 113 ? -6.963  -0.222  5.164   1.00 27.90  ? 239 TYR A CE2 1 
ATOM   811  C CZ  . TYR A 1 113 ? -6.343  0.458   6.199   1.00 35.44  ? 239 TYR A CZ  1 
ATOM   812  O OH  . TYR A 1 113 ? -7.033  1.397   6.912   1.00 34.99  ? 239 TYR A OH  1 
ATOM   813  N N   . ASP A 1 114 ? -1.428  -3.341  2.627   1.00 24.46  ? 240 ASP A N   1 
ATOM   814  C CA  . ASP A 1 114 ? -0.701  -4.531  2.254   1.00 25.36  ? 240 ASP A CA  1 
ATOM   815  C C   . ASP A 1 114 ? -1.361  -5.730  2.998   1.00 28.42  ? 240 ASP A C   1 
ATOM   816  O O   . ASP A 1 114 ? -1.875  -5.593  4.127   1.00 24.83  ? 240 ASP A O   1 
ATOM   817  C CB  . ASP A 1 114 ? 0.785   -4.403  2.599   1.00 27.63  ? 240 ASP A CB  1 
ATOM   818  C CG  . ASP A 1 114 ? 1.541   -3.527  1.608   1.00 36.14  ? 240 ASP A CG  1 
ATOM   819  O OD1 . ASP A 1 114 ? 0.943   -3.135  0.575   1.00 33.59  ? 240 ASP A OD1 1 
ATOM   820  O OD2 . ASP A 1 114 ? 2.716   -3.254  1.852   1.00 42.01  ? 240 ASP A OD2 1 
ATOM   821  N N   . ALA A 1 115 ? -1.403  -6.870  2.317   1.00 25.92  ? 241 ALA A N   1 
ATOM   822  C CA  . ALA A 1 115 ? -2.056  -8.043  2.844   1.00 26.14  ? 241 ALA A CA  1 
ATOM   823  C C   . ALA A 1 115 ? -1.517  -9.305  2.250   1.00 29.66  ? 241 ALA A C   1 
ATOM   824  O O   . ALA A 1 115 ? -1.128  -9.345  1.077   1.00 30.23  ? 241 ALA A O   1 
ATOM   825  C CB  . ALA A 1 115 ? -3.565  -7.956  2.628   1.00 26.83  ? 241 ALA A CB  1 
ATOM   826  N N   . GLU A 1 116 ? -1.484  -10.346 3.085   1.00 26.08  ? 242 GLU A N   1 
ATOM   827  C CA  . GLU A 1 116 ? -1.083  -11.689 2.684   1.00 25.57  ? 242 GLU A CA  1 
ATOM   828  C C   . GLU A 1 116 ? -2.360  -12.489 2.362   1.00 28.69  ? 242 GLU A C   1 
ATOM   829  O O   . GLU A 1 116 ? -3.195  -12.677 3.252   1.00 28.21  ? 242 GLU A O   1 
ATOM   830  C CB  . GLU A 1 116 ? -0.332  -12.326 3.847   1.00 26.74  ? 242 GLU A CB  1 
ATOM   831  C CG  . GLU A 1 116 ? 0.158   -13.743 3.585   1.00 35.12  ? 242 GLU A CG  1 
ATOM   832  C CD  . GLU A 1 116 ? 0.880   -14.264 4.815   1.00 42.50  ? 242 GLU A CD  1 
ATOM   833  O OE1 . GLU A 1 116 ? 0.300   -14.229 5.928   1.00 36.13  ? 242 GLU A OE1 1 
ATOM   834  O OE2 . GLU A 1 116 ? 2.044   -14.687 4.665   1.00 33.45  ? 242 GLU A OE2 1 
ATOM   835  N N   . ILE A 1 117 ? -2.529  -12.940 1.102   1.00 25.73  ? 243 ILE A N   1 
ATOM   836  C CA  . ILE A 1 117 ? -3.702  -13.748 0.729   1.00 24.84  ? 243 ILE A CA  1 
ATOM   837  C C   . ILE A 1 117 ? -3.669  -15.073 1.553   1.00 29.82  ? 243 ILE A C   1 
ATOM   838  O O   . ILE A 1 117 ? -2.685  -15.814 1.512   1.00 29.02  ? 243 ILE A O   1 
ATOM   839  C CB  . ILE A 1 117 ? -3.807  -13.983 -0.802  1.00 27.66  ? 243 ILE A CB  1 
ATOM   840  C CG1 . ILE A 1 117 ? -4.005  -12.625 -1.551  1.00 28.55  ? 243 ILE A CG1 1 
ATOM   841  C CG2 . ILE A 1 117 ? -4.982  -14.949 -1.126  1.00 27.42  ? 243 ILE A CG2 1 
ATOM   842  C CD1 . ILE A 1 117 ? -3.539  -12.687 -2.889  1.00 38.92  ? 243 ILE A CD1 1 
ATOM   843  N N   . SER A 1 118 ? -4.729  -15.322 2.319   1.00 26.24  ? 244 SER A N   1 
ATOM   844  C CA  . SER A 1 118 ? -4.788  -16.473 3.213   1.00 25.96  ? 244 SER A CA  1 
ATOM   845  C C   . SER A 1 118 ? -5.712  -17.594 2.744   1.00 30.80  ? 244 SER A C   1 
ATOM   846  O O   . SER A 1 118 ? -5.388  -18.741 2.973   1.00 30.83  ? 244 SER A O   1 
ATOM   847  C CB  . SER A 1 118 ? -5.126  -16.021 4.625   1.00 23.89  ? 244 SER A CB  1 
ATOM   848  O OG  . SER A 1 118 ? -6.342  -15.302 4.589   1.00 34.89  ? 244 SER A OG  1 
ATOM   849  N N   . ARG A 1 119 ? -6.878  -17.261 2.143   1.00 28.38  ? 245 ARG A N   1 
ATOM   850  C CA  . ARG A 1 119 ? -7.859  -18.208 1.573   1.00 28.05  ? 245 ARG A CA  1 
ATOM   851  C C   . ARG A 1 119 ? -8.434  -17.671 0.252   1.00 31.94  ? 245 ARG A C   1 
ATOM   852  O O   . ARG A 1 119 ? -8.660  -16.465 0.096   1.00 31.61  ? 245 ARG A O   1 
ATOM   853  C CB  . ARG A 1 119 ? -9.052  -18.462 2.502   1.00 27.74  ? 245 ARG A CB  1 
ATOM   854  C CG  . ARG A 1 119 ? -8.757  -18.937 3.893   1.00 33.55  ? 245 ARG A CG  1 
ATOM   855  C CD  . ARG A 1 119 ? -10.043 -18.944 4.676   1.00 37.76  ? 245 ARG A CD  1 
ATOM   856  N NE  . ARG A 1 119 ? -10.940 -20.011 4.225   1.00 46.68  ? 245 ARG A NE  1 
ATOM   857  C CZ  . ARG A 1 119 ? -12.156 -20.226 4.714   1.00 54.22  ? 245 ARG A CZ  1 
ATOM   858  N NH1 . ARG A 1 119 ? -12.649 -19.435 5.655   1.00 40.35  ? 245 ARG A NH1 1 
ATOM   859  N NH2 . ARG A 1 119 ? -12.883 -21.243 4.273   1.00 41.98  ? 245 ARG A NH2 1 
ATOM   860  N N   . LYS A 1 120 ? -8.695  -18.589 -0.681  1.00 28.74  ? 246 LYS A N   1 
ATOM   861  C CA  . LYS A 1 120 ? -9.285  -18.325 -1.990  1.00 27.83  ? 246 LYS A CA  1 
ATOM   862  C C   . LYS A 1 120 ? -10.307 -19.449 -2.241  1.00 34.68  ? 246 LYS A C   1 
ATOM   863  O O   . LYS A 1 120 ? -9.941  -20.622 -2.282  1.00 33.33  ? 246 LYS A O   1 
ATOM   864  C CB  . LYS A 1 120 ? -8.219  -18.274 -3.091  1.00 28.79  ? 246 LYS A CB  1 
ATOM   865  C CG  . LYS A 1 120 ? -8.766  -17.766 -4.431  1.00 32.17  ? 246 LYS A CG  1 
ATOM   866  C CD  . LYS A 1 120 ? -7.689  -17.664 -5.480  1.00 38.66  ? 246 LYS A CD  1 
ATOM   867  C CE  . LYS A 1 120 ? -8.321  -17.619 -6.851  1.00 38.85  ? 246 LYS A CE  1 
ATOM   868  N NZ  . LYS A 1 120 ? -7.324  -17.665 -7.931  1.00 35.19  ? 246 LYS A NZ  1 
ATOM   869  N N   . ARG A 1 121 ? -11.592 -19.082 -2.319  1.00 32.11  ? 247 ARG A N   1 
ATOM   870  C CA  . ARG A 1 121 ? -12.702 -20.013 -2.531  1.00 32.20  ? 247 ARG A CA  1 
ATOM   871  C C   . ARG A 1 121 ? -13.513 -19.578 -3.736  1.00 35.16  ? 247 ARG A C   1 
ATOM   872  O O   . ARG A 1 121 ? -13.682 -18.390 -3.973  1.00 34.48  ? 247 ARG A O   1 
ATOM   873  C CB  . ARG A 1 121 ? -13.628 -20.094 -1.310  1.00 31.37  ? 247 ARG A CB  1 
ATOM   874  C CG  . ARG A 1 121 ? -12.896 -20.282 0.023   1.00 44.34  ? 247 ARG A CG  1 
ATOM   875  C CD  . ARG A 1 121 ? -13.884 -20.223 1.156   1.00 47.55  ? 247 ARG A CD  1 
ATOM   876  N NE  . ARG A 1 121 ? -14.616 -21.480 1.283   1.00 54.09  ? 247 ARG A NE  1 
ATOM   877  C CZ  . ARG A 1 121 ? -15.754 -21.618 1.947   1.00 69.31  ? 247 ARG A CZ  1 
ATOM   878  N NH1 . ARG A 1 121 ? -16.335 -22.806 2.038   1.00 61.78  ? 247 ARG A NH1 1 
ATOM   879  N NH2 . ARG A 1 121 ? -16.329 -20.566 2.520   1.00 51.17  ? 247 ARG A NH2 1 
ATOM   880  N N   . GLU A 1 122 ? -14.024 -20.551 -4.474  1.00 31.28  ? 248 GLU A N   1 
ATOM   881  C CA  . GLU A 1 122 ? -14.795 -20.320 -5.672  1.00 31.85  ? 248 GLU A CA  1 
ATOM   882  C C   . GLU A 1 122 ? -15.852 -21.434 -5.865  1.00 35.55  ? 248 GLU A C   1 
ATOM   883  O O   . GLU A 1 122 ? -15.512 -22.603 -5.813  1.00 32.86  ? 248 GLU A O   1 
ATOM   884  C CB  . GLU A 1 122 ? -13.807 -20.309 -6.874  1.00 32.74  ? 248 GLU A CB  1 
ATOM   885  C CG  . GLU A 1 122 ? -14.457 -20.006 -8.200  1.00 39.01  ? 248 GLU A CG  1 
ATOM   886  C CD  . GLU A 1 122 ? -13.616 -19.263 -9.214  1.00 52.45  ? 248 GLU A CD  1 
ATOM   887  O OE1 . GLU A 1 122 ? -12.372 -19.270 -9.090  1.00 44.52  ? 248 GLU A OE1 1 
ATOM   888  O OE2 . GLU A 1 122 ? -14.210 -18.662 -10.138 1.00 55.44  ? 248 GLU A OE2 1 
ATOM   889  N N   . THR A 1 123 ? -17.105 -21.056 -6.158  1.00 33.92  ? 249 THR A N   1 
ATOM   890  C CA  . THR A 1 123 ? -18.170 -21.981 -6.556  1.00 32.81  ? 249 THR A CA  1 
ATOM   891  C C   . THR A 1 123 ? -18.489 -21.543 -7.971  1.00 34.84  ? 249 THR A C   1 
ATOM   892  O O   . THR A 1 123 ? -17.743 -20.726 -8.527  1.00 31.86  ? 249 THR A O   1 
ATOM   893  C CB  . THR A 1 123 ? -19.366 -21.956 -5.593  1.00 38.06  ? 249 THR A CB  1 
ATOM   894  O OG1 . THR A 1 123 ? -19.961 -20.678 -5.644  1.00 35.85  ? 249 THR A OG1 1 
ATOM   895  C CG2 . THR A 1 123 ? -18.981 -22.310 -4.146  1.00 37.13  ? 249 THR A CG2 1 
ATOM   896  N N   . ARG A 1 124 ? -19.602 -22.022 -8.556  1.00 31.89  ? 250 ARG A N   1 
ATOM   897  C CA  . ARG A 1 124 ? -19.964 -21.598 -9.919  1.00 30.66  ? 250 ARG A CA  1 
ATOM   898  C C   . ARG A 1 124 ? -20.331 -20.140 -10.011 1.00 31.94  ? 250 ARG A C   1 
ATOM   899  O O   . ARG A 1 124 ? -20.120 -19.526 -11.050 1.00 32.72  ? 250 ARG A O   1 
ATOM   900  C CB  . ARG A 1 124 ? -21.145 -22.422 -10.452 1.00 30.71  ? 250 ARG A CB  1 
ATOM   901  C CG  . ARG A 1 124 ? -20.796 -23.851 -10.769 1.00 31.37  ? 250 ARG A CG  1 
ATOM   902  C CD  . ARG A 1 124 ? -21.932 -24.461 -11.567 1.00 32.32  ? 250 ARG A CD  1 
ATOM   903  N NE  . ARG A 1 124 ? -21.796 -25.913 -11.738 1.00 30.33  ? 250 ARG A NE  1 
ATOM   904  C CZ  . ARG A 1 124 ? -21.124 -26.484 -12.724 1.00 30.13  ? 250 ARG A CZ  1 
ATOM   905  N NH1 . ARG A 1 124 ? -20.451 -25.740 -13.596 1.00 23.70  ? 250 ARG A NH1 1 
ATOM   906  N NH2 . ARG A 1 124 ? -21.105 -27.801 -12.843 1.00 22.43  ? 250 ARG A NH2 1 
ATOM   907  N N   . THR A 1 125 ? -20.934 -19.597 -8.970  1.00 29.81  ? 251 THR A N   1 
ATOM   908  C CA  . THR A 1 125 ? -21.469 -18.224 -8.992  1.00 31.44  ? 251 THR A CA  1 
ATOM   909  C C   . THR A 1 125 ? -20.940 -17.317 -7.865  1.00 39.00  ? 251 THR A C   1 
ATOM   910  O O   . THR A 1 125 ? -21.361 -16.163 -7.773  1.00 41.04  ? 251 THR A O   1 
ATOM   911  C CB  . THR A 1 125 ? -23.001 -18.325 -8.845  1.00 38.53  ? 251 THR A CB  1 
ATOM   912  O OG1 . THR A 1 125 ? -23.267 -19.052 -7.643  1.00 33.44  ? 251 THR A OG1 1 
ATOM   913  C CG2 . THR A 1 125 ? -23.670 -19.024 -10.039 1.00 36.87  ? 251 THR A CG2 1 
ATOM   914  N N   . ALA A 1 126 ? -20.073 -17.831 -6.996  1.00 35.04  ? 252 ALA A N   1 
ATOM   915  C CA  . ALA A 1 126 ? -19.567 -17.023 -5.883  1.00 36.00  ? 252 ALA A CA  1 
ATOM   916  C C   . ALA A 1 126 ? -18.046 -17.150 -5.734  1.00 41.40  ? 252 ALA A C   1 
ATOM   917  O O   . ALA A 1 126 ? -17.486 -18.201 -6.040  1.00 41.45  ? 252 ALA A O   1 
ATOM   918  C CB  . ALA A 1 126 ? -20.279 -17.409 -4.580  1.00 36.31  ? 252 ALA A CB  1 
ATOM   919  N N   . ARG A 1 127 ? -17.377 -16.058 -5.325  1.00 37.93  ? 253 ARG A N   1 
ATOM   920  C CA  . ARG A 1 127 ? -15.928 -16.041 -5.100  1.00 37.24  ? 253 ARG A CA  1 
ATOM   921  C C   . ARG A 1 127 ? -15.692 -15.473 -3.705  1.00 41.21  ? 253 ARG A C   1 
ATOM   922  O O   . ARG A 1 127 ? -16.437 -14.588 -3.279  1.00 42.63  ? 253 ARG A O   1 
ATOM   923  C CB  . ARG A 1 127 ? -15.198 -15.198 -6.155  1.00 34.84  ? 253 ARG A CB  1 
ATOM   924  C CG  . ARG A 1 127 ? -15.167 -15.787 -7.563  1.00 37.57  ? 253 ARG A CG  1 
ATOM   925  C CD  . ARG A 1 127 ? -14.731 -14.789 -8.641  1.00 33.99  ? 253 ARG A CD  1 
ATOM   926  N NE  . ARG A 1 127 ? -15.435 -13.507 -8.533  1.00 36.65  ? 253 ARG A NE  1 
ATOM   927  C CZ  . ARG A 1 127 ? -15.009 -12.355 -9.050  1.00 49.11  ? 253 ARG A CZ  1 
ATOM   928  N NH1 . ARG A 1 127 ? -13.873 -12.306 -9.742  1.00 29.65  ? 253 ARG A NH1 1 
ATOM   929  N NH2 . ARG A 1 127 ? -15.710 -11.242 -8.873  1.00 34.03  ? 253 ARG A NH2 1 
ATOM   930  N N   . GLU A 1 128 ? -14.747 -16.044 -2.951  1.00 34.76  ? 254 GLU A N   1 
ATOM   931  C CA  . GLU A 1 128 ? -14.429 -15.564 -1.598  1.00 33.36  ? 254 GLU A CA  1 
ATOM   932  C C   . GLU A 1 128 ? -12.922 -15.442 -1.474  1.00 33.64  ? 254 GLU A C   1 
ATOM   933  O O   . GLU A 1 128 ? -12.191 -16.366 -1.843  1.00 32.06  ? 254 GLU A O   1 
ATOM   934  C CB  . GLU A 1 128 ? -14.977 -16.503 -0.497  1.00 35.13  ? 254 GLU A CB  1 
ATOM   935  C CG  . GLU A 1 128 ? -16.490 -16.474 -0.335  1.00 46.79  ? 254 GLU A CG  1 
ATOM   936  C CD  . GLU A 1 128 ? -17.079 -17.272 0.816   1.00 66.76  ? 254 GLU A CD  1 
ATOM   937  O OE1 . GLU A 1 128 ? -16.314 -17.921 1.567   1.00 59.36  ? 254 GLU A OE1 1 
ATOM   938  O OE2 . GLU A 1 128 ? -18.321 -17.249 0.963   1.00 62.88  ? 254 GLU A OE2 1 
ATOM   939  N N   . LEU A 1 129 ? -12.458 -14.267 -1.019  1.00 29.23  ? 255 LEU A N   1 
ATOM   940  C CA  . LEU A 1 129 ? -11.038 -13.979 -0.823  1.00 27.22  ? 255 LEU A CA  1 
ATOM   941  C C   . LEU A 1 129 ? -10.842 -13.543 0.604   1.00 29.11  ? 255 LEU A C   1 
ATOM   942  O O   . LEU A 1 129 ? -11.604 -12.722 1.106   1.00 27.37  ? 255 LEU A O   1 
ATOM   943  C CB  . LEU A 1 129 ? -10.530 -12.902 -1.799  1.00 26.40  ? 255 LEU A CB  1 
ATOM   944  C CG  . LEU A 1 129 ? -8.995  -12.660 -1.847  1.00 29.47  ? 255 LEU A CG  1 
ATOM   945  C CD1 . LEU A 1 129 ? -8.259  -13.815 -2.551  1.00 28.10  ? 255 LEU A CD1 1 
ATOM   946  C CD2 . LEU A 1 129 ? -8.679  -11.368 -2.594  1.00 30.38  ? 255 LEU A CD2 1 
ATOM   947  N N   . TYR A 1 130 ? -9.853  -14.144 1.273   1.00 25.64  ? 256 TYR A N   1 
ATOM   948  C CA  . TYR A 1 130 ? -9.492  -13.785 2.643   1.00 26.32  ? 256 TYR A CA  1 
ATOM   949  C C   . TYR A 1 130 ? -8.034  -13.400 2.657   1.00 26.58  ? 256 TYR A C   1 
ATOM   950  O O   . TYR A 1 130 ? -7.241  -13.941 1.895   1.00 24.71  ? 256 TYR A O   1 
ATOM   951  C CB  . TYR A 1 130 ? -9.780  -14.924 3.657   1.00 28.09  ? 256 TYR A CB  1 
ATOM   952  C CG  . TYR A 1 130 ? -11.256 -15.264 3.792   1.00 30.56  ? 256 TYR A CG  1 
ATOM   953  C CD1 . TYR A 1 130 ? -11.900 -16.059 2.843   1.00 32.82  ? 256 TYR A CD1 1 
ATOM   954  C CD2 . TYR A 1 130 ? -11.988 -14.848 4.897   1.00 31.37  ? 256 TYR A CD2 1 
ATOM   955  C CE1 . TYR A 1 130 ? -13.245 -16.418 2.987   1.00 33.33  ? 256 TYR A CE1 1 
ATOM   956  C CE2 . TYR A 1 130 ? -13.337 -15.177 5.039   1.00 32.54  ? 256 TYR A CE2 1 
ATOM   957  C CZ  . TYR A 1 130 ? -13.955 -15.975 4.088   1.00 39.37  ? 256 TYR A CZ  1 
ATOM   958  O OH  . TYR A 1 130 ? -15.278 -16.285 4.230   1.00 42.81  ? 256 TYR A OH  1 
ATOM   959  N N   . ALA A 1 131 ? -7.673  -12.474 3.526   1.00 25.70  ? 257 ALA A N   1 
ATOM   960  C CA  . ALA A 1 131 ? -6.290  -12.044 3.612   1.00 25.04  ? 257 ALA A CA  1 
ATOM   961  C C   . ALA A 1 131 ? -5.935  -11.658 5.033   1.00 28.03  ? 257 ALA A C   1 
ATOM   962  O O   . ALA A 1 131 ? -6.798  -11.258 5.816   1.00 26.24  ? 257 ALA A O   1 
ATOM   963  C CB  . ALA A 1 131 ? -6.036  -10.860 2.653   1.00 25.22  ? 257 ALA A CB  1 
ATOM   964  N N   . ASN A 1 132 ? -4.646  -11.752 5.350   1.00 24.55  ? 258 ASN A N   1 
ATOM   965  C CA  . ASN A 1 132 ? -4.135  -11.250 6.619   1.00 24.42  ? 258 ASN A CA  1 
ATOM   966  C C   . ASN A 1 132 ? -3.698  -9.807  6.300   1.00 26.25  ? 258 ASN A C   1 
ATOM   967  O O   . ASN A 1 132 ? -2.753  -9.608  5.564   1.00 26.02  ? 258 ASN A O   1 
ATOM   968  C CB  . ASN A 1 132 ? -2.970  -12.132 7.116   1.00 19.37  ? 258 ASN A CB  1 
ATOM   969  C CG  . ASN A 1 132 ? -3.432  -13.573 7.372   1.00 33.14  ? 258 ASN A CG  1 
ATOM   970  O OD1 . ASN A 1 132 ? -4.574  -13.835 7.738   1.00 31.17  ? 258 ASN A OD1 1 
ATOM   971  N ND2 . ASN A 1 132 ? -2.569  -14.536 7.159   1.00 29.24  ? 258 ASN A ND2 1 
ATOM   972  N N   . VAL A 1 133 ? -4.470  -8.838  6.743   1.00 26.59  ? 259 VAL A N   1 
ATOM   973  C CA  . VAL A 1 133 ? -4.271  -7.407  6.466   1.00 28.24  ? 259 VAL A CA  1 
ATOM   974  C C   . VAL A 1 133 ? -3.328  -6.700  7.474   1.00 36.95  ? 259 VAL A C   1 
ATOM   975  O O   . VAL A 1 133 ? -3.546  -6.749  8.693   1.00 35.12  ? 259 VAL A O   1 
ATOM   976  C CB  . VAL A 1 133 ? -5.612  -6.667  6.268   1.00 30.12  ? 259 VAL A CB  1 
ATOM   977  C CG1 . VAL A 1 133 ? -5.395  -5.183  5.939   1.00 29.54  ? 259 VAL A CG1 1 
ATOM   978  C CG2 . VAL A 1 133 ? -6.480  -7.350  5.198   1.00 29.10  ? 259 VAL A CG2 1 
ATOM   979  N N   . VAL A 1 134 ? -2.283  -6.041  6.935   1.00 36.55  ? 260 VAL A N   1 
ATOM   980  C CA  . VAL A 1 134 ? -1.308  -5.322  7.740   1.00 38.23  ? 260 VAL A CA  1 
ATOM   981  C C   . VAL A 1 134 ? -1.816  -3.890  8.001   1.00 43.53  ? 260 VAL A C   1 
ATOM   982  O O   . VAL A 1 134 ? -1.992  -3.111  7.063   1.00 40.29  ? 260 VAL A O   1 
ATOM   983  C CB  . VAL A 1 134 ? 0.098   -5.353  7.090   1.00 43.24  ? 260 VAL A CB  1 
ATOM   984  C CG1 . VAL A 1 134 ? 1.129   -4.623  7.964   1.00 42.87  ? 260 VAL A CG1 1 
ATOM   985  C CG2 . VAL A 1 134 ? 0.542   -6.789  6.819   1.00 43.60  ? 260 VAL A CG2 1 
ATOM   986  N N   . LEU A 1 135 ? -2.045  -3.553  9.272   1.00 45.69  ? 261 LEU A N   1 
ATOM   987  C CA  . LEU A 1 135 ? -2.544  -2.221  9.642   1.00 49.10  ? 261 LEU A CA  1 
ATOM   988  C C   . LEU A 1 135 ? -1.442  -1.267  10.163  1.00 59.71  ? 261 LEU A C   1 
ATOM   989  O O   . LEU A 1 135 ? -0.309  -1.320  9.667   1.00 59.32  ? 261 LEU A O   1 
ATOM   990  C CB  . LEU A 1 135 ? -3.750  -2.312  10.596  1.00 49.40  ? 261 LEU A CB  1 
ATOM   991  C CG  . LEU A 1 135 ? -4.990  -3.037  10.064  1.00 53.32  ? 261 LEU A CG  1 
ATOM   992  C CD1 . LEU A 1 135 ? -5.996  -3.252  11.159  1.00 53.27  ? 261 LEU A CD1 1 
ATOM   993  C CD2 . LEU A 1 135 ? -5.616  -2.300  8.907   1.00 53.68  ? 261 LEU A CD2 1 
ATOM   994  N N   . GLY A 1 136 ? -1.795  -0.370  11.089  1.00 61.27  ? 262 GLY A N   1 
ATOM   995  C CA  . GLY A 1 136 ? -0.867  0.601   11.663  1.00 63.59  ? 262 GLY A CA  1 
ATOM   996  C C   . GLY A 1 136 ? 0.425   -0.006  12.172  1.00 73.95  ? 262 GLY A C   1 
ATOM   997  O O   . GLY A 1 136 ? 1.511   0.419   11.764  1.00 75.15  ? 262 GLY A O   1 
ATOM   998  N N   . ASP A 1 137 ? 0.311   -1.040  13.028  1.00 73.62  ? 263 ASP A N   1 
ATOM   999  C CA  . ASP A 1 137 ? 1.450   -1.758  13.604  1.00 74.73  ? 263 ASP A CA  1 
ATOM   1000 C C   . ASP A 1 137 ? 1.326   -3.283  13.426  1.00 78.96  ? 263 ASP A C   1 
ATOM   1001 O O   . ASP A 1 137 ? 2.304   -3.932  13.040  1.00 79.84  ? 263 ASP A O   1 
ATOM   1002 C CB  . ASP A 1 137 ? 1.609   -1.394  15.098  1.00 77.26  ? 263 ASP A CB  1 
ATOM   1003 C CG  . ASP A 1 137 ? 2.757   -2.085  15.817  1.00 92.06  ? 263 ASP A CG  1 
ATOM   1004 O OD1 . ASP A 1 137 ? 3.933   -1.766  15.510  1.00 92.86  ? 263 ASP A OD1 1 
ATOM   1005 O OD2 . ASP A 1 137 ? 2.480   -2.916  16.718  1.00 99.84  ? 263 ASP A OD2 1 
ATOM   1006 N N   . ASP A 1 138 ? 0.129   -3.843  13.713  1.00 73.16  ? 264 ASP A N   1 
ATOM   1007 C CA  . ASP A 1 138 ? -0.144  -5.283  13.688  1.00 71.46  ? 264 ASP A CA  1 
ATOM   1008 C C   . ASP A 1 138 ? -0.961  -5.817  12.495  1.00 69.03  ? 264 ASP A C   1 
ATOM   1009 O O   . ASP A 1 138 ? -1.528  -5.050  11.714  1.00 68.70  ? 264 ASP A O   1 
ATOM   1010 C CB  . ASP A 1 138 ? -0.811  -5.701  15.019  1.00 73.95  ? 264 ASP A CB  1 
ATOM   1011 C CG  . ASP A 1 138 ? -0.017  -6.720  15.814  1.00 88.19  ? 264 ASP A CG  1 
ATOM   1012 O OD1 . ASP A 1 138 ? 0.151   -7.867  15.316  1.00 89.39  ? 264 ASP A OD1 1 
ATOM   1013 O OD2 . ASP A 1 138 ? 0.413   -6.385  16.947  1.00 93.24  ? 264 ASP A OD2 1 
ATOM   1014 N N   . SER A 1 139 ? -1.027  -7.154  12.400  1.00 60.31  ? 265 SER A N   1 
ATOM   1015 C CA  . SER A 1 139 ? -1.768  -7.909  11.399  1.00 57.89  ? 265 SER A CA  1 
ATOM   1016 C C   . SER A 1 139 ? -3.211  -8.223  11.867  1.00 55.33  ? 265 SER A C   1 
ATOM   1017 O O   . SER A 1 139 ? -3.443  -8.504  13.039  1.00 54.97  ? 265 SER A O   1 
ATOM   1018 C CB  . SER A 1 139 ? -1.025  -9.200  11.076  1.00 60.86  ? 265 SER A CB  1 
ATOM   1019 O OG  . SER A 1 139 ? -1.640  -9.928  10.028  1.00 72.15  ? 265 SER A OG  1 
ATOM   1020 N N   . LEU A 1 140 ? -4.170  -8.161  10.942  1.00 47.12  ? 266 LEU A N   1 
ATOM   1021 C CA  . LEU A 1 140 ? -5.575  -8.487  11.161  1.00 44.70  ? 266 LEU A CA  1 
ATOM   1022 C C   . LEU A 1 140 ? -5.802  -9.708  10.267  1.00 44.70  ? 266 LEU A C   1 
ATOM   1023 O O   . LEU A 1 140 ? -5.867  -9.601  9.035   1.00 41.56  ? 266 LEU A O   1 
ATOM   1024 C CB  . LEU A 1 140 ? -6.456  -7.284  10.771  1.00 44.83  ? 266 LEU A CB  1 
ATOM   1025 C CG  . LEU A 1 140 ? -7.920  -7.243  11.229  1.00 50.43  ? 266 LEU A CG  1 
ATOM   1026 C CD1 . LEU A 1 140 ? -8.044  -7.258  12.752  1.00 50.88  ? 266 LEU A CD1 1 
ATOM   1027 C CD2 . LEU A 1 140 ? -8.597  -5.973  10.716  1.00 53.05  ? 266 LEU A CD2 1 
ATOM   1028 N N   . ASN A 1 141 ? -5.784  -10.886 10.893  1.00 41.51  ? 267 ASN A N   1 
ATOM   1029 C CA  . ASN A 1 141 ? -5.888  -12.176 10.210  1.00 41.22  ? 267 ASN A CA  1 
ATOM   1030 C C   . ASN A 1 141 ? -7.274  -12.515 9.700   1.00 42.30  ? 267 ASN A C   1 
ATOM   1031 O O   . ASN A 1 141 ? -8.270  -12.101 10.283  1.00 40.96  ? 267 ASN A O   1 
ATOM   1032 C CB  . ASN A 1 141 ? -5.297  -13.324 11.066  1.00 42.77  ? 267 ASN A CB  1 
ATOM   1033 C CG  . ASN A 1 141 ? -3.833  -13.172 11.455  1.00 60.06  ? 267 ASN A CG  1 
ATOM   1034 O OD1 . ASN A 1 141 ? -3.454  -13.408 12.604  1.00 66.48  ? 267 ASN A OD1 1 
ATOM   1035 N ND2 . ASN A 1 141 ? -2.964  -12.804 10.525  1.00 41.48  ? 267 ASN A ND2 1 
ATOM   1036 N N   . ASP A 1 142 ? -7.315  -13.256 8.585   1.00 39.17  ? 268 ASP A N   1 
ATOM   1037 C CA  . ASP A 1 142 ? -8.520  -13.735 7.898   1.00 39.21  ? 268 ASP A CA  1 
ATOM   1038 C C   . ASP A 1 142 ? -9.649  -12.730 7.682   1.00 42.01  ? 268 ASP A C   1 
ATOM   1039 O O   . ASP A 1 142 ? -10.820 -13.000 7.978   1.00 41.66  ? 268 ASP A O   1 
ATOM   1040 C CB  . ASP A 1 142 ? -8.983  -15.124 8.406   1.00 42.07  ? 268 ASP A CB  1 
ATOM   1041 C CG  . ASP A 1 142 ? -9.071  -16.182 7.296   1.00 53.32  ? 268 ASP A CG  1 
ATOM   1042 O OD1 . ASP A 1 142 ? -7.984  -16.547 6.707   1.00 48.29  ? 268 ASP A OD1 1 
ATOM   1043 O OD2 . ASP A 1 142 ? -10.209 -16.666 7.024   1.00 56.66  ? 268 ASP A OD2 1 
ATOM   1044 N N   . CYS A 1 143 ? -9.292  -11.567 7.109   1.00 36.30  ? 269 CYS A N   1 
ATOM   1045 C CA  . CYS A 1 143 ? -10.270 -10.530 6.753   1.00 33.44  ? 269 CYS A CA  1 
ATOM   1046 C C   . CYS A 1 143 ? -10.893 -10.997 5.478   1.00 34.94  ? 269 CYS A C   1 
ATOM   1047 O O   . CYS A 1 143 ? -10.199 -11.564 4.625   1.00 33.87  ? 269 CYS A O   1 
ATOM   1048 C CB  . CYS A 1 143 ? -9.578  -9.188  6.552   1.00 33.71  ? 269 CYS A CB  1 
ATOM   1049 S SG  . CYS A 1 143 ? -8.741  -8.578  8.028   1.00 37.96  ? 269 CYS A SG  1 
ATOM   1050 N N   . ARG A 1 144 ? -12.200 -10.776 5.353   1.00 30.55  ? 270 ARG A N   1 
ATOM   1051 C CA  . ARG A 1 144 ? -12.950 -11.117 4.171   1.00 30.01  ? 270 ARG A CA  1 
ATOM   1052 C C   . ARG A 1 144 ? -12.789 -9.921  3.208   1.00 32.40  ? 270 ARG A C   1 
ATOM   1053 O O   . ARG A 1 144 ? -13.119 -8.795  3.571   1.00 30.19  ? 270 ARG A O   1 
ATOM   1054 C CB  . ARG A 1 144 ? -14.429 -11.376 4.555   1.00 29.10  ? 270 ARG A CB  1 
ATOM   1055 C CG  . ARG A 1 144 ? -15.353 -11.549 3.363   1.00 31.79  ? 270 ARG A CG  1 
ATOM   1056 C CD  . ARG A 1 144 ? -15.067 -12.826 2.596   1.00 37.85  ? 270 ARG A CD  1 
ATOM   1057 N NE  . ARG A 1 144 ? -15.837 -12.830 1.352   1.00 50.62  ? 270 ARG A NE  1 
ATOM   1058 C CZ  . ARG A 1 144 ? -17.066 -13.321 1.224   1.00 64.51  ? 270 ARG A CZ  1 
ATOM   1059 N NH1 . ARG A 1 144 ? -17.669 -13.896 2.255   1.00 53.39  ? 270 ARG A NH1 1 
ATOM   1060 N NH2 . ARG A 1 144 ? -17.690 -13.264 0.056   1.00 53.32  ? 270 ARG A NH2 1 
ATOM   1061 N N   . ILE A 1 145 ? -12.247 -10.166 2.008   1.00 29.82  ? 271 ILE A N   1 
ATOM   1062 C CA  . ILE A 1 145 ? -11.972 -9.098  1.022   1.00 28.96  ? 271 ILE A CA  1 
ATOM   1063 C C   . ILE A 1 145 ? -13.082 -8.970  -0.004  1.00 35.17  ? 271 ILE A C   1 
ATOM   1064 O O   . ILE A 1 145 ? -13.318 -9.886  -0.785  1.00 36.00  ? 271 ILE A O   1 
ATOM   1065 C CB  . ILE A 1 145 ? -10.549 -9.208  0.384   1.00 29.81  ? 271 ILE A CB  1 
ATOM   1066 C CG1 . ILE A 1 145 ? -9.429  -9.469  1.456   1.00 27.25  ? 271 ILE A CG1 1 
ATOM   1067 C CG2 . ILE A 1 145 ? -10.226 -7.986  -0.551  1.00 28.23  ? 271 ILE A CG2 1 
ATOM   1068 C CD1 . ILE A 1 145 ? -9.287  -8.434  2.632   1.00 25.33  ? 271 ILE A CD1 1 
ATOM   1069 N N   . ILE A 1 146 ? -13.748 -7.832  -0.011  1.00 32.96  ? 272 ILE A N   1 
ATOM   1070 C CA  . ILE A 1 146 ? -14.841 -7.569  -0.954  1.00 33.70  ? 272 ILE A CA  1 
ATOM   1071 C C   . ILE A 1 146 ? -14.354 -7.318  -2.390  1.00 36.28  ? 272 ILE A C   1 
ATOM   1072 O O   . ILE A 1 146 ? -14.904 -7.885  -3.331  1.00 36.00  ? 272 ILE A O   1 
ATOM   1073 C CB  . ILE A 1 146 ? -15.736 -6.385  -0.442  1.00 37.48  ? 272 ILE A CB  1 
ATOM   1074 C CG1 . ILE A 1 146 ? -16.259 -6.586  1.005   1.00 37.27  ? 272 ILE A CG1 1 
ATOM   1075 C CG2 . ILE A 1 146 ? -16.870 -6.036  -1.431  1.00 40.26  ? 272 ILE A CG2 1 
ATOM   1076 C CD1 . ILE A 1 146 ? -17.085 -7.933  1.314   1.00 37.97  ? 272 ILE A CD1 1 
ATOM   1077 N N   . PHE A 1 147 ? -13.346 -6.441  -2.555  1.00 32.44  ? 273 PHE A N   1 
ATOM   1078 C CA  . PHE A 1 147 ? -12.842 -5.947  -3.847  1.00 30.56  ? 273 PHE A CA  1 
ATOM   1079 C C   . PHE A 1 147 ? -11.835 -6.869  -4.492  1.00 32.09  ? 273 PHE A C   1 
ATOM   1080 O O   . PHE A 1 147 ? -10.651 -6.519  -4.684  1.00 31.26  ? 273 PHE A O   1 
ATOM   1081 C CB  . PHE A 1 147 ? -12.410 -4.448  -3.726  1.00 31.84  ? 273 PHE A CB  1 
ATOM   1082 C CG  . PHE A 1 147 ? -13.502 -3.673  -3.011  1.00 31.89  ? 273 PHE A CG  1 
ATOM   1083 C CD1 . PHE A 1 147 ? -13.378 -3.347  -1.663  1.00 33.69  ? 273 PHE A CD1 1 
ATOM   1084 C CD2 . PHE A 1 147 ? -14.714 -3.395  -3.644  1.00 32.64  ? 273 PHE A CD2 1 
ATOM   1085 C CE1 . PHE A 1 147 ? -14.441 -2.747  -0.968  1.00 34.13  ? 273 PHE A CE1 1 
ATOM   1086 C CE2 . PHE A 1 147 ? -15.751 -2.740  -2.964  1.00 34.23  ? 273 PHE A CE2 1 
ATOM   1087 C CZ  . PHE A 1 147 ? -15.617 -2.443  -1.627  1.00 32.49  ? 273 PHE A CZ  1 
ATOM   1088 N N   . VAL A 1 148 ? -12.340 -8.077  -4.859  1.00 25.59  ? 274 VAL A N   1 
ATOM   1089 C CA  . VAL A 1 148 ? -11.551 -9.175  -5.427  1.00 24.79  ? 274 VAL A CA  1 
ATOM   1090 C C   . VAL A 1 148 ? -10.955 -8.942  -6.791  1.00 29.30  ? 274 VAL A C   1 
ATOM   1091 O O   . VAL A 1 148 ? -9.977  -9.617  -7.166  1.00 29.44  ? 274 VAL A O   1 
ATOM   1092 C CB  . VAL A 1 148 ? -12.213 -10.584 -5.285  1.00 27.88  ? 274 VAL A CB  1 
ATOM   1093 C CG1 . VAL A 1 148 ? -12.631 -10.832 -3.840  1.00 27.49  ? 274 VAL A CG1 1 
ATOM   1094 C CG2 . VAL A 1 148 ? -13.417 -10.742 -6.235  1.00 26.70  ? 274 VAL A CG2 1 
ATOM   1095 N N   . ASP A 1 149 ? -11.557 -8.024  -7.548  1.00 26.22  ? 275 ASP A N   1 
ATOM   1096 C CA  . ASP A 1 149 ? -11.111 -7.676  -8.892  1.00 27.11  ? 275 ASP A CA  1 
ATOM   1097 C C   . ASP A 1 149 ? -10.202 -6.430  -8.896  1.00 32.76  ? 275 ASP A C   1 
ATOM   1098 O O   . ASP A 1 149 ? -9.737  -5.996  -9.957  1.00 32.51  ? 275 ASP A O   1 
ATOM   1099 C CB  . ASP A 1 149 ? -12.328 -7.515  -9.824  1.00 29.05  ? 275 ASP A CB  1 
ATOM   1100 C CG  . ASP A 1 149 ? -13.131 -8.815  -9.937  1.00 39.18  ? 275 ASP A CG  1 
ATOM   1101 O OD1 . ASP A 1 149 ? -12.512 -9.882  -10.201 1.00 38.46  ? 275 ASP A OD1 1 
ATOM   1102 O OD2 . ASP A 1 149 ? -14.361 -8.773  -9.704  1.00 41.75  ? 275 ASP A OD2 1 
ATOM   1103 N N   . GLU A 1 150 ? -9.903  -5.899  -7.699  1.00 29.39  ? 276 GLU A N   1 
ATOM   1104 C CA  . GLU A 1 150 ? -9.074  -4.701  -7.572  1.00 29.24  ? 276 GLU A CA  1 
ATOM   1105 C C   . GLU A 1 150 ? -7.828  -4.937  -6.723  1.00 32.65  ? 276 GLU A C   1 
ATOM   1106 O O   . GLU A 1 150 ? -7.415  -4.060  -5.955  1.00 32.21  ? 276 GLU A O   1 
ATOM   1107 C CB  . GLU A 1 150 ? -9.927  -3.526  -7.046  1.00 29.98  ? 276 GLU A CB  1 
ATOM   1108 C CG  . GLU A 1 150 ? -10.974 -3.080  -8.050  1.00 37.72  ? 276 GLU A CG  1 
ATOM   1109 C CD  . GLU A 1 150 ? -11.968 -2.100  -7.472  1.00 52.55  ? 276 GLU A CD  1 
ATOM   1110 O OE1 . GLU A 1 150 ? -11.549 -0.977  -7.119  1.00 56.68  ? 276 GLU A OE1 1 
ATOM   1111 O OE2 . GLU A 1 150 ? -13.160 -2.457  -7.347  1.00 52.39  ? 276 GLU A OE2 1 
ATOM   1112 N N   . VAL A 1 151 ? -7.223  -6.117  -6.866  1.00 27.42  ? 277 VAL A N   1 
ATOM   1113 C CA  . VAL A 1 151 ? -6.059  -6.455  -6.081  1.00 26.69  ? 277 VAL A CA  1 
ATOM   1114 C C   . VAL A 1 151 ? -4.789  -6.094  -6.829  1.00 32.05  ? 277 VAL A C   1 
ATOM   1115 O O   . VAL A 1 151 ? -4.540  -6.605  -7.920  1.00 32.24  ? 277 VAL A O   1 
ATOM   1116 C CB  . VAL A 1 151 ? -6.064  -7.927  -5.573  1.00 29.40  ? 277 VAL A CB  1 
ATOM   1117 C CG1 . VAL A 1 151 ? -4.773  -8.239  -4.821  1.00 28.72  ? 277 VAL A CG1 1 
ATOM   1118 C CG2 . VAL A 1 151 ? -7.280  -8.217  -4.696  1.00 28.32  ? 277 VAL A CG2 1 
ATOM   1119 N N   . PHE A 1 152 ? -3.961  -5.263  -6.196  1.00 29.07  ? 278 PHE A N   1 
ATOM   1120 C CA  . PHE A 1 152 ? -2.705  -4.779  -6.761  1.00 28.32  ? 278 PHE A CA  1 
ATOM   1121 C C   . PHE A 1 152 ? -1.483  -5.562  -6.388  1.00 31.09  ? 278 PHE A C   1 
ATOM   1122 O O   . PHE A 1 152 ? -1.288  -5.935  -5.223  1.00 28.97  ? 278 PHE A O   1 
ATOM   1123 C CB  . PHE A 1 152 ? -2.471  -3.293  -6.384  1.00 28.97  ? 278 PHE A CB  1 
ATOM   1124 C CG  . PHE A 1 152 ? -3.243  -2.335  -7.247  1.00 29.58  ? 278 PHE A CG  1 
ATOM   1125 C CD1 . PHE A 1 152 ? -2.817  -2.036  -8.536  1.00 33.22  ? 278 PHE A CD1 1 
ATOM   1126 C CD2 . PHE A 1 152 ? -4.396  -1.726  -6.774  1.00 32.64  ? 278 PHE A CD2 1 
ATOM   1127 C CE1 . PHE A 1 152 ? -3.543  -1.151  -9.348  1.00 34.54  ? 278 PHE A CE1 1 
ATOM   1128 C CE2 . PHE A 1 152 ? -5.123  -0.844  -7.580  1.00 36.31  ? 278 PHE A CE2 1 
ATOM   1129 C CZ  . PHE A 1 152 ? -4.691  -0.562  -8.867  1.00 34.28  ? 278 PHE A CZ  1 
ATOM   1130 N N   . LYS A 1 153 ? -0.634  -5.753  -7.396  1.00 29.16  ? 279 LYS A N   1 
ATOM   1131 C CA  . LYS A 1 153 ? 0.729   -6.258  -7.321  1.00 29.32  ? 279 LYS A CA  1 
ATOM   1132 C C   . LYS A 1 153 ? 1.540   -5.123  -6.704  1.00 33.63  ? 279 LYS A C   1 
ATOM   1133 O O   . LYS A 1 153 ? 1.384   -3.965  -7.094  1.00 32.74  ? 279 LYS A O   1 
ATOM   1134 C CB  . LYS A 1 153 ? 1.262   -6.531  -8.746  1.00 31.28  ? 279 LYS A CB  1 
ATOM   1135 C CG  . LYS A 1 153 ? 2.706   -7.023  -8.798  1.00 47.07  ? 279 LYS A CG  1 
ATOM   1136 C CD  . LYS A 1 153 ? 3.281   -6.804  -10.199 1.00 62.29  ? 279 LYS A CD  1 
ATOM   1137 C CE  . LYS A 1 153 ? 4.792   -6.806  -10.212 1.00 85.93  ? 279 LYS A CE  1 
ATOM   1138 N NZ  . LYS A 1 153 ? 5.344   -6.155  -11.435 1.00 98.58  ? 279 LYS A NZ  1 
ATOM   1139 N N   . ILE A 1 154 ? 2.410   -5.461  -5.765  1.00 32.49  ? 280 ILE A N   1 
ATOM   1140 C CA  . ILE A 1 154 ? 3.265   -4.499  -5.105  1.00 32.54  ? 280 ILE A CA  1 
ATOM   1141 C C   . ILE A 1 154 ? 4.532   -4.297  -5.955  1.00 40.80  ? 280 ILE A C   1 
ATOM   1142 O O   . ILE A 1 154 ? 5.219   -5.261  -6.281  1.00 41.22  ? 280 ILE A O   1 
ATOM   1143 C CB  . ILE A 1 154 ? 3.559   -4.900  -3.633  1.00 33.67  ? 280 ILE A CB  1 
ATOM   1144 C CG1 . ILE A 1 154 ? 2.302   -4.675  -2.742  1.00 32.09  ? 280 ILE A CG1 1 
ATOM   1145 C CG2 . ILE A 1 154 ? 4.788   -4.119  -3.068  1.00 32.56  ? 280 ILE A CG2 1 
ATOM   1146 C CD1 . ILE A 1 154 ? 2.398   -5.446  -1.355  1.00 27.55  ? 280 ILE A CD1 1 
ATOM   1147 N N   . GLU A 1 155 ? 4.833   -3.035  -6.297  1.00 39.90  ? 281 GLU A N   1 
ATOM   1148 C CA  . GLU A 1 155 ? 6.034   -2.693  -7.073  1.00 40.11  ? 281 GLU A CA  1 
ATOM   1149 C C   . GLU A 1 155 ? 7.267   -2.835  -6.190  1.00 43.45  ? 281 GLU A C   1 
ATOM   1150 O O   . GLU A 1 155 ? 7.341   -2.234  -5.116  1.00 39.45  ? 281 GLU A O   1 
ATOM   1151 C CB  . GLU A 1 155 ? 5.916   -1.279  -7.694  1.00 40.62  ? 281 GLU A CB  1 
ATOM   1152 C CG  . GLU A 1 155 ? 4.909   -1.186  -8.837  1.00 42.28  ? 281 GLU A CG  1 
ATOM   1153 C CD  . GLU A 1 155 ? 5.108   -2.196  -9.952  1.00 60.58  ? 281 GLU A CD  1 
ATOM   1154 O OE1 . GLU A 1 155 ? 6.264   -2.376  -10.402 1.00 60.90  ? 281 GLU A OE1 1 
ATOM   1155 O OE2 . GLU A 1 155 ? 4.116   -2.857  -10.330 1.00 53.33  ? 281 GLU A OE2 1 
ATOM   1156 N N   . ARG A 1 156 ? 8.196   -3.703  -6.603  1.00 44.54  ? 282 ARG A N   1 
ATOM   1157 C CA  . ARG A 1 156 ? 9.417   -3.951  -5.833  1.00 46.55  ? 282 ARG A CA  1 
ATOM   1158 C C   . ARG A 1 156 ? 10.677  -3.656  -6.693  1.00 56.87  ? 282 ARG A C   1 
ATOM   1159 O O   . ARG A 1 156 ? 10.679  -3.970  -7.887  1.00 57.58  ? 282 ARG A O   1 
ATOM   1160 C CB  . ARG A 1 156 ? 9.416   -5.389  -5.272  1.00 46.52  ? 282 ARG A CB  1 
ATOM   1161 C CG  . ARG A 1 156 ? 8.417   -5.602  -4.135  1.00 51.95  ? 282 ARG A CG  1 
ATOM   1162 C CD  . ARG A 1 156 ? 8.349   -7.057  -3.719  1.00 58.06  ? 282 ARG A CD  1 
ATOM   1163 N NE  . ARG A 1 156 ? 7.205   -7.382  -2.856  1.00 53.02  ? 282 ARG A NE  1 
ATOM   1164 C CZ  . ARG A 1 156 ? 6.007   -7.771  -3.298  1.00 71.80  ? 282 ARG A CZ  1 
ATOM   1165 N NH1 . ARG A 1 156 ? 5.752   -7.824  -4.607  1.00 55.40  ? 282 ARG A NH1 1 
ATOM   1166 N NH2 . ARG A 1 156 ? 5.046   -8.093  -2.435  1.00 54.09  ? 282 ARG A NH2 1 
ATOM   1167 N N   . PRO A 1 157 ? 11.742  -3.029  -6.132  1.00 56.40  ? 283 PRO A N   1 
ATOM   1168 C CA  . PRO A 1 157 ? 12.934  -2.728  -6.961  1.00 59.69  ? 283 PRO A CA  1 
ATOM   1169 C C   . PRO A 1 157 ? 13.760  -3.963  -7.334  1.00 103.46 ? 283 PRO A C   1 
ATOM   1170 O O   . PRO A 1 157 ? 13.673  -4.458  -8.457  1.00 72.01  ? 283 PRO A O   1 
ATOM   1171 C CB  . PRO A 1 157 ? 13.729  -1.764  -6.091  1.00 60.70  ? 283 PRO A CB  1 
ATOM   1172 C CG  . PRO A 1 157 ? 13.342  -2.112  -4.680  1.00 64.13  ? 283 PRO A CG  1 
ATOM   1173 C CD  . PRO A 1 157 ? 11.914  -2.562  -4.733  1.00 59.18  ? 283 PRO A CD  1 
HETATM 1174 C C1  . 8C3 B 2 .   ? -5.294  9.785   7.388   1.00 78.00  ? 301 8C3 A C1  1 
HETATM 1175 C C2  . 8C3 B 2 .   ? -6.272  9.526   8.521   1.00 81.88  ? 301 8C3 A C2  1 
HETATM 1176 C C3  . 8C3 B 2 .   ? -7.294  9.782   5.829   1.00 78.58  ? 301 8C3 A C3  1 
HETATM 1177 O O1  . 8C3 B 2 .   ? -5.829  9.437   9.674   1.00 81.09  ? 301 8C3 A O1  1 
HETATM 1178 O O2  . 8C3 B 2 .   ? -8.549  6.839   9.464   1.00 100.86 ? 301 8C3 A O2  1 
HETATM 1179 C C11 . 8C3 B 2 .   ? -7.903  9.860   4.481   1.00 78.54  ? 301 8C3 A C11 1 
HETATM 1180 C C12 . 8C3 B 2 .   ? -9.702  5.996   12.263  1.00 107.99 ? 301 8C3 A C12 1 
HETATM 1181 C C13 . 8C3 B 2 .   ? -8.726  7.199   12.405  1.00 106.48 ? 301 8C3 A C13 1 
HETATM 1182 C C14 . 8C3 B 2 .   ? -11.196 6.394   12.150  1.00 108.75 ? 301 8C3 A C14 1 
HETATM 1183 C C15 . 8C3 B 2 .   ? -11.640 7.285   14.450  1.00 108.49 ? 301 8C3 A C15 1 
HETATM 1184 C C16 . 8C3 B 2 .   ? -13.436 6.056   13.178  1.00 108.59 ? 301 8C3 A C16 1 
HETATM 1185 C C17 . 8C3 B 2 .   ? -10.478 6.935   15.407  1.00 107.85 ? 301 8C3 A C17 1 
HETATM 1186 C C18 . 8C3 B 2 .   ? -14.105 7.340   12.650  1.00 108.63 ? 301 8C3 A C18 1 
HETATM 1187 N N1  . 8C3 B 2 .   ? -5.823  9.917   6.058   1.00 76.27  ? 301 8C3 A N1  1 
HETATM 1188 C C4  . 8C3 B 2 .   ? -3.899  9.937   7.360   1.00 73.56  ? 301 8C3 A C4  1 
HETATM 1189 N N2  . 8C3 B 2 .   ? -7.636  9.434   8.149   1.00 86.07  ? 301 8C3 A N2  1 
HETATM 1190 C C5  . 8C3 B 2 .   ? -4.741  10.149  5.290   1.00 69.93  ? 301 8C3 A C5  1 
HETATM 1191 N N3  . 8C3 B 2 .   ? -8.104  9.559   6.819   1.00 82.12  ? 301 8C3 A N3  1 
HETATM 1192 C C6  . 8C3 B 2 .   ? -3.600  10.163  6.039   1.00 70.14  ? 301 8C3 A C6  1 
HETATM 1193 C C7  . 8C3 B 2 .   ? -8.758  9.221   9.103   1.00 93.10  ? 301 8C3 A C7  1 
HETATM 1194 C C8  . 8C3 B 2 .   ? -4.427  10.395  3.923   1.00 66.04  ? 301 8C3 A C8  1 
HETATM 1195 S S1  . 8C3 B 2 .   ? -2.111  10.430  5.238   1.00 67.86  ? 301 8C3 A S1  1 
HETATM 1196 C C9  . 8C3 B 2 .   ? -8.681  7.963   9.983   1.00 99.54  ? 301 8C3 A C9  1 
HETATM 1197 C C10 . 8C3 B 2 .   ? -3.079  10.570  3.761   1.00 65.69  ? 301 8C3 A C10 1 
HETATM 1198 N N4  . 8C3 B 2 .   ? -8.771  8.193   11.315  1.00 103.58 ? 301 8C3 A N4  1 
HETATM 1199 N N5  . 8C3 B 2 .   ? -11.969 6.235   13.424  1.00 108.82 ? 301 8C3 A N5  1 
HETATM 1200 O O   . HOH C 3 .   ? 10.523  1.143   -0.473  1.00 43.33  ? 401 HOH A O   1 
HETATM 1201 O O   . HOH C 3 .   ? -7.890  -8.509  -8.531  1.00 33.22  ? 402 HOH A O   1 
HETATM 1202 O O   . HOH C 3 .   ? -0.548  -1.845  5.010   1.00 34.85  ? 403 HOH A O   1 
HETATM 1203 O O   . HOH C 3 .   ? 8.229   -2.038  -2.785  1.00 50.04  ? 404 HOH A O   1 
HETATM 1204 O O   . HOH C 3 .   ? 10.528  0.517   -2.823  1.00 42.76  ? 405 HOH A O   1 
HETATM 1205 O O   . HOH C 3 .   ? -8.398  16.032  1.785   1.00 44.95  ? 406 HOH A O   1 
HETATM 1206 O O   . HOH C 3 .   ? 7.847   6.574   7.975   1.00 33.57  ? 407 HOH A O   1 
HETATM 1207 O O   . HOH C 3 .   ? -14.936 -24.970 -5.086  1.00 56.10  ? 408 HOH A O   1 
HETATM 1208 O O   . HOH C 3 .   ? 1.734   -2.744  -9.442  1.00 35.83  ? 409 HOH A O   1 
HETATM 1209 O O   . HOH C 3 .   ? 0.491   21.065  1.231   1.00 25.77  ? 410 HOH A O   1 
HETATM 1210 O O   . HOH C 3 .   ? -5.180  4.287   0.948   1.00 22.66  ? 411 HOH A O   1 
HETATM 1211 O O   . HOH C 3 .   ? -14.507 -12.174 -0.778  1.00 28.33  ? 412 HOH A O   1 
HETATM 1212 O O   . HOH C 3 .   ? 5.933   5.675   -9.218  1.00 45.98  ? 413 HOH A O   1 
HETATM 1213 O O   . HOH C 3 .   ? 4.053   -3.981  -12.689 1.00 49.56  ? 414 HOH A O   1 
HETATM 1214 O O   . HOH C 3 .   ? 16.604  13.715  7.196   1.00 63.84  ? 415 HOH A O   1 
HETATM 1215 O O   . HOH C 3 .   ? -0.736  17.869  -2.297  1.00 38.00  ? 416 HOH A O   1 
HETATM 1216 O O   . HOH C 3 .   ? 8.738   0.017   0.756   1.00 47.65  ? 417 HOH A O   1 
HETATM 1217 O O   . HOH C 3 .   ? -3.033  -11.068 -13.488 1.00 44.70  ? 418 HOH A O   1 
HETATM 1218 O O   . HOH C 3 .   ? -2.312  2.934   -8.134  1.00 32.44  ? 419 HOH A O   1 
HETATM 1219 O O   . HOH C 3 .   ? -3.446  8.582   10.365  1.00 52.39  ? 420 HOH A O   1 
HETATM 1220 O O   . HOH C 3 .   ? 1.567   15.593  -5.471  1.00 52.45  ? 421 HOH A O   1 
HETATM 1221 O O   . HOH C 3 .   ? 17.635  15.205  -3.998  1.00 50.10  ? 422 HOH A O   1 
HETATM 1222 O O   . HOH C 3 .   ? -18.790 -20.324 -13.173 1.00 37.86  ? 423 HOH A O   1 
HETATM 1223 O O   . HOH C 3 .   ? 17.029  10.809  -4.978  1.00 54.15  ? 424 HOH A O   1 
HETATM 1224 O O   . HOH C 3 .   ? -3.019  11.238  -1.762  1.00 28.75  ? 425 HOH A O   1 
HETATM 1225 O O   . HOH C 3 .   ? 0.782   -15.399 8.272   1.00 45.08  ? 426 HOH A O   1 
HETATM 1226 O O   . HOH C 3 .   ? -5.208  9.660   -2.392  1.00 38.35  ? 427 HOH A O   1 
HETATM 1227 O O   . HOH C 3 .   ? 12.558  2.330   -0.739  1.00 52.12  ? 428 HOH A O   1 
HETATM 1228 O O   . HOH C 3 .   ? -13.798 -3.646  3.089   1.00 30.70  ? 429 HOH A O   1 
HETATM 1229 O O   . HOH C 3 .   ? 0.337   16.384  1.918   1.00 26.53  ? 430 HOH A O   1 
HETATM 1230 O O   . HOH C 3 .   ? -7.377  8.543   -0.741  1.00 39.66  ? 431 HOH A O   1 
HETATM 1231 O O   . HOH C 3 .   ? -15.585 -8.118  4.430   1.00 40.74  ? 432 HOH A O   1 
HETATM 1232 O O   . HOH C 3 .   ? 14.849  5.738   5.979   1.00 47.47  ? 433 HOH A O   1 
HETATM 1233 O O   . HOH C 3 .   ? -12.563 -5.437  1.023   1.00 28.40  ? 434 HOH A O   1 
HETATM 1234 O O   . HOH C 3 .   ? 1.972   0.649   -3.692  1.00 34.48  ? 435 HOH A O   1 
HETATM 1235 O O   . HOH C 3 .   ? 2.375   -8.205  -5.063  1.00 34.15  ? 436 HOH A O   1 
HETATM 1236 O O   . HOH C 3 .   ? -10.203 -10.120 -11.607 1.00 34.15  ? 437 HOH A O   1 
HETATM 1237 O O   . HOH C 3 .   ? -7.605  19.259  0.539   1.00 48.65  ? 438 HOH A O   1 
HETATM 1238 O O   . HOH C 3 .   ? -9.403  -7.631  -12.108 1.00 36.83  ? 439 HOH A O   1 
HETATM 1239 O O   . HOH C 3 .   ? -16.840 -9.825  -3.580  1.00 48.58  ? 440 HOH A O   1 
HETATM 1240 O O   . HOH C 3 .   ? -4.894  -14.915 14.407  1.00 51.02  ? 441 HOH A O   1 
HETATM 1241 O O   . HOH C 3 .   ? 1.538   10.366  7.107   1.00 29.31  ? 442 HOH A O   1 
HETATM 1242 O O   . HOH C 3 .   ? -8.854  -4.703  -3.457  1.00 29.62  ? 443 HOH A O   1 
HETATM 1243 O O   . HOH C 3 .   ? 16.111  16.676  -2.473  1.00 50.78  ? 444 HOH A O   1 
HETATM 1244 O O   . HOH C 3 .   ? -17.349 -13.794 5.011   1.00 56.95  ? 445 HOH A O   1 
HETATM 1245 O O   . HOH C 3 .   ? -16.768 -11.917 -2.192  1.00 55.02  ? 446 HOH A O   1 
HETATM 1246 O O   . HOH C 3 .   ? -13.458 -9.058  7.424   1.00 41.62  ? 447 HOH A O   1 
HETATM 1247 O O   . HOH C 3 .   ? -17.114 -18.269 -9.699  1.00 46.20  ? 448 HOH A O   1 
HETATM 1248 O O   . HOH C 3 .   ? 7.953   2.895   9.697   1.00 53.55  ? 449 HOH A O   1 
HETATM 1249 O O   . HOH C 3 .   ? 6.040   -7.281  0.050   1.00 53.54  ? 450 HOH A O   1 
HETATM 1250 O O   . HOH C 3 .   ? 6.309   8.845   8.188   1.00 44.09  ? 451 HOH A O   1 
HETATM 1251 O O   . HOH C 3 .   ? -5.255  -16.537 8.000   1.00 34.17  ? 452 HOH A O   1 
HETATM 1252 O O   . HOH C 3 .   ? -10.371 -3.769  -11.600 1.00 45.49  ? 453 HOH A O   1 
HETATM 1253 O O   . HOH C 3 .   ? -9.399  4.666   -0.784  1.00 43.49  ? 454 HOH A O   1 
HETATM 1254 O O   . HOH C 3 .   ? 5.714   21.923  -4.841  1.00 59.77  ? 455 HOH A O   1 
HETATM 1255 O O   . HOH C 3 .   ? -6.151  1.436   9.630   1.00 44.38  ? 456 HOH A O   1 
HETATM 1256 O O   . HOH C 3 .   ? -5.564  5.498   -2.596  1.00 38.63  ? 457 HOH A O   1 
HETATM 1257 O O   . HOH C 3 .   ? 6.867   10.137  -11.388 1.00 44.25  ? 458 HOH A O   1 
HETATM 1258 O O   . HOH C 3 .   ? 2.153   -18.140 -3.121  1.00 47.44  ? 459 HOH A O   1 
HETATM 1259 O O   . HOH C 3 .   ? 3.361   -0.589  -5.705  1.00 44.49  ? 460 HOH A O   1 
HETATM 1260 O O   . HOH C 3 .   ? -3.866  -20.519 -3.825  1.00 45.47  ? 461 HOH A O   1 
HETATM 1261 O O   . HOH C 3 .   ? 7.673   -5.244  -9.026  1.00 67.38  ? 462 HOH A O   1 
HETATM 1262 O O   . HOH C 3 .   ? -11.095 -22.554 2.351   1.00 38.41  ? 463 HOH A O   1 
HETATM 1263 O O   . HOH C 3 .   ? -1.186  -9.078  -13.131 1.00 51.29  ? 464 HOH A O   1 
HETATM 1264 O O   . HOH C 3 .   ? -18.768 -13.486 -5.785  1.00 45.61  ? 465 HOH A O   1 
HETATM 1265 O O   . HOH C 3 .   ? 3.232   19.391  -7.727  1.00 57.18  ? 466 HOH A O   1 
HETATM 1266 O O   . HOH C 3 .   ? 2.599   4.251   -12.374 1.00 48.87  ? 467 HOH A O   1 
HETATM 1267 O O   . HOH C 3 .   ? 7.029   14.327  9.338   1.00 40.57  ? 468 HOH A O   1 
HETATM 1268 O O   . HOH C 3 .   ? 3.995   -11.947 -3.125  1.00 46.16  ? 469 HOH A O   1 
HETATM 1269 O O   . HOH C 3 .   ? -18.839 1.287   0.352   1.00 55.97  ? 470 HOH A O   1 
HETATM 1270 O O   . HOH C 3 .   ? -5.001  7.641   -8.904  1.00 56.33  ? 471 HOH A O   1 
HETATM 1271 O O   . HOH C 3 .   ? -18.451 -13.792 -8.409  1.00 56.80  ? 472 HOH A O   1 
HETATM 1272 O O   . HOH C 3 .   ? -19.331 -14.333 -2.381  1.00 58.11  ? 473 HOH A O   1 
HETATM 1273 O O   . HOH C 3 .   ? 6.229   18.192  -10.452 1.00 60.15  ? 474 HOH A O   1 
HETATM 1274 O O   . HOH C 3 .   ? -0.141  3.973   -11.458 1.00 43.09  ? 475 HOH A O   1 
HETATM 1275 O O   . HOH C 3 .   ? -3.520  1.070   -12.943 1.00 53.49  ? 476 HOH A O   1 
HETATM 1276 O O   . HOH C 3 .   ? -3.380  -3.903  -14.696 1.00 51.84  ? 477 HOH A O   1 
HETATM 1277 O O   . HOH C 3 .   ? 3.415   8.645   7.910   1.00 49.38  ? 478 HOH A O   1 
HETATM 1278 O O   . HOH C 3 .   ? 6.943   -2.218  -0.083  1.00 32.90  ? 479 HOH A O   1 
HETATM 1279 O O   . HOH C 3 .   ? 16.444  13.236  -5.964  1.00 47.73  ? 480 HOH A O   1 
HETATM 1280 O O   . HOH C 3 .   ? 5.172   -5.127  1.944   1.00 59.08  ? 481 HOH A O   1 
HETATM 1281 O O   . HOH C 3 .   ? -13.560 -5.678  -7.158  1.00 41.32  ? 482 HOH A O   1 
HETATM 1282 O O   . HOH C 3 .   ? 11.677  6.742   9.958   1.00 72.21  ? 483 HOH A O   1 
HETATM 1283 O O   . HOH C 3 .   ? -0.365  11.492  -10.523 1.00 64.30  ? 484 HOH A O   1 
HETATM 1284 O O   . HOH C 3 .   ? -7.824  -21.420 0.361   1.00 35.03  ? 485 HOH A O   1 
HETATM 1285 O O   . HOH C 3 .   ? 20.600  18.837  8.831   1.00 63.68  ? 486 HOH A O   1 
HETATM 1286 O O   . HOH C 3 .   ? -16.855 4.109   2.859   1.00 62.50  ? 487 HOH A O   1 
HETATM 1287 O O   . HOH C 3 .   ? 0.953   8.886   10.919  1.00 50.60  ? 488 HOH A O   1 
HETATM 1288 O O   . HOH C 3 .   ? -17.598 -10.319 -6.510  1.00 60.17  ? 489 HOH A O   1 
HETATM 1289 O O   . HOH C 3 .   ? 1.728   21.438  -3.496  1.00 48.01  ? 490 HOH A O   1 
HETATM 1290 O O   . HOH C 3 .   ? -3.764  11.261  -7.516  1.00 55.10  ? 491 HOH A O   1 
HETATM 1291 O O   . HOH C 3 .   ? -6.459  -11.044 14.049  1.00 51.24  ? 492 HOH A O   1 
HETATM 1292 O O   . HOH C 3 .   ? -3.253  19.089  -3.975  1.00 53.73  ? 493 HOH A O   1 
HETATM 1293 O O   . HOH C 3 .   ? 10.421  -0.280  -7.515  1.00 63.43  ? 494 HOH A O   1 
HETATM 1294 O O   . HOH C 3 .   ? -19.585 -3.307  7.635   1.00 63.75  ? 495 HOH A O   1 
HETATM 1295 O O   . HOH C 3 .   ? -7.398  -6.543  -14.296 1.00 50.90  ? 496 HOH A O   1 
HETATM 1296 O O   . HOH C 3 .   ? -20.394 -16.607 -12.741 1.00 52.31  ? 497 HOH A O   1 
HETATM 1297 O O   . HOH C 3 .   ? 2.834   17.033  9.213   1.00 55.57  ? 498 HOH A O   1 
HETATM 1298 O O   . HOH C 3 .   ? -17.909 -11.846 -11.524 1.00 71.66  ? 499 HOH A O   1 
HETATM 1299 O O   . HOH C 3 .   ? -12.131 -23.461 -4.915  1.00 48.30  ? 500 HOH A O   1 
HETATM 1300 O O   . HOH C 3 .   ? -12.743 -14.908 -12.617 1.00 57.51  ? 501 HOH A O   1 
HETATM 1301 O O   . HOH C 3 .   ? -15.622 -7.139  -6.799  1.00 58.52  ? 502 HOH A O   1 
HETATM 1302 O O   . HOH C 3 .   ? 15.980  22.699  6.830   1.00 65.98  ? 503 HOH A O   1 
HETATM 1303 O O   . HOH C 3 .   ? -18.421 -15.962 -10.142 1.00 48.10  ? 504 HOH A O   1 
HETATM 1304 O O   . HOH C 3 .   ? -17.603 -19.202 -2.344  1.00 50.64  ? 505 HOH A O   1 
HETATM 1305 O O   . HOH C 3 .   ? -10.385 -21.262 -6.040  1.00 60.54  ? 506 HOH A O   1 
HETATM 1306 O O   . HOH C 3 .   ? 3.759   -5.198  5.122   1.00 48.97  ? 507 HOH A O   1 
HETATM 1307 O O   . HOH C 3 .   ? 0.664   -12.982 -10.618 1.00 64.33  ? 508 HOH A O   1 
HETATM 1308 O O   . HOH C 3 .   ? 0.539   12.660  7.626   1.00 46.91  ? 509 HOH A O   1 
HETATM 1309 O O   . HOH C 3 .   ? -2.317  5.839   -8.700  1.00 44.85  ? 510 HOH A O   1 
HETATM 1310 O O   . HOH C 3 .   ? 0.083   17.846  -5.024  1.00 52.11  ? 511 HOH A O   1 
HETATM 1311 O O   . HOH C 3 .   ? -3.757  9.711   -10.290 1.00 73.49  ? 512 HOH A O   1 
HETATM 1312 O O   . HOH C 3 .   ? 0.737   19.883  -1.158  1.00 41.17  ? 513 HOH A O   1 
HETATM 1313 O O   . HOH C 3 .   ? 2.642   -10.685 -6.540  1.00 48.84  ? 514 HOH A O   1 
HETATM 1314 O O   . HOH C 3 .   ? -7.049  5.886   -0.393  1.00 35.61  ? 515 HOH A O   1 
HETATM 1315 O O   . HOH C 3 .   ? 2.389   -11.354 -9.201  1.00 60.32  ? 516 HOH A O   1 
# 
loop_
_pdbx_poly_seq_scheme.asym_id 
_pdbx_poly_seq_scheme.entity_id 
_pdbx_poly_seq_scheme.seq_id 
_pdbx_poly_seq_scheme.mon_id 
_pdbx_poly_seq_scheme.ndb_seq_num 
_pdbx_poly_seq_scheme.pdb_seq_num 
_pdbx_poly_seq_scheme.auth_seq_num 
_pdbx_poly_seq_scheme.pdb_mon_id 
_pdbx_poly_seq_scheme.auth_mon_id 
_pdbx_poly_seq_scheme.pdb_strand_id 
_pdbx_poly_seq_scheme.pdb_ins_code 
_pdbx_poly_seq_scheme.hetero 
A 1 1   TRP 1   127 127 TRP TRP A . n 
A 1 2   ASP 2   128 128 ASP ASP A . n 
A 1 3   GLU 3   129 129 GLU GLU A . n 
A 1 4   THR 4   130 130 THR THR A . n 
A 1 5   GLU 5   131 131 GLU GLU A . n 
A 1 6   LEU 6   132 132 LEU LEU A . n 
A 1 7   GLY 7   133 133 GLY GLY A . n 
A 1 8   LEU 8   134 134 LEU LEU A . n 
A 1 9   TYR 9   135 135 TYR TYR A . n 
A 1 10  LYS 10  136 136 LYS LYS A . n 
A 1 11  VAL 11  137 137 VAL VAL A . n 
A 1 12  ASN 12  138 138 ASN ASN A . n 
A 1 13  GLU 13  139 139 GLU GLU A . n 
A 1 14  TYR 14  140 140 TYR TYR A . n 
A 1 15  VAL 15  141 141 VAL VAL A . n 
A 1 16  ASP 16  142 142 ASP ASP A . n 
A 1 17  ALA 17  143 143 ALA ALA A . n 
A 1 18  ARG 18  144 144 ARG ARG A . n 
A 1 19  ASP 19  145 145 ASP ASP A . n 
A 1 20  THR 20  146 146 THR THR A . n 
A 1 21  ASN 21  147 147 ASN ASN A . n 
A 1 22  MET 22  148 148 MET MET A . n 
A 1 23  GLY 23  149 149 GLY GLY A . n 
A 1 24  ALA 24  150 150 ALA ALA A . n 
A 1 25  TRP 25  151 151 TRP TRP A . n 
A 1 26  PHE 26  152 152 PHE PHE A . n 
A 1 27  GLU 27  153 153 GLU GLU A . n 
A 1 28  ALA 28  154 154 ALA ALA A . n 
A 1 29  GLN 29  155 155 GLN GLN A . n 
A 1 30  VAL 30  156 156 VAL VAL A . n 
A 1 31  VAL 31  157 157 VAL VAL A . n 
A 1 32  ARG 32  158 158 ARG ARG A . n 
A 1 33  VAL 33  159 159 VAL VAL A . n 
A 1 34  THR 34  160 160 THR THR A . n 
A 1 35  ARG 35  161 161 ARG ARG A . n 
A 1 36  LYS 36  162 162 LYS LYS A . n 
A 1 37  ALA 37  163 ?   ?   ?   A . n 
A 1 38  PRO 38  164 ?   ?   ?   A . n 
A 1 39  SER 39  165 ?   ?   ?   A . n 
A 1 40  ARG 40  166 ?   ?   ?   A . n 
A 1 41  ASP 41  167 ?   ?   ?   A . n 
A 1 42  GLU 42  168 ?   ?   ?   A . n 
A 1 43  PRO 43  169 ?   ?   ?   A . n 
A 1 44  CYS 44  170 ?   ?   ?   A . n 
A 1 45  SER 45  171 ?   ?   ?   A . n 
A 1 46  SER 46  172 ?   ?   ?   A . n 
A 1 47  THR 47  173 ?   ?   ?   A . n 
A 1 48  SER 48  174 ?   ?   ?   A . n 
A 1 49  ARG 49  175 ?   ?   ?   A . n 
A 1 50  PRO 50  176 ?   ?   ?   A . n 
A 1 51  ALA 51  177 ?   ?   ?   A . n 
A 1 52  LEU 52  178 ?   ?   ?   A . n 
A 1 53  GLU 53  179 ?   ?   ?   A . n 
A 1 54  GLU 54  180 180 GLU GLU A . n 
A 1 55  ASP 55  181 181 ASP ASP A . n 
A 1 56  VAL 56  182 182 VAL VAL A . n 
A 1 57  ILE 57  183 183 ILE ILE A . n 
A 1 58  TYR 58  184 184 TYR TYR A . n 
A 1 59  HIS 59  185 185 HIS HIS A . n 
A 1 60  VAL 60  186 186 VAL VAL A . n 
A 1 61  LYS 61  187 187 LYS LYS A . n 
A 1 62  TYR 62  188 188 TYR TYR A . n 
A 1 63  ASP 63  189 189 ASP ASP A . n 
A 1 64  ASP 64  190 190 ASP ASP A . n 
A 1 65  TYR 65  191 191 TYR TYR A . n 
A 1 66  PRO 66  192 192 PRO PRO A . n 
A 1 67  GLU 67  193 193 GLU GLU A . n 
A 1 68  ASN 68  194 194 ASN ASN A . n 
A 1 69  GLY 69  195 195 GLY GLY A . n 
A 1 70  VAL 70  196 196 VAL VAL A . n 
A 1 71  VAL 71  197 197 VAL VAL A . n 
A 1 72  GLN 72  198 198 GLN GLN A . n 
A 1 73  MET 73  199 199 MET MET A . n 
A 1 74  ASN 74  200 200 ASN ASN A . n 
A 1 75  SER 75  201 201 SER SER A . n 
A 1 76  ARG 76  202 202 ARG ARG A . n 
A 1 77  ASP 77  203 203 ASP ASP A . n 
A 1 78  VAL 78  204 204 VAL VAL A . n 
A 1 79  ARG 79  205 205 ARG ARG A . n 
A 1 80  ALA 80  206 206 ALA ALA A . n 
A 1 81  ARG 81  207 207 ARG ARG A . n 
A 1 82  ALA 82  208 208 ALA ALA A . n 
A 1 83  ARG 83  209 209 ARG ARG A . n 
A 1 84  THR 84  210 210 THR THR A . n 
A 1 85  ILE 85  211 211 ILE ILE A . n 
A 1 86  ILE 86  212 212 ILE ILE A . n 
A 1 87  LYS 87  213 213 LYS LYS A . n 
A 1 88  TRP 88  214 214 TRP TRP A . n 
A 1 89  GLN 89  215 215 GLN GLN A . n 
A 1 90  ASP 90  216 216 ASP ASP A . n 
A 1 91  LEU 91  217 217 LEU LEU A . n 
A 1 92  GLU 92  218 218 GLU GLU A . n 
A 1 93  VAL 93  219 219 VAL VAL A . n 
A 1 94  GLY 94  220 220 GLY GLY A . n 
A 1 95  GLN 95  221 221 GLN GLN A . n 
A 1 96  VAL 96  222 222 VAL VAL A . n 
A 1 97  VAL 97  223 223 VAL VAL A . n 
A 1 98  MET 98  224 224 MET MET A . n 
A 1 99  LEU 99  225 225 LEU LEU A . n 
A 1 100 ASN 100 226 226 ASN ASN A . n 
A 1 101 TYR 101 227 227 TYR TYR A . n 
A 1 102 ASN 102 228 228 ASN ASN A . n 
A 1 103 PRO 103 229 229 PRO PRO A . n 
A 1 104 ASP 104 230 230 ASP ASP A . n 
A 1 105 ASN 105 231 231 ASN ASN A . n 
A 1 106 PRO 106 232 232 PRO PRO A . n 
A 1 107 LYS 107 233 233 LYS LYS A . n 
A 1 108 GLU 108 234 234 GLU GLU A . n 
A 1 109 ARG 109 235 235 ARG ARG A . n 
A 1 110 GLY 110 236 236 GLY GLY A . n 
A 1 111 PHE 111 237 237 PHE PHE A . n 
A 1 112 TRP 112 238 238 TRP TRP A . n 
A 1 113 TYR 113 239 239 TYR TYR A . n 
A 1 114 ASP 114 240 240 ASP ASP A . n 
A 1 115 ALA 115 241 241 ALA ALA A . n 
A 1 116 GLU 116 242 242 GLU GLU A . n 
A 1 117 ILE 117 243 243 ILE ILE A . n 
A 1 118 SER 118 244 244 SER SER A . n 
A 1 119 ARG 119 245 245 ARG ARG A . n 
A 1 120 LYS 120 246 246 LYS LYS A . n 
A 1 121 ARG 121 247 247 ARG ARG A . n 
A 1 122 GLU 122 248 248 GLU GLU A . n 
A 1 123 THR 123 249 249 THR THR A . n 
A 1 124 ARG 124 250 250 ARG ARG A . n 
A 1 125 THR 125 251 251 THR THR A . n 
A 1 126 ALA 126 252 252 ALA ALA A . n 
A 1 127 ARG 127 253 253 ARG ARG A . n 
A 1 128 GLU 128 254 254 GLU GLU A . n 
A 1 129 LEU 129 255 255 LEU LEU A . n 
A 1 130 TYR 130 256 256 TYR TYR A . n 
A 1 131 ALA 131 257 257 ALA ALA A . n 
A 1 132 ASN 132 258 258 ASN ASN A . n 
A 1 133 VAL 133 259 259 VAL VAL A . n 
A 1 134 VAL 134 260 260 VAL VAL A . n 
A 1 135 LEU 135 261 261 LEU LEU A . n 
A 1 136 GLY 136 262 262 GLY GLY A . n 
A 1 137 ASP 137 263 263 ASP ASP A . n 
A 1 138 ASP 138 264 264 ASP ASP A . n 
A 1 139 SER 139 265 265 SER SER A . n 
A 1 140 LEU 140 266 266 LEU LEU A . n 
A 1 141 ASN 141 267 267 ASN ASN A . n 
A 1 142 ASP 142 268 268 ASP ASP A . n 
A 1 143 CYS 143 269 269 CYS CYS A . n 
A 1 144 ARG 144 270 270 ARG ARG A . n 
A 1 145 ILE 145 271 271 ILE ILE A . n 
A 1 146 ILE 146 272 272 ILE ILE A . n 
A 1 147 PHE 147 273 273 PHE PHE A . n 
A 1 148 VAL 148 274 274 VAL VAL A . n 
A 1 149 ASP 149 275 275 ASP ASP A . n 
A 1 150 GLU 150 276 276 GLU GLU A . n 
A 1 151 VAL 151 277 277 VAL VAL A . n 
A 1 152 PHE 152 278 278 PHE PHE A . n 
A 1 153 LYS 153 279 279 LYS LYS A . n 
A 1 154 ILE 154 280 280 ILE ILE A . n 
A 1 155 GLU 155 281 281 GLU GLU A . n 
A 1 156 ARG 156 282 282 ARG ARG A . n 
A 1 157 PRO 157 283 283 PRO PRO A . n 
# 
loop_
_pdbx_nonpoly_scheme.asym_id 
_pdbx_nonpoly_scheme.entity_id 
_pdbx_nonpoly_scheme.mon_id 
_pdbx_nonpoly_scheme.ndb_seq_num 
_pdbx_nonpoly_scheme.pdb_seq_num 
_pdbx_nonpoly_scheme.auth_seq_num 
_pdbx_nonpoly_scheme.pdb_mon_id 
_pdbx_nonpoly_scheme.auth_mon_id 
_pdbx_nonpoly_scheme.pdb_strand_id 
_pdbx_nonpoly_scheme.pdb_ins_code 
B 2 8C3 1   301 1   8C3 LI1 A . 
C 3 HOH 1   401 11  HOH HOH A . 
C 3 HOH 2   402 15  HOH HOH A . 
C 3 HOH 3   403 13  HOH HOH A . 
C 3 HOH 4   404 100 HOH HOH A . 
C 3 HOH 5   405 88  HOH HOH A . 
C 3 HOH 6   406 85  HOH HOH A . 
C 3 HOH 7   407 12  HOH HOH A . 
C 3 HOH 8   408 19  HOH HOH A . 
C 3 HOH 9   409 8   HOH HOH A . 
C 3 HOH 10  410 2   HOH HOH A . 
C 3 HOH 11  411 55  HOH HOH A . 
C 3 HOH 12  412 6   HOH HOH A . 
C 3 HOH 13  413 25  HOH HOH A . 
C 3 HOH 14  414 40  HOH HOH A . 
C 3 HOH 15  415 97  HOH HOH A . 
C 3 HOH 16  416 20  HOH HOH A . 
C 3 HOH 17  417 92  HOH HOH A . 
C 3 HOH 18  418 56  HOH HOH A . 
C 3 HOH 19  419 27  HOH HOH A . 
C 3 HOH 20  420 36  HOH HOH A . 
C 3 HOH 21  421 95  HOH HOH A . 
C 3 HOH 22  422 115 HOH HOH A . 
C 3 HOH 23  423 65  HOH HOH A . 
C 3 HOH 24  424 81  HOH HOH A . 
C 3 HOH 25  425 3   HOH HOH A . 
C 3 HOH 26  426 80  HOH HOH A . 
C 3 HOH 27  427 9   HOH HOH A . 
C 3 HOH 28  428 91  HOH HOH A . 
C 3 HOH 29  429 5   HOH HOH A . 
C 3 HOH 30  430 4   HOH HOH A . 
C 3 HOH 31  431 61  HOH HOH A . 
C 3 HOH 32  432 14  HOH HOH A . 
C 3 HOH 33  433 43  HOH HOH A . 
C 3 HOH 34  434 7   HOH HOH A . 
C 3 HOH 35  435 23  HOH HOH A . 
C 3 HOH 36  436 29  HOH HOH A . 
C 3 HOH 37  437 26  HOH HOH A . 
C 3 HOH 38  438 39  HOH HOH A . 
C 3 HOH 39  439 37  HOH HOH A . 
C 3 HOH 40  440 76  HOH HOH A . 
C 3 HOH 41  441 84  HOH HOH A . 
C 3 HOH 42  442 38  HOH HOH A . 
C 3 HOH 43  443 1   HOH HOH A . 
C 3 HOH 44  444 86  HOH HOH A . 
C 3 HOH 45  445 47  HOH HOH A . 
C 3 HOH 46  446 82  HOH HOH A . 
C 3 HOH 47  447 17  HOH HOH A . 
C 3 HOH 48  448 18  HOH HOH A . 
C 3 HOH 49  449 48  HOH HOH A . 
C 3 HOH 50  450 79  HOH HOH A . 
C 3 HOH 51  451 51  HOH HOH A . 
C 3 HOH 52  452 35  HOH HOH A . 
C 3 HOH 53  453 50  HOH HOH A . 
C 3 HOH 54  454 63  HOH HOH A . 
C 3 HOH 55  455 52  HOH HOH A . 
C 3 HOH 56  456 30  HOH HOH A . 
C 3 HOH 57  457 34  HOH HOH A . 
C 3 HOH 58  458 33  HOH HOH A . 
C 3 HOH 59  459 44  HOH HOH A . 
C 3 HOH 60  460 21  HOH HOH A . 
C 3 HOH 61  461 22  HOH HOH A . 
C 3 HOH 62  462 87  HOH HOH A . 
C 3 HOH 63  463 109 HOH HOH A . 
C 3 HOH 64  464 93  HOH HOH A . 
C 3 HOH 65  465 46  HOH HOH A . 
C 3 HOH 66  466 45  HOH HOH A . 
C 3 HOH 67  467 94  HOH HOH A . 
C 3 HOH 68  468 24  HOH HOH A . 
C 3 HOH 69  469 28  HOH HOH A . 
C 3 HOH 70  470 41  HOH HOH A . 
C 3 HOH 71  471 68  HOH HOH A . 
C 3 HOH 72  472 42  HOH HOH A . 
C 3 HOH 73  473 54  HOH HOH A . 
C 3 HOH 74  474 103 HOH HOH A . 
C 3 HOH 75  475 89  HOH HOH A . 
C 3 HOH 76  476 78  HOH HOH A . 
C 3 HOH 77  477 59  HOH HOH A . 
C 3 HOH 78  478 83  HOH HOH A . 
C 3 HOH 79  479 16  HOH HOH A . 
C 3 HOH 80  480 72  HOH HOH A . 
C 3 HOH 81  481 105 HOH HOH A . 
C 3 HOH 82  482 10  HOH HOH A . 
C 3 HOH 83  483 101 HOH HOH A . 
C 3 HOH 84  484 75  HOH HOH A . 
C 3 HOH 85  485 108 HOH HOH A . 
C 3 HOH 86  486 116 HOH HOH A . 
C 3 HOH 87  487 64  HOH HOH A . 
C 3 HOH 88  488 90  HOH HOH A . 
C 3 HOH 89  489 77  HOH HOH A . 
C 3 HOH 90  490 71  HOH HOH A . 
C 3 HOH 91  491 67  HOH HOH A . 
C 3 HOH 92  492 49  HOH HOH A . 
C 3 HOH 93  493 70  HOH HOH A . 
C 3 HOH 94  494 58  HOH HOH A . 
C 3 HOH 95  495 102 HOH HOH A . 
C 3 HOH 96  496 31  HOH HOH A . 
C 3 HOH 97  497 69  HOH HOH A . 
C 3 HOH 98  498 104 HOH HOH A . 
C 3 HOH 99  499 74  HOH HOH A . 
C 3 HOH 100 500 60  HOH HOH A . 
C 3 HOH 101 501 99  HOH HOH A . 
C 3 HOH 102 502 96  HOH HOH A . 
C 3 HOH 103 503 107 HOH HOH A . 
C 3 HOH 104 504 32  HOH HOH A . 
C 3 HOH 105 505 110 HOH HOH A . 
C 3 HOH 106 506 62  HOH HOH A . 
C 3 HOH 107 507 106 HOH HOH A . 
C 3 HOH 108 508 114 HOH HOH A . 
C 3 HOH 109 509 112 HOH HOH A . 
C 3 HOH 110 510 57  HOH HOH A . 
C 3 HOH 111 511 98  HOH HOH A . 
C 3 HOH 112 512 111 HOH HOH A . 
C 3 HOH 113 513 66  HOH HOH A . 
C 3 HOH 114 514 73  HOH HOH A . 
C 3 HOH 115 515 53  HOH HOH A . 
C 3 HOH 116 516 113 HOH HOH A . 
# 
_pdbx_struct_assembly.id                   1 
_pdbx_struct_assembly.details              author_defined_assembly 
_pdbx_struct_assembly.method_details       ? 
_pdbx_struct_assembly.oligomeric_details   monomeric 
_pdbx_struct_assembly.oligomeric_count     1 
# 
_pdbx_struct_assembly_gen.assembly_id       1 
_pdbx_struct_assembly_gen.oper_expression   1 
_pdbx_struct_assembly_gen.asym_id_list      A,B,C 
# 
loop_
_pdbx_struct_assembly_prop.biol_id 
_pdbx_struct_assembly_prop.type 
_pdbx_struct_assembly_prop.value 
_pdbx_struct_assembly_prop.details 
1 'ABSA (A^2)' 0    ? 
1 MORE         0    ? 
1 'SSA (A^2)'  8660 ? 
# 
_pdbx_struct_oper_list.id                   1 
_pdbx_struct_oper_list.type                 'identity operation' 
_pdbx_struct_oper_list.name                 1_555 
_pdbx_struct_oper_list.symmetry_operation   x,y,z 
_pdbx_struct_oper_list.matrix[1][1]         1.0000000000 
_pdbx_struct_oper_list.matrix[1][2]         0.0000000000 
_pdbx_struct_oper_list.matrix[1][3]         0.0000000000 
_pdbx_struct_oper_list.vector[1]            0.0000000000 
_pdbx_struct_oper_list.matrix[2][1]         0.0000000000 
_pdbx_struct_oper_list.matrix[2][2]         1.0000000000 
_pdbx_struct_oper_list.matrix[2][3]         0.0000000000 
_pdbx_struct_oper_list.vector[2]            0.0000000000 
_pdbx_struct_oper_list.matrix[3][1]         0.0000000000 
_pdbx_struct_oper_list.matrix[3][2]         0.0000000000 
_pdbx_struct_oper_list.matrix[3][3]         1.0000000000 
_pdbx_struct_oper_list.vector[3]            0.0000000000 
# 
loop_
_pdbx_audit_revision_history.ordinal 
_pdbx_audit_revision_history.data_content_type 
_pdbx_audit_revision_history.major_revision 
_pdbx_audit_revision_history.minor_revision 
_pdbx_audit_revision_history.revision_date 
1 'Structure model' 1 0 2018-04-25 
2 'Structure model' 1 1 2018-07-18 
3 'Structure model' 1 2 2018-10-03 
4 'Structure model' 1 3 2023-11-22 
# 
_pdbx_audit_revision_details.ordinal             1 
_pdbx_audit_revision_details.revision_ordinal    1 
_pdbx_audit_revision_details.data_content_type   'Structure model' 
_pdbx_audit_revision_details.provider            repository 
_pdbx_audit_revision_details.type                'Initial release' 
_pdbx_audit_revision_details.description         ? 
_pdbx_audit_revision_details.details             ? 
# 
loop_
_pdbx_audit_revision_group.ordinal 
_pdbx_audit_revision_group.revision_ordinal 
_pdbx_audit_revision_group.data_content_type 
_pdbx_audit_revision_group.group 
1 2 'Structure model' 'Data collection'        
2 3 'Structure model' 'Data collection'        
3 3 'Structure model' 'Database references'    
4 4 'Structure model' 'Data collection'        
5 4 'Structure model' 'Database references'    
6 4 'Structure model' 'Refinement description' 
# 
loop_
_pdbx_audit_revision_category.ordinal 
_pdbx_audit_revision_category.revision_ordinal 
_pdbx_audit_revision_category.data_content_type 
_pdbx_audit_revision_category.category 
1 2 'Structure model' diffrn_source                 
2 3 'Structure model' citation                      
3 4 'Structure model' chem_comp_atom                
4 4 'Structure model' chem_comp_bond                
5 4 'Structure model' citation                      
6 4 'Structure model' database_2                    
7 4 'Structure model' pdbx_initial_refinement_model 
# 
loop_
_pdbx_audit_revision_item.ordinal 
_pdbx_audit_revision_item.revision_ordinal 
_pdbx_audit_revision_item.data_content_type 
_pdbx_audit_revision_item.item 
1 2 'Structure model' '_diffrn_source.source'               
2 3 'Structure model' '_citation.journal_volume'            
3 3 'Structure model' '_citation.page_first'                
4 3 'Structure model' '_citation.page_last'                 
5 4 'Structure model' '_citation.country'                   
6 4 'Structure model' '_database_2.pdbx_DOI'                
7 4 'Structure model' '_database_2.pdbx_database_accession' 
# 
loop_
_software.citation_id 
_software.classification 
_software.compiler_name 
_software.compiler_version 
_software.contact_author 
_software.contact_author_email 
_software.date 
_software.description 
_software.dependencies 
_software.hardware 
_software.language 
_software.location 
_software.mods 
_software.name 
_software.os 
_software.os_version 
_software.type 
_software.version 
_software.pdbx_ordinal 
? 'data scaling'    ? ? ? ? ? ? ? ? ? ? ? HKL-2000    ? ? ? .     1 
? refinement        ? ? ? ? ? ? ? ? ? ? ? BUSTER      ? ? ? 2.9.6 2 
? 'data extraction' ? ? ? ? ? ? ? ? ? ? ? PDB_EXTRACT ? ? ? 3.22  3 
? 'data reduction'  ? ? ? ? ? ? ? ? ? ? ? HKL-2000    ? ? ? .     4 
? phasing           ? ? ? ? ? ? ? ? ? ? ? MOLREP      ? ? ? .     5 
# 
loop_
_pdbx_validate_torsion.id 
_pdbx_validate_torsion.PDB_model_num 
_pdbx_validate_torsion.auth_comp_id 
_pdbx_validate_torsion.auth_asym_id 
_pdbx_validate_torsion.auth_seq_id 
_pdbx_validate_torsion.PDB_ins_code 
_pdbx_validate_torsion.label_alt_id 
_pdbx_validate_torsion.phi 
_pdbx_validate_torsion.psi 
1 1 ASN A 138 ? ? 82.23   -7.54   
2 1 ASP A 181 ? ? -117.86 53.57   
3 1 THR A 249 ? ? -116.23 -167.70 
4 1 LEU A 261 ? ? -100.53 -147.70 
# 
loop_
_pdbx_unobs_or_zero_occ_residues.id 
_pdbx_unobs_or_zero_occ_residues.PDB_model_num 
_pdbx_unobs_or_zero_occ_residues.polymer_flag 
_pdbx_unobs_or_zero_occ_residues.occupancy_flag 
_pdbx_unobs_or_zero_occ_residues.auth_asym_id 
_pdbx_unobs_or_zero_occ_residues.auth_comp_id 
_pdbx_unobs_or_zero_occ_residues.auth_seq_id 
_pdbx_unobs_or_zero_occ_residues.PDB_ins_code 
_pdbx_unobs_or_zero_occ_residues.label_asym_id 
_pdbx_unobs_or_zero_occ_residues.label_comp_id 
_pdbx_unobs_or_zero_occ_residues.label_seq_id 
1  1 Y 1 A ALA 163 ? A ALA 37 
2  1 Y 1 A PRO 164 ? A PRO 38 
3  1 Y 1 A SER 165 ? A SER 39 
4  1 Y 1 A ARG 166 ? A ARG 40 
5  1 Y 1 A ASP 167 ? A ASP 41 
6  1 Y 1 A GLU 168 ? A GLU 42 
7  1 Y 1 A PRO 169 ? A PRO 43 
8  1 Y 1 A CYS 170 ? A CYS 44 
9  1 Y 1 A SER 171 ? A SER 45 
10 1 Y 1 A SER 172 ? A SER 46 
11 1 Y 1 A THR 173 ? A THR 47 
12 1 Y 1 A SER 174 ? A SER 48 
13 1 Y 1 A ARG 175 ? A ARG 49 
14 1 Y 1 A PRO 176 ? A PRO 50 
15 1 Y 1 A ALA 177 ? A ALA 51 
16 1 Y 1 A LEU 178 ? A LEU 52 
17 1 Y 1 A GLU 179 ? A GLU 53 
# 
loop_
_chem_comp_atom.comp_id 
_chem_comp_atom.atom_id 
_chem_comp_atom.type_symbol 
_chem_comp_atom.pdbx_aromatic_flag 
_chem_comp_atom.pdbx_stereo_config 
_chem_comp_atom.pdbx_ordinal 
8C3 C1   C Y N 1   
8C3 C2   C N N 2   
8C3 C3   C N N 3   
8C3 O1   O N N 4   
8C3 O2   O N N 5   
8C3 C11  C N N 6   
8C3 C12  C N N 7   
8C3 C13  C N N 8   
8C3 C14  C N N 9   
8C3 C15  C N N 10  
8C3 C16  C N N 11  
8C3 C17  C N N 12  
8C3 C18  C N N 13  
8C3 N1   N Y N 14  
8C3 C4   C Y N 15  
8C3 N2   N N N 16  
8C3 C5   C Y N 17  
8C3 N3   N N N 18  
8C3 C6   C Y N 19  
8C3 C7   C N N 20  
8C3 C8   C Y N 21  
8C3 S1   S Y N 22  
8C3 C9   C N N 23  
8C3 C10  C Y N 24  
8C3 N4   N N N 25  
8C3 N5   N N N 26  
8C3 H1   H N N 27  
8C3 H2   H N N 28  
8C3 H3   H N N 29  
8C3 H4   H N N 30  
8C3 H5   H N N 31  
8C3 H6   H N N 32  
8C3 H7   H N N 33  
8C3 H8   H N N 34  
8C3 H9   H N N 35  
8C3 H10  H N N 36  
8C3 H11  H N N 37  
8C3 H12  H N N 38  
8C3 H13  H N N 39  
8C3 H14  H N N 40  
8C3 H15  H N N 41  
8C3 H16  H N N 42  
8C3 H17  H N N 43  
8C3 H18  H N N 44  
8C3 H19  H N N 45  
8C3 H20  H N N 46  
8C3 H21  H N N 47  
8C3 H22  H N N 48  
8C3 H23  H N N 49  
8C3 H24  H N N 50  
8C3 H25  H N N 51  
ALA N    N N N 52  
ALA CA   C N S 53  
ALA C    C N N 54  
ALA O    O N N 55  
ALA CB   C N N 56  
ALA OXT  O N N 57  
ALA H    H N N 58  
ALA H2   H N N 59  
ALA HA   H N N 60  
ALA HB1  H N N 61  
ALA HB2  H N N 62  
ALA HB3  H N N 63  
ALA HXT  H N N 64  
ARG N    N N N 65  
ARG CA   C N S 66  
ARG C    C N N 67  
ARG O    O N N 68  
ARG CB   C N N 69  
ARG CG   C N N 70  
ARG CD   C N N 71  
ARG NE   N N N 72  
ARG CZ   C N N 73  
ARG NH1  N N N 74  
ARG NH2  N N N 75  
ARG OXT  O N N 76  
ARG H    H N N 77  
ARG H2   H N N 78  
ARG HA   H N N 79  
ARG HB2  H N N 80  
ARG HB3  H N N 81  
ARG HG2  H N N 82  
ARG HG3  H N N 83  
ARG HD2  H N N 84  
ARG HD3  H N N 85  
ARG HE   H N N 86  
ARG HH11 H N N 87  
ARG HH12 H N N 88  
ARG HH21 H N N 89  
ARG HH22 H N N 90  
ARG HXT  H N N 91  
ASN N    N N N 92  
ASN CA   C N S 93  
ASN C    C N N 94  
ASN O    O N N 95  
ASN CB   C N N 96  
ASN CG   C N N 97  
ASN OD1  O N N 98  
ASN ND2  N N N 99  
ASN OXT  O N N 100 
ASN H    H N N 101 
ASN H2   H N N 102 
ASN HA   H N N 103 
ASN HB2  H N N 104 
ASN HB3  H N N 105 
ASN HD21 H N N 106 
ASN HD22 H N N 107 
ASN HXT  H N N 108 
ASP N    N N N 109 
ASP CA   C N S 110 
ASP C    C N N 111 
ASP O    O N N 112 
ASP CB   C N N 113 
ASP CG   C N N 114 
ASP OD1  O N N 115 
ASP OD2  O N N 116 
ASP OXT  O N N 117 
ASP H    H N N 118 
ASP H2   H N N 119 
ASP HA   H N N 120 
ASP HB2  H N N 121 
ASP HB3  H N N 122 
ASP HD2  H N N 123 
ASP HXT  H N N 124 
CYS N    N N N 125 
CYS CA   C N R 126 
CYS C    C N N 127 
CYS O    O N N 128 
CYS CB   C N N 129 
CYS SG   S N N 130 
CYS OXT  O N N 131 
CYS H    H N N 132 
CYS H2   H N N 133 
CYS HA   H N N 134 
CYS HB2  H N N 135 
CYS HB3  H N N 136 
CYS HG   H N N 137 
CYS HXT  H N N 138 
GLN N    N N N 139 
GLN CA   C N S 140 
GLN C    C N N 141 
GLN O    O N N 142 
GLN CB   C N N 143 
GLN CG   C N N 144 
GLN CD   C N N 145 
GLN OE1  O N N 146 
GLN NE2  N N N 147 
GLN OXT  O N N 148 
GLN H    H N N 149 
GLN H2   H N N 150 
GLN HA   H N N 151 
GLN HB2  H N N 152 
GLN HB3  H N N 153 
GLN HG2  H N N 154 
GLN HG3  H N N 155 
GLN HE21 H N N 156 
GLN HE22 H N N 157 
GLN HXT  H N N 158 
GLU N    N N N 159 
GLU CA   C N S 160 
GLU C    C N N 161 
GLU O    O N N 162 
GLU CB   C N N 163 
GLU CG   C N N 164 
GLU CD   C N N 165 
GLU OE1  O N N 166 
GLU OE2  O N N 167 
GLU OXT  O N N 168 
GLU H    H N N 169 
GLU H2   H N N 170 
GLU HA   H N N 171 
GLU HB2  H N N 172 
GLU HB3  H N N 173 
GLU HG2  H N N 174 
GLU HG3  H N N 175 
GLU HE2  H N N 176 
GLU HXT  H N N 177 
GLY N    N N N 178 
GLY CA   C N N 179 
GLY C    C N N 180 
GLY O    O N N 181 
GLY OXT  O N N 182 
GLY H    H N N 183 
GLY H2   H N N 184 
GLY HA2  H N N 185 
GLY HA3  H N N 186 
GLY HXT  H N N 187 
HIS N    N N N 188 
HIS CA   C N S 189 
HIS C    C N N 190 
HIS O    O N N 191 
HIS CB   C N N 192 
HIS CG   C Y N 193 
HIS ND1  N Y N 194 
HIS CD2  C Y N 195 
HIS CE1  C Y N 196 
HIS NE2  N Y N 197 
HIS OXT  O N N 198 
HIS H    H N N 199 
HIS H2   H N N 200 
HIS HA   H N N 201 
HIS HB2  H N N 202 
HIS HB3  H N N 203 
HIS HD1  H N N 204 
HIS HD2  H N N 205 
HIS HE1  H N N 206 
HIS HE2  H N N 207 
HIS HXT  H N N 208 
HOH O    O N N 209 
HOH H1   H N N 210 
HOH H2   H N N 211 
ILE N    N N N 212 
ILE CA   C N S 213 
ILE C    C N N 214 
ILE O    O N N 215 
ILE CB   C N S 216 
ILE CG1  C N N 217 
ILE CG2  C N N 218 
ILE CD1  C N N 219 
ILE OXT  O N N 220 
ILE H    H N N 221 
ILE H2   H N N 222 
ILE HA   H N N 223 
ILE HB   H N N 224 
ILE HG12 H N N 225 
ILE HG13 H N N 226 
ILE HG21 H N N 227 
ILE HG22 H N N 228 
ILE HG23 H N N 229 
ILE HD11 H N N 230 
ILE HD12 H N N 231 
ILE HD13 H N N 232 
ILE HXT  H N N 233 
LEU N    N N N 234 
LEU CA   C N S 235 
LEU C    C N N 236 
LEU O    O N N 237 
LEU CB   C N N 238 
LEU CG   C N N 239 
LEU CD1  C N N 240 
LEU CD2  C N N 241 
LEU OXT  O N N 242 
LEU H    H N N 243 
LEU H2   H N N 244 
LEU HA   H N N 245 
LEU HB2  H N N 246 
LEU HB3  H N N 247 
LEU HG   H N N 248 
LEU HD11 H N N 249 
LEU HD12 H N N 250 
LEU HD13 H N N 251 
LEU HD21 H N N 252 
LEU HD22 H N N 253 
LEU HD23 H N N 254 
LEU HXT  H N N 255 
LYS N    N N N 256 
LYS CA   C N S 257 
LYS C    C N N 258 
LYS O    O N N 259 
LYS CB   C N N 260 
LYS CG   C N N 261 
LYS CD   C N N 262 
LYS CE   C N N 263 
LYS NZ   N N N 264 
LYS OXT  O N N 265 
LYS H    H N N 266 
LYS H2   H N N 267 
LYS HA   H N N 268 
LYS HB2  H N N 269 
LYS HB3  H N N 270 
LYS HG2  H N N 271 
LYS HG3  H N N 272 
LYS HD2  H N N 273 
LYS HD3  H N N 274 
LYS HE2  H N N 275 
LYS HE3  H N N 276 
LYS HZ1  H N N 277 
LYS HZ2  H N N 278 
LYS HZ3  H N N 279 
LYS HXT  H N N 280 
MET N    N N N 281 
MET CA   C N S 282 
MET C    C N N 283 
MET O    O N N 284 
MET CB   C N N 285 
MET CG   C N N 286 
MET SD   S N N 287 
MET CE   C N N 288 
MET OXT  O N N 289 
MET H    H N N 290 
MET H2   H N N 291 
MET HA   H N N 292 
MET HB2  H N N 293 
MET HB3  H N N 294 
MET HG2  H N N 295 
MET HG3  H N N 296 
MET HE1  H N N 297 
MET HE2  H N N 298 
MET HE3  H N N 299 
MET HXT  H N N 300 
PHE N    N N N 301 
PHE CA   C N S 302 
PHE C    C N N 303 
PHE O    O N N 304 
PHE CB   C N N 305 
PHE CG   C Y N 306 
PHE CD1  C Y N 307 
PHE CD2  C Y N 308 
PHE CE1  C Y N 309 
PHE CE2  C Y N 310 
PHE CZ   C Y N 311 
PHE OXT  O N N 312 
PHE H    H N N 313 
PHE H2   H N N 314 
PHE HA   H N N 315 
PHE HB2  H N N 316 
PHE HB3  H N N 317 
PHE HD1  H N N 318 
PHE HD2  H N N 319 
PHE HE1  H N N 320 
PHE HE2  H N N 321 
PHE HZ   H N N 322 
PHE HXT  H N N 323 
PRO N    N N N 324 
PRO CA   C N S 325 
PRO C    C N N 326 
PRO O    O N N 327 
PRO CB   C N N 328 
PRO CG   C N N 329 
PRO CD   C N N 330 
PRO OXT  O N N 331 
PRO H    H N N 332 
PRO HA   H N N 333 
PRO HB2  H N N 334 
PRO HB3  H N N 335 
PRO HG2  H N N 336 
PRO HG3  H N N 337 
PRO HD2  H N N 338 
PRO HD3  H N N 339 
PRO HXT  H N N 340 
SER N    N N N 341 
SER CA   C N S 342 
SER C    C N N 343 
SER O    O N N 344 
SER CB   C N N 345 
SER OG   O N N 346 
SER OXT  O N N 347 
SER H    H N N 348 
SER H2   H N N 349 
SER HA   H N N 350 
SER HB2  H N N 351 
SER HB3  H N N 352 
SER HG   H N N 353 
SER HXT  H N N 354 
THR N    N N N 355 
THR CA   C N S 356 
THR C    C N N 357 
THR O    O N N 358 
THR CB   C N R 359 
THR OG1  O N N 360 
THR CG2  C N N 361 
THR OXT  O N N 362 
THR H    H N N 363 
THR H2   H N N 364 
THR HA   H N N 365 
THR HB   H N N 366 
THR HG1  H N N 367 
THR HG21 H N N 368 
THR HG22 H N N 369 
THR HG23 H N N 370 
THR HXT  H N N 371 
TRP N    N N N 372 
TRP CA   C N S 373 
TRP C    C N N 374 
TRP O    O N N 375 
TRP CB   C N N 376 
TRP CG   C Y N 377 
TRP CD1  C Y N 378 
TRP CD2  C Y N 379 
TRP NE1  N Y N 380 
TRP CE2  C Y N 381 
TRP CE3  C Y N 382 
TRP CZ2  C Y N 383 
TRP CZ3  C Y N 384 
TRP CH2  C Y N 385 
TRP OXT  O N N 386 
TRP H    H N N 387 
TRP H2   H N N 388 
TRP HA   H N N 389 
TRP HB2  H N N 390 
TRP HB3  H N N 391 
TRP HD1  H N N 392 
TRP HE1  H N N 393 
TRP HE3  H N N 394 
TRP HZ2  H N N 395 
TRP HZ3  H N N 396 
TRP HH2  H N N 397 
TRP HXT  H N N 398 
TYR N    N N N 399 
TYR CA   C N S 400 
TYR C    C N N 401 
TYR O    O N N 402 
TYR CB   C N N 403 
TYR CG   C Y N 404 
TYR CD1  C Y N 405 
TYR CD2  C Y N 406 
TYR CE1  C Y N 407 
TYR CE2  C Y N 408 
TYR CZ   C Y N 409 
TYR OH   O N N 410 
TYR OXT  O N N 411 
TYR H    H N N 412 
TYR H2   H N N 413 
TYR HA   H N N 414 
TYR HB2  H N N 415 
TYR HB3  H N N 416 
TYR HD1  H N N 417 
TYR HD2  H N N 418 
TYR HE1  H N N 419 
TYR HE2  H N N 420 
TYR HH   H N N 421 
TYR HXT  H N N 422 
VAL N    N N N 423 
VAL CA   C N S 424 
VAL C    C N N 425 
VAL O    O N N 426 
VAL CB   C N N 427 
VAL CG1  C N N 428 
VAL CG2  C N N 429 
VAL OXT  O N N 430 
VAL H    H N N 431 
VAL H2   H N N 432 
VAL HA   H N N 433 
VAL HB   H N N 434 
VAL HG11 H N N 435 
VAL HG12 H N N 436 
VAL HG13 H N N 437 
VAL HG21 H N N 438 
VAL HG22 H N N 439 
VAL HG23 H N N 440 
VAL HXT  H N N 441 
# 
loop_
_chem_comp_bond.comp_id 
_chem_comp_bond.atom_id_1 
_chem_comp_bond.atom_id_2 
_chem_comp_bond.value_order 
_chem_comp_bond.pdbx_aromatic_flag 
_chem_comp_bond.pdbx_stereo_config 
_chem_comp_bond.pdbx_ordinal 
8C3 C10 S1   sing Y N 1   
8C3 C10 C8   doub Y N 2   
8C3 S1  C6   sing Y N 3   
8C3 C8  C5   sing Y N 4   
8C3 C6  C5   doub Y N 5   
8C3 C6  C4   sing Y N 6   
8C3 C5  N1   sing Y N 7   
8C3 C4  C1   doub Y N 8   
8C3 N1  C1   sing Y N 9   
8C3 N1  C3   sing N N 10  
8C3 C1  C2   sing N N 11  
8C3 C11 C3   sing N N 12  
8C3 C3  N3   doub N N 13  
8C3 C2  O1   doub N N 14  
8C3 C2  N2   sing N N 15  
8C3 N3  N2   sing N N 16  
8C3 N2  C7   sing N N 17  
8C3 C7  C9   sing N N 18  
8C3 O2  C9   doub N N 19  
8C3 C9  N4   sing N N 20  
8C3 N4  C13  sing N N 21  
8C3 C13 C12  sing N N 22  
8C3 C12 C14  sing N N 23  
8C3 C14 N5   sing N N 24  
8C3 N5  C15  sing N N 25  
8C3 N5  C16  sing N N 26  
8C3 C17 C15  sing N N 27  
8C3 C18 C16  sing N N 28  
8C3 C11 H1   sing N N 29  
8C3 C11 H2   sing N N 30  
8C3 C11 H3   sing N N 31  
8C3 C12 H4   sing N N 32  
8C3 C12 H5   sing N N 33  
8C3 C13 H6   sing N N 34  
8C3 C13 H7   sing N N 35  
8C3 C14 H8   sing N N 36  
8C3 C14 H9   sing N N 37  
8C3 C15 H10  sing N N 38  
8C3 C15 H11  sing N N 39  
8C3 C16 H12  sing N N 40  
8C3 C16 H13  sing N N 41  
8C3 C17 H14  sing N N 42  
8C3 C17 H15  sing N N 43  
8C3 C17 H16  sing N N 44  
8C3 C18 H17  sing N N 45  
8C3 C18 H18  sing N N 46  
8C3 C18 H19  sing N N 47  
8C3 C4  H20  sing N N 48  
8C3 C7  H21  sing N N 49  
8C3 C7  H22  sing N N 50  
8C3 C8  H23  sing N N 51  
8C3 C10 H24  sing N N 52  
8C3 N4  H25  sing N N 53  
ALA N   CA   sing N N 54  
ALA N   H    sing N N 55  
ALA N   H2   sing N N 56  
ALA CA  C    sing N N 57  
ALA CA  CB   sing N N 58  
ALA CA  HA   sing N N 59  
ALA C   O    doub N N 60  
ALA C   OXT  sing N N 61  
ALA CB  HB1  sing N N 62  
ALA CB  HB2  sing N N 63  
ALA CB  HB3  sing N N 64  
ALA OXT HXT  sing N N 65  
ARG N   CA   sing N N 66  
ARG N   H    sing N N 67  
ARG N   H2   sing N N 68  
ARG CA  C    sing N N 69  
ARG CA  CB   sing N N 70  
ARG CA  HA   sing N N 71  
ARG C   O    doub N N 72  
ARG C   OXT  sing N N 73  
ARG CB  CG   sing N N 74  
ARG CB  HB2  sing N N 75  
ARG CB  HB3  sing N N 76  
ARG CG  CD   sing N N 77  
ARG CG  HG2  sing N N 78  
ARG CG  HG3  sing N N 79  
ARG CD  NE   sing N N 80  
ARG CD  HD2  sing N N 81  
ARG CD  HD3  sing N N 82  
ARG NE  CZ   sing N N 83  
ARG NE  HE   sing N N 84  
ARG CZ  NH1  sing N N 85  
ARG CZ  NH2  doub N N 86  
ARG NH1 HH11 sing N N 87  
ARG NH1 HH12 sing N N 88  
ARG NH2 HH21 sing N N 89  
ARG NH2 HH22 sing N N 90  
ARG OXT HXT  sing N N 91  
ASN N   CA   sing N N 92  
ASN N   H    sing N N 93  
ASN N   H2   sing N N 94  
ASN CA  C    sing N N 95  
ASN CA  CB   sing N N 96  
ASN CA  HA   sing N N 97  
ASN C   O    doub N N 98  
ASN C   OXT  sing N N 99  
ASN CB  CG   sing N N 100 
ASN CB  HB2  sing N N 101 
ASN CB  HB3  sing N N 102 
ASN CG  OD1  doub N N 103 
ASN CG  ND2  sing N N 104 
ASN ND2 HD21 sing N N 105 
ASN ND2 HD22 sing N N 106 
ASN OXT HXT  sing N N 107 
ASP N   CA   sing N N 108 
ASP N   H    sing N N 109 
ASP N   H2   sing N N 110 
ASP CA  C    sing N N 111 
ASP CA  CB   sing N N 112 
ASP CA  HA   sing N N 113 
ASP C   O    doub N N 114 
ASP C   OXT  sing N N 115 
ASP CB  CG   sing N N 116 
ASP CB  HB2  sing N N 117 
ASP CB  HB3  sing N N 118 
ASP CG  OD1  doub N N 119 
ASP CG  OD2  sing N N 120 
ASP OD2 HD2  sing N N 121 
ASP OXT HXT  sing N N 122 
CYS N   CA   sing N N 123 
CYS N   H    sing N N 124 
CYS N   H2   sing N N 125 
CYS CA  C    sing N N 126 
CYS CA  CB   sing N N 127 
CYS CA  HA   sing N N 128 
CYS C   O    doub N N 129 
CYS C   OXT  sing N N 130 
CYS CB  SG   sing N N 131 
CYS CB  HB2  sing N N 132 
CYS CB  HB3  sing N N 133 
CYS SG  HG   sing N N 134 
CYS OXT HXT  sing N N 135 
GLN N   CA   sing N N 136 
GLN N   H    sing N N 137 
GLN N   H2   sing N N 138 
GLN CA  C    sing N N 139 
GLN CA  CB   sing N N 140 
GLN CA  HA   sing N N 141 
GLN C   O    doub N N 142 
GLN C   OXT  sing N N 143 
GLN CB  CG   sing N N 144 
GLN CB  HB2  sing N N 145 
GLN CB  HB3  sing N N 146 
GLN CG  CD   sing N N 147 
GLN CG  HG2  sing N N 148 
GLN CG  HG3  sing N N 149 
GLN CD  OE1  doub N N 150 
GLN CD  NE2  sing N N 151 
GLN NE2 HE21 sing N N 152 
GLN NE2 HE22 sing N N 153 
GLN OXT HXT  sing N N 154 
GLU N   CA   sing N N 155 
GLU N   H    sing N N 156 
GLU N   H2   sing N N 157 
GLU CA  C    sing N N 158 
GLU CA  CB   sing N N 159 
GLU CA  HA   sing N N 160 
GLU C   O    doub N N 161 
GLU C   OXT  sing N N 162 
GLU CB  CG   sing N N 163 
GLU CB  HB2  sing N N 164 
GLU CB  HB3  sing N N 165 
GLU CG  CD   sing N N 166 
GLU CG  HG2  sing N N 167 
GLU CG  HG3  sing N N 168 
GLU CD  OE1  doub N N 169 
GLU CD  OE2  sing N N 170 
GLU OE2 HE2  sing N N 171 
GLU OXT HXT  sing N N 172 
GLY N   CA   sing N N 173 
GLY N   H    sing N N 174 
GLY N   H2   sing N N 175 
GLY CA  C    sing N N 176 
GLY CA  HA2  sing N N 177 
GLY CA  HA3  sing N N 178 
GLY C   O    doub N N 179 
GLY C   OXT  sing N N 180 
GLY OXT HXT  sing N N 181 
HIS N   CA   sing N N 182 
HIS N   H    sing N N 183 
HIS N   H2   sing N N 184 
HIS CA  C    sing N N 185 
HIS CA  CB   sing N N 186 
HIS CA  HA   sing N N 187 
HIS C   O    doub N N 188 
HIS C   OXT  sing N N 189 
HIS CB  CG   sing N N 190 
HIS CB  HB2  sing N N 191 
HIS CB  HB3  sing N N 192 
HIS CG  ND1  sing Y N 193 
HIS CG  CD2  doub Y N 194 
HIS ND1 CE1  doub Y N 195 
HIS ND1 HD1  sing N N 196 
HIS CD2 NE2  sing Y N 197 
HIS CD2 HD2  sing N N 198 
HIS CE1 NE2  sing Y N 199 
HIS CE1 HE1  sing N N 200 
HIS NE2 HE2  sing N N 201 
HIS OXT HXT  sing N N 202 
HOH O   H1   sing N N 203 
HOH O   H2   sing N N 204 
ILE N   CA   sing N N 205 
ILE N   H    sing N N 206 
ILE N   H2   sing N N 207 
ILE CA  C    sing N N 208 
ILE CA  CB   sing N N 209 
ILE CA  HA   sing N N 210 
ILE C   O    doub N N 211 
ILE C   OXT  sing N N 212 
ILE CB  CG1  sing N N 213 
ILE CB  CG2  sing N N 214 
ILE CB  HB   sing N N 215 
ILE CG1 CD1  sing N N 216 
ILE CG1 HG12 sing N N 217 
ILE CG1 HG13 sing N N 218 
ILE CG2 HG21 sing N N 219 
ILE CG2 HG22 sing N N 220 
ILE CG2 HG23 sing N N 221 
ILE CD1 HD11 sing N N 222 
ILE CD1 HD12 sing N N 223 
ILE CD1 HD13 sing N N 224 
ILE OXT HXT  sing N N 225 
LEU N   CA   sing N N 226 
LEU N   H    sing N N 227 
LEU N   H2   sing N N 228 
LEU CA  C    sing N N 229 
LEU CA  CB   sing N N 230 
LEU CA  HA   sing N N 231 
LEU C   O    doub N N 232 
LEU C   OXT  sing N N 233 
LEU CB  CG   sing N N 234 
LEU CB  HB2  sing N N 235 
LEU CB  HB3  sing N N 236 
LEU CG  CD1  sing N N 237 
LEU CG  CD2  sing N N 238 
LEU CG  HG   sing N N 239 
LEU CD1 HD11 sing N N 240 
LEU CD1 HD12 sing N N 241 
LEU CD1 HD13 sing N N 242 
LEU CD2 HD21 sing N N 243 
LEU CD2 HD22 sing N N 244 
LEU CD2 HD23 sing N N 245 
LEU OXT HXT  sing N N 246 
LYS N   CA   sing N N 247 
LYS N   H    sing N N 248 
LYS N   H2   sing N N 249 
LYS CA  C    sing N N 250 
LYS CA  CB   sing N N 251 
LYS CA  HA   sing N N 252 
LYS C   O    doub N N 253 
LYS C   OXT  sing N N 254 
LYS CB  CG   sing N N 255 
LYS CB  HB2  sing N N 256 
LYS CB  HB3  sing N N 257 
LYS CG  CD   sing N N 258 
LYS CG  HG2  sing N N 259 
LYS CG  HG3  sing N N 260 
LYS CD  CE   sing N N 261 
LYS CD  HD2  sing N N 262 
LYS CD  HD3  sing N N 263 
LYS CE  NZ   sing N N 264 
LYS CE  HE2  sing N N 265 
LYS CE  HE3  sing N N 266 
LYS NZ  HZ1  sing N N 267 
LYS NZ  HZ2  sing N N 268 
LYS NZ  HZ3  sing N N 269 
LYS OXT HXT  sing N N 270 
MET N   CA   sing N N 271 
MET N   H    sing N N 272 
MET N   H2   sing N N 273 
MET CA  C    sing N N 274 
MET CA  CB   sing N N 275 
MET CA  HA   sing N N 276 
MET C   O    doub N N 277 
MET C   OXT  sing N N 278 
MET CB  CG   sing N N 279 
MET CB  HB2  sing N N 280 
MET CB  HB3  sing N N 281 
MET CG  SD   sing N N 282 
MET CG  HG2  sing N N 283 
MET CG  HG3  sing N N 284 
MET SD  CE   sing N N 285 
MET CE  HE1  sing N N 286 
MET CE  HE2  sing N N 287 
MET CE  HE3  sing N N 288 
MET OXT HXT  sing N N 289 
PHE N   CA   sing N N 290 
PHE N   H    sing N N 291 
PHE N   H2   sing N N 292 
PHE CA  C    sing N N 293 
PHE CA  CB   sing N N 294 
PHE CA  HA   sing N N 295 
PHE C   O    doub N N 296 
PHE C   OXT  sing N N 297 
PHE CB  CG   sing N N 298 
PHE CB  HB2  sing N N 299 
PHE CB  HB3  sing N N 300 
PHE CG  CD1  doub Y N 301 
PHE CG  CD2  sing Y N 302 
PHE CD1 CE1  sing Y N 303 
PHE CD1 HD1  sing N N 304 
PHE CD2 CE2  doub Y N 305 
PHE CD2 HD2  sing N N 306 
PHE CE1 CZ   doub Y N 307 
PHE CE1 HE1  sing N N 308 
PHE CE2 CZ   sing Y N 309 
PHE CE2 HE2  sing N N 310 
PHE CZ  HZ   sing N N 311 
PHE OXT HXT  sing N N 312 
PRO N   CA   sing N N 313 
PRO N   CD   sing N N 314 
PRO N   H    sing N N 315 
PRO CA  C    sing N N 316 
PRO CA  CB   sing N N 317 
PRO CA  HA   sing N N 318 
PRO C   O    doub N N 319 
PRO C   OXT  sing N N 320 
PRO CB  CG   sing N N 321 
PRO CB  HB2  sing N N 322 
PRO CB  HB3  sing N N 323 
PRO CG  CD   sing N N 324 
PRO CG  HG2  sing N N 325 
PRO CG  HG3  sing N N 326 
PRO CD  HD2  sing N N 327 
PRO CD  HD3  sing N N 328 
PRO OXT HXT  sing N N 329 
SER N   CA   sing N N 330 
SER N   H    sing N N 331 
SER N   H2   sing N N 332 
SER CA  C    sing N N 333 
SER CA  CB   sing N N 334 
SER CA  HA   sing N N 335 
SER C   O    doub N N 336 
SER C   OXT  sing N N 337 
SER CB  OG   sing N N 338 
SER CB  HB2  sing N N 339 
SER CB  HB3  sing N N 340 
SER OG  HG   sing N N 341 
SER OXT HXT  sing N N 342 
THR N   CA   sing N N 343 
THR N   H    sing N N 344 
THR N   H2   sing N N 345 
THR CA  C    sing N N 346 
THR CA  CB   sing N N 347 
THR CA  HA   sing N N 348 
THR C   O    doub N N 349 
THR C   OXT  sing N N 350 
THR CB  OG1  sing N N 351 
THR CB  CG2  sing N N 352 
THR CB  HB   sing N N 353 
THR OG1 HG1  sing N N 354 
THR CG2 HG21 sing N N 355 
THR CG2 HG22 sing N N 356 
THR CG2 HG23 sing N N 357 
THR OXT HXT  sing N N 358 
TRP N   CA   sing N N 359 
TRP N   H    sing N N 360 
TRP N   H2   sing N N 361 
TRP CA  C    sing N N 362 
TRP CA  CB   sing N N 363 
TRP CA  HA   sing N N 364 
TRP C   O    doub N N 365 
TRP C   OXT  sing N N 366 
TRP CB  CG   sing N N 367 
TRP CB  HB2  sing N N 368 
TRP CB  HB3  sing N N 369 
TRP CG  CD1  doub Y N 370 
TRP CG  CD2  sing Y N 371 
TRP CD1 NE1  sing Y N 372 
TRP CD1 HD1  sing N N 373 
TRP CD2 CE2  doub Y N 374 
TRP CD2 CE3  sing Y N 375 
TRP NE1 CE2  sing Y N 376 
TRP NE1 HE1  sing N N 377 
TRP CE2 CZ2  sing Y N 378 
TRP CE3 CZ3  doub Y N 379 
TRP CE3 HE3  sing N N 380 
TRP CZ2 CH2  doub Y N 381 
TRP CZ2 HZ2  sing N N 382 
TRP CZ3 CH2  sing Y N 383 
TRP CZ3 HZ3  sing N N 384 
TRP CH2 HH2  sing N N 385 
TRP OXT HXT  sing N N 386 
TYR N   CA   sing N N 387 
TYR N   H    sing N N 388 
TYR N   H2   sing N N 389 
TYR CA  C    sing N N 390 
TYR CA  CB   sing N N 391 
TYR CA  HA   sing N N 392 
TYR C   O    doub N N 393 
TYR C   OXT  sing N N 394 
TYR CB  CG   sing N N 395 
TYR CB  HB2  sing N N 396 
TYR CB  HB3  sing N N 397 
TYR CG  CD1  doub Y N 398 
TYR CG  CD2  sing Y N 399 
TYR CD1 CE1  sing Y N 400 
TYR CD1 HD1  sing N N 401 
TYR CD2 CE2  doub Y N 402 
TYR CD2 HD2  sing N N 403 
TYR CE1 CZ   doub Y N 404 
TYR CE1 HE1  sing N N 405 
TYR CE2 CZ   sing Y N 406 
TYR CE2 HE2  sing N N 407 
TYR CZ  OH   sing N N 408 
TYR OH  HH   sing N N 409 
TYR OXT HXT  sing N N 410 
VAL N   CA   sing N N 411 
VAL N   H    sing N N 412 
VAL N   H2   sing N N 413 
VAL CA  C    sing N N 414 
VAL CA  CB   sing N N 415 
VAL CA  HA   sing N N 416 
VAL C   O    doub N N 417 
VAL C   OXT  sing N N 418 
VAL CB  CG1  sing N N 419 
VAL CB  CG2  sing N N 420 
VAL CB  HB   sing N N 421 
VAL CG1 HG11 sing N N 422 
VAL CG1 HG12 sing N N 423 
VAL CG1 HG13 sing N N 424 
VAL CG2 HG21 sing N N 425 
VAL CG2 HG22 sing N N 426 
VAL CG2 HG23 sing N N 427 
VAL OXT HXT  sing N N 428 
# 
loop_
_pdbx_entity_nonpoly.entity_id 
_pdbx_entity_nonpoly.name 
_pdbx_entity_nonpoly.comp_id 
2 
;N-[3-(diethylamino)propyl]-2-(12-methyl-9-oxidanylidene-5-thia-1,10,11-triazatricyclo[6.4.0.0^2,6]dodeca-2(6),3,7,11-tetraen-10-yl)ethanamide
;
8C3 
3 water HOH 
# 
_pdbx_initial_refinement_model.id               1 
_pdbx_initial_refinement_model.entity_id_list   ? 
_pdbx_initial_refinement_model.type             'experimental model' 
_pdbx_initial_refinement_model.source_name      PDB 
_pdbx_initial_refinement_model.accession_code   3DB3 
_pdbx_initial_refinement_model.details          ? 
# 
_pdbx_struct_assembly_auth_evidence.id                     1 
_pdbx_struct_assembly_auth_evidence.assembly_id            1 
_pdbx_struct_assembly_auth_evidence.experimental_support   none 
_pdbx_struct_assembly_auth_evidence.details                ? 
# 
